data_5KHT
# 
_entry.id   5KHT 
# 
_audit_conform.dict_name       mmcif_pdbx.dic 
_audit_conform.dict_version    5.389 
_audit_conform.dict_location   http://mmcif.pdb.org/dictionaries/ascii/mmcif_pdbx.dic 
# 
loop_
_database_2.database_id 
_database_2.database_code 
_database_2.pdbx_database_accession 
_database_2.pdbx_DOI 
PDB   5KHT         pdb_00005kht 10.2210/pdb5kht/pdb 
WWPDB D_1000222240 ?            ?                   
# 
loop_
_pdbx_audit_revision_history.ordinal 
_pdbx_audit_revision_history.data_content_type 
_pdbx_audit_revision_history.major_revision 
_pdbx_audit_revision_history.minor_revision 
_pdbx_audit_revision_history.revision_date 
1 'Structure model' 1 0 2017-06-21 
2 'Structure model' 1 1 2017-09-06 
3 'Structure model' 1 2 2019-01-02 
4 'Structure model' 1 3 2024-03-06 
5 'Structure model' 1 4 2024-04-03 
# 
_pdbx_audit_revision_details.ordinal             1 
_pdbx_audit_revision_details.revision_ordinal    1 
_pdbx_audit_revision_details.data_content_type   'Structure model' 
_pdbx_audit_revision_details.provider            repository 
_pdbx_audit_revision_details.type                'Initial release' 
_pdbx_audit_revision_details.description         ? 
_pdbx_audit_revision_details.details             ? 
# 
loop_
_pdbx_audit_revision_group.ordinal 
_pdbx_audit_revision_group.revision_ordinal 
_pdbx_audit_revision_group.data_content_type 
_pdbx_audit_revision_group.group 
1 2 'Structure model' 'Author supporting evidence' 
2 3 'Structure model' 'Data collection'            
3 3 'Structure model' 'Database references'        
4 4 'Structure model' 'Data collection'            
5 4 'Structure model' 'Database references'        
6 5 'Structure model' 'Refinement description'     
# 
loop_
_pdbx_audit_revision_category.ordinal 
_pdbx_audit_revision_category.revision_ordinal 
_pdbx_audit_revision_category.data_content_type 
_pdbx_audit_revision_category.category 
1 2 'Structure model' pdbx_audit_support            
2 3 'Structure model' citation                      
3 3 'Structure model' citation_author               
4 4 'Structure model' chem_comp_atom                
5 4 'Structure model' chem_comp_bond                
6 4 'Structure model' database_2                    
7 5 'Structure model' pdbx_initial_refinement_model 
# 
loop_
_pdbx_audit_revision_item.ordinal 
_pdbx_audit_revision_item.revision_ordinal 
_pdbx_audit_revision_item.data_content_type 
_pdbx_audit_revision_item.item 
1  3 'Structure model' '_citation.country'                   
2  3 'Structure model' '_citation.journal_abbrev'            
3  3 'Structure model' '_citation.journal_id_ASTM'           
4  3 'Structure model' '_citation.journal_id_CSD'            
5  3 'Structure model' '_citation.journal_id_ISSN'           
6  3 'Structure model' '_citation.journal_volume'            
7  3 'Structure model' '_citation.page_first'                
8  3 'Structure model' '_citation.page_last'                 
9  3 'Structure model' '_citation.pdbx_database_id_DOI'      
10 3 'Structure model' '_citation.pdbx_database_id_PubMed'   
11 3 'Structure model' '_citation.title'                     
12 3 'Structure model' '_citation.year'                      
13 4 'Structure model' '_database_2.pdbx_DOI'                
14 4 'Structure model' '_database_2.pdbx_database_accession' 
# 
_pdbx_database_status.status_code                     REL 
_pdbx_database_status.status_code_sf                  REL 
_pdbx_database_status.status_code_mr                  ? 
_pdbx_database_status.entry_id                        5KHT 
_pdbx_database_status.recvd_initial_deposition_date   2016-06-15 
_pdbx_database_status.SG_entry                        N 
_pdbx_database_status.deposit_site                    RCSB 
_pdbx_database_status.process_site                    RCSB 
_pdbx_database_status.status_code_cs                  ? 
_pdbx_database_status.methods_development_category    ? 
_pdbx_database_status.pdb_format_compatible           Y 
_pdbx_database_status.status_code_nmr_data            ? 
# 
loop_
_audit_author.name 
_audit_author.pdbx_ordinal 
'Kostyukova, A.S.' 1 
'Krieger, I.'      2 
'Yoon, Y.-H.'      3 
'Tolkatchev, D.'   4 
'Samatey, F.A.'    5 
# 
_citation.abstract                  ? 
_citation.abstract_id_CAS           ? 
_citation.book_id_ISBN              ? 
_citation.book_publisher            ? 
_citation.book_publisher_city       ? 
_citation.book_title                ? 
_citation.coordinate_linkage        ? 
_citation.country                   US 
_citation.database_id_Medline       ? 
_citation.details                   ? 
_citation.id                        primary 
_citation.journal_abbrev            'Protein Sci.' 
_citation.journal_id_ASTM           PRCIEI 
_citation.journal_id_CSD            0795 
_citation.journal_id_ISSN           1469-896X 
_citation.journal_full              ? 
_citation.journal_issue             ? 
_citation.journal_volume            27 
_citation.language                  ? 
_citation.page_first                498 
_citation.page_last                 508 
_citation.title                     'Structural destabilization of tropomyosin induced by the cardiomyopathy-linked mutation R21H.' 
_citation.year                      2018 
_citation.database_id_CSD           ? 
_citation.pdbx_database_id_DOI      10.1002/pro.3341 
_citation.pdbx_database_id_PubMed   29105867 
_citation.unpublished_flag          ? 
# 
loop_
_citation_author.citation_id 
_citation_author.name 
_citation_author.ordinal 
_citation_author.identifier_ORCID 
primary 'Ly, T.'           1 ? 
primary 'Krieger, I.'      2 ? 
primary 'Tolkatchev, D.'   3 ? 
primary 'Krone, C.'        4 ? 
primary 'Moural, T.'       5 ? 
primary 'Samatey, F.A.'    6 ? 
primary 'Kang, C.'         7 ? 
primary 'Kostyukova, A.S.' 8 ? 
# 
loop_
_entity.id 
_entity.type 
_entity.src_method 
_entity.pdbx_description 
_entity.formula_weight 
_entity.pdbx_number_of_molecules 
_entity.pdbx_ec 
_entity.pdbx_mutation 
_entity.pdbx_fragment 
_entity.details 
1 polymer     man 'Tropomyosin alpha-1 chain,General control protein GCN4' 5453.298 4   ? ? ? ? 
2 non-polymer syn 'DI(HYDROXYETHYL)ETHER'                                  106.120  4   ? ? ? ? 
3 water       nat water                                                    18.015   169 ? ? ? ? 
# 
_entity_name_com.entity_id   1 
_entity_name_com.name        'Alpha-tropomyosin,Tropomyosin-1,Amino acid biosynthesis regulatory protein' 
# 
_entity_poly.entity_id                      1 
_entity_poly.type                           'polypeptide(L)' 
_entity_poly.nstd_linkage                   no 
_entity_poly.nstd_monomer                   no 
_entity_poly.pdbx_seq_one_letter_code       GMDAIKKKMQMLKLDKENALDRAEQAEADNYHLENEVARLKKLVGER 
_entity_poly.pdbx_seq_one_letter_code_can   GMDAIKKKMQMLKLDKENALDRAEQAEADNYHLENEVARLKKLVGER 
_entity_poly.pdbx_strand_id                 A,B,C,D 
_entity_poly.pdbx_target_identifier         ? 
# 
loop_
_pdbx_entity_nonpoly.entity_id 
_pdbx_entity_nonpoly.name 
_pdbx_entity_nonpoly.comp_id 
2 'DI(HYDROXYETHYL)ETHER' PEG 
3 water                   HOH 
# 
loop_
_entity_poly_seq.entity_id 
_entity_poly_seq.num 
_entity_poly_seq.mon_id 
_entity_poly_seq.hetero 
1 1  GLY n 
1 2  MET n 
1 3  ASP n 
1 4  ALA n 
1 5  ILE n 
1 6  LYS n 
1 7  LYS n 
1 8  LYS n 
1 9  MET n 
1 10 GLN n 
1 11 MET n 
1 12 LEU n 
1 13 LYS n 
1 14 LEU n 
1 15 ASP n 
1 16 LYS n 
1 17 GLU n 
1 18 ASN n 
1 19 ALA n 
1 20 LEU n 
1 21 ASP n 
1 22 ARG n 
1 23 ALA n 
1 24 GLU n 
1 25 GLN n 
1 26 ALA n 
1 27 GLU n 
1 28 ALA n 
1 29 ASP n 
1 30 ASN n 
1 31 TYR n 
1 32 HIS n 
1 33 LEU n 
1 34 GLU n 
1 35 ASN n 
1 36 GLU n 
1 37 VAL n 
1 38 ALA n 
1 39 ARG n 
1 40 LEU n 
1 41 LYS n 
1 42 LYS n 
1 43 LEU n 
1 44 VAL n 
1 45 GLY n 
1 46 GLU n 
1 47 ARG n 
# 
loop_
_entity_src_gen.entity_id 
_entity_src_gen.pdbx_src_id 
_entity_src_gen.pdbx_alt_source_flag 
_entity_src_gen.pdbx_seq_type 
_entity_src_gen.pdbx_beg_seq_num 
_entity_src_gen.pdbx_end_seq_num 
_entity_src_gen.gene_src_common_name 
_entity_src_gen.gene_src_genus 
_entity_src_gen.pdbx_gene_src_gene 
_entity_src_gen.gene_src_species 
_entity_src_gen.gene_src_strain 
_entity_src_gen.gene_src_tissue 
_entity_src_gen.gene_src_tissue_fraction 
_entity_src_gen.gene_src_details 
_entity_src_gen.pdbx_gene_src_fragment 
_entity_src_gen.pdbx_gene_src_scientific_name 
_entity_src_gen.pdbx_gene_src_ncbi_taxonomy_id 
_entity_src_gen.pdbx_gene_src_variant 
_entity_src_gen.pdbx_gene_src_cell_line 
_entity_src_gen.pdbx_gene_src_atcc 
_entity_src_gen.pdbx_gene_src_organ 
_entity_src_gen.pdbx_gene_src_organelle 
_entity_src_gen.pdbx_gene_src_cell 
_entity_src_gen.pdbx_gene_src_cellular_location 
_entity_src_gen.host_org_common_name 
_entity_src_gen.pdbx_host_org_scientific_name 
_entity_src_gen.pdbx_host_org_ncbi_taxonomy_id 
_entity_src_gen.host_org_genus 
_entity_src_gen.pdbx_host_org_gene 
_entity_src_gen.pdbx_host_org_organ 
_entity_src_gen.host_org_species 
_entity_src_gen.pdbx_host_org_tissue 
_entity_src_gen.pdbx_host_org_tissue_fraction 
_entity_src_gen.pdbx_host_org_strain 
_entity_src_gen.pdbx_host_org_variant 
_entity_src_gen.pdbx_host_org_cell_line 
_entity_src_gen.pdbx_host_org_atcc 
_entity_src_gen.pdbx_host_org_culture_collection 
_entity_src_gen.pdbx_host_org_cell 
_entity_src_gen.pdbx_host_org_organelle 
_entity_src_gen.pdbx_host_org_cellular_location 
_entity_src_gen.pdbx_host_org_vector_type 
_entity_src_gen.pdbx_host_org_vector 
_entity_src_gen.host_org_details 
_entity_src_gen.expression_system_id 
_entity_src_gen.plasmid_name 
_entity_src_gen.plasmid_details 
_entity_src_gen.pdbx_description 
1 1 sample 'Biological sequence' 1  29 Human           ? 'TPM1, C15orf13, TMSA'      ? ?                     ? ? ? ? 
'Homo sapiens'             9606   ? ? ? ? ? ? ? ? 'Escherichia coli' 562 ? ? ? ? ? ? ? ? ? ? ? ? ? ? ? ? ? ? ? ? ? 
1 2 sample 'Biological sequence' 30 47 
;Baker's yeast
;
? 'GCN4, AAS3, ARG9, YEL009C' ? 'ATCC 204508 / S288c' ? ? ? ? 'Saccharomyces cerevisiae' 559292 ? ? ? ? ? ? ? ? 'Escherichia coli' 
562 ? ? ? ? ? ? ? ? ? ? ? ? ? ? ? ? ? ? ? ? ? 
# 
loop_
_chem_comp.id 
_chem_comp.type 
_chem_comp.mon_nstd_flag 
_chem_comp.name 
_chem_comp.pdbx_synonyms 
_chem_comp.formula 
_chem_comp.formula_weight 
ALA 'L-peptide linking' y ALANINE                 ? 'C3 H7 N O2'     89.093  
ARG 'L-peptide linking' y ARGININE                ? 'C6 H15 N4 O2 1' 175.209 
ASN 'L-peptide linking' y ASPARAGINE              ? 'C4 H8 N2 O3'    132.118 
ASP 'L-peptide linking' y 'ASPARTIC ACID'         ? 'C4 H7 N O4'     133.103 
GLN 'L-peptide linking' y GLUTAMINE               ? 'C5 H10 N2 O3'   146.144 
GLU 'L-peptide linking' y 'GLUTAMIC ACID'         ? 'C5 H9 N O4'     147.129 
GLY 'peptide linking'   y GLYCINE                 ? 'C2 H5 N O2'     75.067  
HIS 'L-peptide linking' y HISTIDINE               ? 'C6 H10 N3 O2 1' 156.162 
HOH non-polymer         . WATER                   ? 'H2 O'           18.015  
ILE 'L-peptide linking' y ISOLEUCINE              ? 'C6 H13 N O2'    131.173 
LEU 'L-peptide linking' y LEUCINE                 ? 'C6 H13 N O2'    131.173 
LYS 'L-peptide linking' y LYSINE                  ? 'C6 H15 N2 O2 1' 147.195 
MET 'L-peptide linking' y METHIONINE              ? 'C5 H11 N O2 S'  149.211 
PEG non-polymer         . 'DI(HYDROXYETHYL)ETHER' ? 'C4 H10 O3'      106.120 
TYR 'L-peptide linking' y TYROSINE                ? 'C9 H11 N O3'    181.189 
VAL 'L-peptide linking' y VALINE                  ? 'C5 H11 N O2'    117.146 
# 
loop_
_pdbx_poly_seq_scheme.asym_id 
_pdbx_poly_seq_scheme.entity_id 
_pdbx_poly_seq_scheme.seq_id 
_pdbx_poly_seq_scheme.mon_id 
_pdbx_poly_seq_scheme.ndb_seq_num 
_pdbx_poly_seq_scheme.pdb_seq_num 
_pdbx_poly_seq_scheme.auth_seq_num 
_pdbx_poly_seq_scheme.pdb_mon_id 
_pdbx_poly_seq_scheme.auth_mon_id 
_pdbx_poly_seq_scheme.pdb_strand_id 
_pdbx_poly_seq_scheme.pdb_ins_code 
_pdbx_poly_seq_scheme.hetero 
A 1 1  GLY 1  -1 2  GLY GLY A . n 
A 1 2  MET 2  1  3  MET MET A . n 
A 1 3  ASP 3  2  4  ASP ASP A . n 
A 1 4  ALA 4  3  5  ALA ALA A . n 
A 1 5  ILE 5  4  6  ILE ILE A . n 
A 1 6  LYS 6  5  7  LYS LYS A . n 
A 1 7  LYS 7  6  8  LYS LYS A . n 
A 1 8  LYS 8  7  9  LYS LYS A . n 
A 1 9  MET 9  8  10 MET MET A . n 
A 1 10 GLN 10 9  11 GLN GLN A . n 
A 1 11 MET 11 10 12 MET MET A . n 
A 1 12 LEU 12 11 13 LEU LEU A . n 
A 1 13 LYS 13 12 14 LYS LYS A . n 
A 1 14 LEU 14 13 15 LEU LEU A . n 
A 1 15 ASP 15 14 16 ASP ASP A . n 
A 1 16 LYS 16 15 17 LYS LYS A . n 
A 1 17 GLU 17 16 18 GLU GLU A . n 
A 1 18 ASN 18 17 19 ASN ASN A . n 
A 1 19 ALA 19 18 20 ALA ALA A . n 
A 1 20 LEU 20 19 21 LEU LEU A . n 
A 1 21 ASP 21 20 22 ASP ASP A . n 
A 1 22 ARG 22 21 23 ARG ARG A . n 
A 1 23 ALA 23 22 24 ALA ALA A . n 
A 1 24 GLU 24 23 25 GLU GLU A . n 
A 1 25 GLN 25 24 26 GLN GLN A . n 
A 1 26 ALA 26 25 27 ALA ALA A . n 
A 1 27 GLU 27 26 28 GLU GLU A . n 
A 1 28 ALA 28 27 29 ALA ALA A . n 
A 1 29 ASP 29 28 30 ASP ASP A . n 
A 1 30 ASN 30 29 31 ASN ASN A . n 
A 1 31 TYR 31 30 32 TYR TYR A . n 
A 1 32 HIS 32 31 33 HIS HIS A . n 
A 1 33 LEU 33 32 34 LEU LEU A . n 
A 1 34 GLU 34 33 35 GLU GLU A . n 
A 1 35 ASN 35 34 36 ASN ASN A . n 
A 1 36 GLU 36 35 37 GLU GLU A . n 
A 1 37 VAL 37 36 38 VAL VAL A . n 
A 1 38 ALA 38 37 39 ALA ALA A . n 
A 1 39 ARG 39 38 40 ARG ARG A . n 
A 1 40 LEU 40 39 41 LEU LEU A . n 
A 1 41 LYS 41 40 42 LYS LYS A . n 
A 1 42 LYS 42 41 43 LYS LYS A . n 
A 1 43 LEU 43 42 44 LEU LEU A . n 
A 1 44 VAL 44 43 45 VAL VAL A . n 
A 1 45 GLY 45 44 46 GLY GLY A . n 
A 1 46 GLU 46 45 47 GLU GLU A . n 
A 1 47 ARG 47 46 48 ARG ARG A . n 
B 1 1  GLY 1  -1 2  GLY GLY B . n 
B 1 2  MET 2  1  3  MET MET B . n 
B 1 3  ASP 3  2  4  ASP ASP B . n 
B 1 4  ALA 4  3  5  ALA ALA B . n 
B 1 5  ILE 5  4  6  ILE ILE B . n 
B 1 6  LYS 6  5  7  LYS LYS B . n 
B 1 7  LYS 7  6  8  LYS LYS B . n 
B 1 8  LYS 8  7  9  LYS LYS B . n 
B 1 9  MET 9  8  10 MET MET B . n 
B 1 10 GLN 10 9  11 GLN GLN B . n 
B 1 11 MET 11 10 12 MET MET B . n 
B 1 12 LEU 12 11 13 LEU LEU B . n 
B 1 13 LYS 13 12 14 LYS LYS B . n 
B 1 14 LEU 14 13 15 LEU LEU B . n 
B 1 15 ASP 15 14 16 ASP ASP B . n 
B 1 16 LYS 16 15 17 LYS LYS B . n 
B 1 17 GLU 17 16 18 GLU GLU B . n 
B 1 18 ASN 18 17 19 ASN ASN B . n 
B 1 19 ALA 19 18 20 ALA ALA B . n 
B 1 20 LEU 20 19 21 LEU LEU B . n 
B 1 21 ASP 21 20 22 ASP ASP B . n 
B 1 22 ARG 22 21 23 ARG ARG B . n 
B 1 23 ALA 23 22 24 ALA ALA B . n 
B 1 24 GLU 24 23 25 GLU GLU B . n 
B 1 25 GLN 25 24 26 GLN GLN B . n 
B 1 26 ALA 26 25 27 ALA ALA B . n 
B 1 27 GLU 27 26 28 GLU GLU B . n 
B 1 28 ALA 28 27 29 ALA ALA B . n 
B 1 29 ASP 29 28 30 ASP ASP B . n 
B 1 30 ASN 30 29 31 ASN ASN B . n 
B 1 31 TYR 31 30 32 TYR TYR B . n 
B 1 32 HIS 32 31 33 HIS HIS B . n 
B 1 33 LEU 33 32 34 LEU LEU B . n 
B 1 34 GLU 34 33 35 GLU GLU B . n 
B 1 35 ASN 35 34 36 ASN ASN B . n 
B 1 36 GLU 36 35 37 GLU GLU B . n 
B 1 37 VAL 37 36 38 VAL VAL B . n 
B 1 38 ALA 38 37 39 ALA ALA B . n 
B 1 39 ARG 39 38 40 ARG ARG B . n 
B 1 40 LEU 40 39 41 LEU LEU B . n 
B 1 41 LYS 41 40 42 LYS LYS B . n 
B 1 42 LYS 42 41 43 LYS LYS B . n 
B 1 43 LEU 43 42 44 LEU LEU B . n 
B 1 44 VAL 44 43 45 VAL VAL B . n 
B 1 45 GLY 45 44 46 GLY GLY B . n 
B 1 46 GLU 46 45 47 GLU GLU B . n 
B 1 47 ARG 47 46 48 ARG ARG B . n 
C 1 1  GLY 1  -1 2  GLY GLY C . n 
C 1 2  MET 2  1  3  MET MET C . n 
C 1 3  ASP 3  2  4  ASP ASP C . n 
C 1 4  ALA 4  3  5  ALA ALA C . n 
C 1 5  ILE 5  4  6  ILE ILE C . n 
C 1 6  LYS 6  5  7  LYS LYS C . n 
C 1 7  LYS 7  6  8  LYS LYS C . n 
C 1 8  LYS 8  7  9  LYS LYS C . n 
C 1 9  MET 9  8  10 MET MET C . n 
C 1 10 GLN 10 9  11 GLN GLN C . n 
C 1 11 MET 11 10 12 MET MET C . n 
C 1 12 LEU 12 11 13 LEU LEU C . n 
C 1 13 LYS 13 12 14 LYS LYS C . n 
C 1 14 LEU 14 13 15 LEU LEU C . n 
C 1 15 ASP 15 14 16 ASP ASP C . n 
C 1 16 LYS 16 15 17 LYS LYS C . n 
C 1 17 GLU 17 16 18 GLU GLU C . n 
C 1 18 ASN 18 17 19 ASN ASN C . n 
C 1 19 ALA 19 18 20 ALA ALA C . n 
C 1 20 LEU 20 19 21 LEU LEU C . n 
C 1 21 ASP 21 20 22 ASP ASP C . n 
C 1 22 ARG 22 21 23 ARG ARG C . n 
C 1 23 ALA 23 22 24 ALA ALA C . n 
C 1 24 GLU 24 23 25 GLU GLU C . n 
C 1 25 GLN 25 24 26 GLN GLN C . n 
C 1 26 ALA 26 25 27 ALA ALA C . n 
C 1 27 GLU 27 26 28 GLU GLU C . n 
C 1 28 ALA 28 27 29 ALA ALA C . n 
C 1 29 ASP 29 28 30 ASP ASP C . n 
C 1 30 ASN 30 29 31 ASN ASN C . n 
C 1 31 TYR 31 30 32 TYR TYR C . n 
C 1 32 HIS 32 31 33 HIS HIS C . n 
C 1 33 LEU 33 32 34 LEU LEU C . n 
C 1 34 GLU 34 33 35 GLU GLU C . n 
C 1 35 ASN 35 34 36 ASN ASN C . n 
C 1 36 GLU 36 35 37 GLU GLU C . n 
C 1 37 VAL 37 36 38 VAL VAL C . n 
C 1 38 ALA 38 37 39 ALA ALA C . n 
C 1 39 ARG 39 38 40 ARG ARG C . n 
C 1 40 LEU 40 39 41 LEU LEU C . n 
C 1 41 LYS 41 40 42 LYS LYS C . n 
C 1 42 LYS 42 41 43 LYS LYS C . n 
C 1 43 LEU 43 42 44 LEU LEU C . n 
C 1 44 VAL 44 43 45 VAL VAL C . n 
C 1 45 GLY 45 44 46 GLY GLY C . n 
C 1 46 GLU 46 45 47 GLU GLU C . n 
C 1 47 ARG 47 46 48 ARG ARG C . n 
D 1 1  GLY 1  -1 2  GLY GLY D . n 
D 1 2  MET 2  1  3  MET MET D . n 
D 1 3  ASP 3  2  4  ASP ASP D . n 
D 1 4  ALA 4  3  5  ALA ALA D . n 
D 1 5  ILE 5  4  6  ILE ILE D . n 
D 1 6  LYS 6  5  7  LYS LYS D . n 
D 1 7  LYS 7  6  8  LYS LYS D . n 
D 1 8  LYS 8  7  9  LYS LYS D . n 
D 1 9  MET 9  8  10 MET MET D . n 
D 1 10 GLN 10 9  11 GLN GLN D . n 
D 1 11 MET 11 10 12 MET MET D . n 
D 1 12 LEU 12 11 13 LEU LEU D . n 
D 1 13 LYS 13 12 14 LYS LYS D . n 
D 1 14 LEU 14 13 15 LEU LEU D . n 
D 1 15 ASP 15 14 16 ASP ASP D . n 
D 1 16 LYS 16 15 17 LYS LYS D . n 
D 1 17 GLU 17 16 18 GLU GLU D . n 
D 1 18 ASN 18 17 19 ASN ASN D . n 
D 1 19 ALA 19 18 20 ALA ALA D . n 
D 1 20 LEU 20 19 21 LEU LEU D . n 
D 1 21 ASP 21 20 22 ASP ASP D . n 
D 1 22 ARG 22 21 23 ARG ARG D . n 
D 1 23 ALA 23 22 24 ALA ALA D . n 
D 1 24 GLU 24 23 25 GLU GLU D . n 
D 1 25 GLN 25 24 26 GLN GLN D . n 
D 1 26 ALA 26 25 27 ALA ALA D . n 
D 1 27 GLU 27 26 28 GLU GLU D . n 
D 1 28 ALA 28 27 29 ALA ALA D . n 
D 1 29 ASP 29 28 30 ASP ASP D . n 
D 1 30 ASN 30 29 31 ASN ASN D . n 
D 1 31 TYR 31 30 32 TYR TYR D . n 
D 1 32 HIS 32 31 33 HIS HIS D . n 
D 1 33 LEU 33 32 34 LEU LEU D . n 
D 1 34 GLU 34 33 35 GLU GLU D . n 
D 1 35 ASN 35 34 36 ASN ASN D . n 
D 1 36 GLU 36 35 37 GLU GLU D . n 
D 1 37 VAL 37 36 38 VAL VAL D . n 
D 1 38 ALA 38 37 39 ALA ALA D . n 
D 1 39 ARG 39 38 40 ARG ARG D . n 
D 1 40 LEU 40 39 41 LEU LEU D . n 
D 1 41 LYS 41 40 42 LYS LYS D . n 
D 1 42 LYS 42 41 43 LYS LYS D . n 
D 1 43 LEU 43 42 44 LEU LEU D . n 
D 1 44 VAL 44 43 45 VAL VAL D . n 
D 1 45 GLY 45 44 46 GLY GLY D . n 
D 1 46 GLU 46 45 47 GLU GLU D . n 
D 1 47 ARG 47 46 48 ARG ARG D . n 
# 
loop_
_pdbx_nonpoly_scheme.asym_id 
_pdbx_nonpoly_scheme.entity_id 
_pdbx_nonpoly_scheme.mon_id 
_pdbx_nonpoly_scheme.ndb_seq_num 
_pdbx_nonpoly_scheme.pdb_seq_num 
_pdbx_nonpoly_scheme.auth_seq_num 
_pdbx_nonpoly_scheme.pdb_mon_id 
_pdbx_nonpoly_scheme.auth_mon_id 
_pdbx_nonpoly_scheme.pdb_strand_id 
_pdbx_nonpoly_scheme.pdb_ins_code 
E 2 PEG 1  101 1   PEG LIG B . 
F 2 PEG 1  101 2   PEG LIG C . 
G 2 PEG 1  102 3   PEG LIG C . 
H 2 PEG 1  101 4   PEG LIG D . 
I 3 HOH 1  101 131 HOH HOH A . 
I 3 HOH 2  102 109 HOH HOH A . 
I 3 HOH 3  103 68  HOH HOH A . 
I 3 HOH 4  104 154 HOH HOH A . 
I 3 HOH 5  105 9   HOH HOH A . 
I 3 HOH 6  106 104 HOH HOH A . 
I 3 HOH 7  107 126 HOH HOH A . 
I 3 HOH 8  108 62  HOH HOH A . 
I 3 HOH 9  109 139 HOH HOH A . 
I 3 HOH 10 110 12  HOH HOH A . 
I 3 HOH 11 111 63  HOH HOH A . 
I 3 HOH 12 112 98  HOH HOH A . 
I 3 HOH 13 113 54  HOH HOH A . 
I 3 HOH 14 114 11  HOH HOH A . 
I 3 HOH 15 115 101 HOH HOH A . 
I 3 HOH 16 116 8   HOH HOH A . 
I 3 HOH 17 117 60  HOH HOH A . 
I 3 HOH 18 118 124 HOH HOH A . 
I 3 HOH 19 119 10  HOH HOH A . 
I 3 HOH 20 120 59  HOH HOH A . 
I 3 HOH 21 121 85  HOH HOH A . 
I 3 HOH 22 122 173 HOH HOH A . 
I 3 HOH 23 123 25  HOH HOH A . 
I 3 HOH 24 124 90  HOH HOH A . 
I 3 HOH 25 125 21  HOH HOH A . 
I 3 HOH 26 126 50  HOH HOH A . 
I 3 HOH 27 127 147 HOH HOH A . 
I 3 HOH 28 128 171 HOH HOH A . 
I 3 HOH 29 129 170 HOH HOH A . 
I 3 HOH 30 130 150 HOH HOH A . 
I 3 HOH 31 131 99  HOH HOH A . 
I 3 HOH 32 132 115 HOH HOH A . 
I 3 HOH 33 133 144 HOH HOH A . 
I 3 HOH 34 134 146 HOH HOH A . 
I 3 HOH 35 135 70  HOH HOH A . 
I 3 HOH 36 136 153 HOH HOH A . 
I 3 HOH 37 137 111 HOH HOH A . 
I 3 HOH 38 138 110 HOH HOH A . 
J 3 HOH 1  201 127 HOH HOH B . 
J 3 HOH 2  202 114 HOH HOH B . 
J 3 HOH 3  203 108 HOH HOH B . 
J 3 HOH 4  204 162 HOH HOH B . 
J 3 HOH 5  205 167 HOH HOH B . 
J 3 HOH 6  206 2   HOH HOH B . 
J 3 HOH 7  207 164 HOH HOH B . 
J 3 HOH 8  208 48  HOH HOH B . 
J 3 HOH 9  209 152 HOH HOH B . 
J 3 HOH 10 210 15  HOH HOH B . 
J 3 HOH 11 211 64  HOH HOH B . 
J 3 HOH 12 212 136 HOH HOH B . 
J 3 HOH 13 213 16  HOH HOH B . 
J 3 HOH 14 214 56  HOH HOH B . 
J 3 HOH 15 215 40  HOH HOH B . 
J 3 HOH 16 216 22  HOH HOH B . 
J 3 HOH 17 217 69  HOH HOH B . 
J 3 HOH 18 218 17  HOH HOH B . 
J 3 HOH 19 219 35  HOH HOH B . 
J 3 HOH 20 220 33  HOH HOH B . 
J 3 HOH 21 221 67  HOH HOH B . 
J 3 HOH 22 222 119 HOH HOH B . 
J 3 HOH 23 223 145 HOH HOH B . 
J 3 HOH 24 224 103 HOH HOH B . 
J 3 HOH 25 225 113 HOH HOH B . 
J 3 HOH 26 226 117 HOH HOH B . 
J 3 HOH 27 227 169 HOH HOH B . 
J 3 HOH 28 228 14  HOH HOH B . 
J 3 HOH 29 229 58  HOH HOH B . 
J 3 HOH 30 230 120 HOH HOH B . 
J 3 HOH 31 231 66  HOH HOH B . 
J 3 HOH 32 232 73  HOH HOH B . 
J 3 HOH 33 233 151 HOH HOH B . 
J 3 HOH 34 234 19  HOH HOH B . 
J 3 HOH 35 235 148 HOH HOH B . 
J 3 HOH 36 236 149 HOH HOH B . 
J 3 HOH 37 237 49  HOH HOH B . 
J 3 HOH 38 238 52  HOH HOH B . 
J 3 HOH 39 239 41  HOH HOH B . 
J 3 HOH 40 240 138 HOH HOH B . 
J 3 HOH 41 241 106 HOH HOH B . 
K 3 HOH 1  201 160 HOH HOH C . 
K 3 HOH 2  202 121 HOH HOH C . 
K 3 HOH 3  203 156 HOH HOH C . 
K 3 HOH 4  204 77  HOH HOH C . 
K 3 HOH 5  205 42  HOH HOH C . 
K 3 HOH 6  206 36  HOH HOH C . 
K 3 HOH 7  207 84  HOH HOH C . 
K 3 HOH 8  208 44  HOH HOH C . 
K 3 HOH 9  209 13  HOH HOH C . 
K 3 HOH 10 210 23  HOH HOH C . 
K 3 HOH 11 211 7   HOH HOH C . 
K 3 HOH 12 212 3   HOH HOH C . 
K 3 HOH 13 213 75  HOH HOH C . 
K 3 HOH 14 214 34  HOH HOH C . 
K 3 HOH 15 215 4   HOH HOH C . 
K 3 HOH 16 216 24  HOH HOH C . 
K 3 HOH 17 217 166 HOH HOH C . 
K 3 HOH 18 218 118 HOH HOH C . 
K 3 HOH 19 219 91  HOH HOH C . 
K 3 HOH 20 220 86  HOH HOH C . 
K 3 HOH 21 221 130 HOH HOH C . 
K 3 HOH 22 222 142 HOH HOH C . 
K 3 HOH 23 223 51  HOH HOH C . 
K 3 HOH 24 224 97  HOH HOH C . 
K 3 HOH 25 225 39  HOH HOH C . 
K 3 HOH 26 226 57  HOH HOH C . 
K 3 HOH 27 227 43  HOH HOH C . 
K 3 HOH 28 228 26  HOH HOH C . 
K 3 HOH 29 229 83  HOH HOH C . 
K 3 HOH 30 230 47  HOH HOH C . 
K 3 HOH 31 231 32  HOH HOH C . 
K 3 HOH 32 232 46  HOH HOH C . 
K 3 HOH 33 233 122 HOH HOH C . 
K 3 HOH 34 234 5   HOH HOH C . 
K 3 HOH 35 235 141 HOH HOH C . 
K 3 HOH 36 236 1   HOH HOH C . 
K 3 HOH 37 237 55  HOH HOH C . 
K 3 HOH 38 238 132 HOH HOH C . 
K 3 HOH 39 239 82  HOH HOH C . 
K 3 HOH 40 240 159 HOH HOH C . 
K 3 HOH 41 241 87  HOH HOH C . 
K 3 HOH 42 242 100 HOH HOH C . 
K 3 HOH 43 243 137 HOH HOH C . 
K 3 HOH 44 244 94  HOH HOH C . 
K 3 HOH 45 245 135 HOH HOH C . 
K 3 HOH 46 246 125 HOH HOH C . 
K 3 HOH 47 247 161 HOH HOH C . 
K 3 HOH 48 248 29  HOH HOH C . 
K 3 HOH 49 249 112 HOH HOH C . 
L 3 HOH 1  201 72  HOH HOH D . 
L 3 HOH 2  202 168 HOH HOH D . 
L 3 HOH 3  203 76  HOH HOH D . 
L 3 HOH 4  204 102 HOH HOH D . 
L 3 HOH 5  205 95  HOH HOH D . 
L 3 HOH 6  206 174 HOH HOH D . 
L 3 HOH 7  207 61  HOH HOH D . 
L 3 HOH 8  208 30  HOH HOH D . 
L 3 HOH 9  209 133 HOH HOH D . 
L 3 HOH 10 210 134 HOH HOH D . 
L 3 HOH 11 211 128 HOH HOH D . 
L 3 HOH 12 212 80  HOH HOH D . 
L 3 HOH 13 213 45  HOH HOH D . 
L 3 HOH 14 214 175 HOH HOH D . 
L 3 HOH 15 215 28  HOH HOH D . 
L 3 HOH 16 216 143 HOH HOH D . 
L 3 HOH 17 217 74  HOH HOH D . 
L 3 HOH 18 218 123 HOH HOH D . 
L 3 HOH 19 219 116 HOH HOH D . 
L 3 HOH 20 220 27  HOH HOH D . 
L 3 HOH 21 221 71  HOH HOH D . 
L 3 HOH 22 222 6   HOH HOH D . 
L 3 HOH 23 223 20  HOH HOH D . 
L 3 HOH 24 224 53  HOH HOH D . 
L 3 HOH 25 225 78  HOH HOH D . 
L 3 HOH 26 226 105 HOH HOH D . 
L 3 HOH 27 227 107 HOH HOH D . 
L 3 HOH 28 228 92  HOH HOH D . 
L 3 HOH 29 229 172 HOH HOH D . 
L 3 HOH 30 230 79  HOH HOH D . 
L 3 HOH 31 231 18  HOH HOH D . 
L 3 HOH 32 232 37  HOH HOH D . 
L 3 HOH 33 233 158 HOH HOH D . 
L 3 HOH 34 234 163 HOH HOH D . 
L 3 HOH 35 235 81  HOH HOH D . 
L 3 HOH 36 236 140 HOH HOH D . 
L 3 HOH 37 237 96  HOH HOH D . 
L 3 HOH 38 238 88  HOH HOH D . 
L 3 HOH 39 239 155 HOH HOH D . 
L 3 HOH 40 240 89  HOH HOH D . 
L 3 HOH 41 241 165 HOH HOH D . 
# 
loop_
_software.citation_id 
_software.classification 
_software.compiler_name 
_software.compiler_version 
_software.contact_author 
_software.contact_author_email 
_software.date 
_software.description 
_software.dependencies 
_software.hardware 
_software.language 
_software.location 
_software.mods 
_software.name 
_software.os 
_software.os_version 
_software.type 
_software.version 
_software.pdbx_ordinal 
? refinement       ? ? ? ? ? ? ? ? ? ? ? PHENIX ? ? ? 1.8.2_1309         1 
? 'data reduction' ? ? ? ? ? ? ? ? ? ? ? XDS    ? ? ? v.2015             2 
? 'data scaling'   ? ? ? ? ? ? ? ? ? ? ? XSCALE ? ? ? 'November 3, 2014' 3 
? phasing          ? ? ? ? ? ? ? ? ? ? ? PHASER ? ? ? v2.5.6             4 
# 
_cell.entry_id           5KHT 
_cell.length_a           35.970 
_cell.length_b           36.470 
_cell.length_c           36.710 
_cell.angle_alpha        65.21 
_cell.angle_beta         74.71 
_cell.angle_gamma        78.98 
_cell.Z_PDB              4 
_cell.pdbx_unique_axis   ? 
# 
_symmetry.entry_id                         5KHT 
_symmetry.space_group_name_H-M             'P 1' 
_symmetry.pdbx_full_space_group_name_H-M   ? 
_symmetry.cell_setting                     ? 
_symmetry.Int_Tables_number                1 
# 
_exptl.absorpt_coefficient_mu     ? 
_exptl.absorpt_correction_T_max   ? 
_exptl.absorpt_correction_T_min   ? 
_exptl.absorpt_correction_type    ? 
_exptl.absorpt_process_details    ? 
_exptl.entry_id                   5KHT 
_exptl.crystals_number            1 
_exptl.details                    ? 
_exptl.method                     'X-RAY DIFFRACTION' 
_exptl.method_details             ? 
# 
_exptl_crystal.colour                      ? 
_exptl_crystal.density_diffrn              ? 
_exptl_crystal.density_Matthews            1.93 
_exptl_crystal.density_method              ? 
_exptl_crystal.density_percent_sol         36.11 
_exptl_crystal.description                 ? 
_exptl_crystal.F_000                       ? 
_exptl_crystal.id                          1 
_exptl_crystal.preparation                 ? 
_exptl_crystal.size_max                    ? 
_exptl_crystal.size_mid                    ? 
_exptl_crystal.size_min                    ? 
_exptl_crystal.size_rad                    ? 
_exptl_crystal.colour_lustre               ? 
_exptl_crystal.colour_modifier             ? 
_exptl_crystal.colour_primary              ? 
_exptl_crystal.density_meas                ? 
_exptl_crystal.density_meas_esd            ? 
_exptl_crystal.density_meas_gt             ? 
_exptl_crystal.density_meas_lt             ? 
_exptl_crystal.density_meas_temp           ? 
_exptl_crystal.density_meas_temp_esd       ? 
_exptl_crystal.density_meas_temp_gt        ? 
_exptl_crystal.density_meas_temp_lt        ? 
_exptl_crystal.pdbx_crystal_image_url      ? 
_exptl_crystal.pdbx_crystal_image_format   ? 
_exptl_crystal.pdbx_mosaicity              ? 
_exptl_crystal.pdbx_mosaicity_esd          ? 
# 
_exptl_crystal_grow.apparatus       ? 
_exptl_crystal_grow.atmosphere      ? 
_exptl_crystal_grow.crystal_id      1 
_exptl_crystal_grow.details         ? 
_exptl_crystal_grow.method          'VAPOR DIFFUSION, SITTING DROP' 
_exptl_crystal_grow.method_ref      ? 
_exptl_crystal_grow.pH              7.5 
_exptl_crystal_grow.pressure        ? 
_exptl_crystal_grow.pressure_esd    ? 
_exptl_crystal_grow.seeding         ? 
_exptl_crystal_grow.seeding_ref     ? 
_exptl_crystal_grow.temp            293.0 
_exptl_crystal_grow.temp_details    ? 
_exptl_crystal_grow.temp_esd        ? 
_exptl_crystal_grow.time            ? 
_exptl_crystal_grow.pdbx_details    'PEG 8000, Hepes/sodium hydroxide' 
_exptl_crystal_grow.pdbx_pH_range   ? 
# 
_diffrn.ambient_environment    ? 
_diffrn.ambient_temp           100 
_diffrn.ambient_temp_details   ? 
_diffrn.ambient_temp_esd       ? 
_diffrn.crystal_id             1 
_diffrn.crystal_support        ? 
_diffrn.crystal_treatment      ? 
_diffrn.details                ? 
_diffrn.id                     1 
_diffrn.ambient_pressure       ? 
_diffrn.ambient_pressure_esd   ? 
_diffrn.ambient_pressure_gt    ? 
_diffrn.ambient_pressure_lt    ? 
_diffrn.ambient_temp_gt        ? 
_diffrn.ambient_temp_lt        ? 
# 
_diffrn_detector.details                      ? 
_diffrn_detector.detector                     PIXEL 
_diffrn_detector.diffrn_id                    1 
_diffrn_detector.type                         'DECTRIS EIGER X 16M' 
_diffrn_detector.area_resol_mean              ? 
_diffrn_detector.dtime                        ? 
_diffrn_detector.pdbx_frames_total            ? 
_diffrn_detector.pdbx_collection_time_total   ? 
_diffrn_detector.pdbx_collection_date         2015-06-26 
# 
_diffrn_radiation.collimation                      ? 
_diffrn_radiation.diffrn_id                        1 
_diffrn_radiation.filter_edge                      ? 
_diffrn_radiation.inhomogeneity                    ? 
_diffrn_radiation.monochromator                    ? 
_diffrn_radiation.polarisn_norm                    ? 
_diffrn_radiation.polarisn_ratio                   ? 
_diffrn_radiation.probe                            ? 
_diffrn_radiation.type                             ? 
_diffrn_radiation.xray_symbol                      ? 
_diffrn_radiation.wavelength_id                    1 
_diffrn_radiation.pdbx_monochromatic_or_laue_m_l   M 
_diffrn_radiation.pdbx_wavelength_list             ? 
_diffrn_radiation.pdbx_wavelength                  ? 
_diffrn_radiation.pdbx_diffrn_protocol             'SINGLE WAVELENGTH' 
_diffrn_radiation.pdbx_analyzer                    ? 
_diffrn_radiation.pdbx_scattering_type             x-ray 
# 
_diffrn_radiation_wavelength.id           1 
_diffrn_radiation_wavelength.wavelength   1.0 
_diffrn_radiation_wavelength.wt           1.0 
# 
_diffrn_source.current                     ? 
_diffrn_source.details                     ? 
_diffrn_source.diffrn_id                   1 
_diffrn_source.power                       ? 
_diffrn_source.size                        ? 
_diffrn_source.source                      SYNCHROTRON 
_diffrn_source.target                      ? 
_diffrn_source.type                        'NSLS BEAMLINE X6A' 
_diffrn_source.voltage                     ? 
_diffrn_source.take-off_angle              ? 
_diffrn_source.pdbx_wavelength_list        1.0 
_diffrn_source.pdbx_wavelength             ? 
_diffrn_source.pdbx_synchrotron_beamline   X6A 
_diffrn_source.pdbx_synchrotron_site       NSLS 
# 
_reflns.B_iso_Wilson_estimate            ? 
_reflns.entry_id                         5KHT 
_reflns.data_reduction_details           ? 
_reflns.data_reduction_method            ? 
_reflns.d_resolution_high                1.4964 
_reflns.d_resolution_low                 34.549 
_reflns.details                          ? 
_reflns.limit_h_max                      ? 
_reflns.limit_h_min                      ? 
_reflns.limit_k_max                      ? 
_reflns.limit_k_min                      ? 
_reflns.limit_l_max                      ? 
_reflns.limit_l_min                      ? 
_reflns.number_all                       ? 
_reflns.number_obs                       21841 
_reflns.observed_criterion               ? 
_reflns.observed_criterion_F_max         ? 
_reflns.observed_criterion_F_min         ? 
_reflns.observed_criterion_I_max         ? 
_reflns.observed_criterion_I_min         ? 
_reflns.observed_criterion_sigma_F       ? 
_reflns.observed_criterion_sigma_I       ? 
_reflns.percent_possible_obs             83.11 
_reflns.R_free_details                   ? 
_reflns.Rmerge_F_all                     ? 
_reflns.Rmerge_F_obs                     ? 
_reflns.Friedel_coverage                 ? 
_reflns.number_gt                        ? 
_reflns.threshold_expression             ? 
_reflns.pdbx_redundancy                  6.5 
_reflns.pdbx_Rmerge_I_obs                0.056 
_reflns.pdbx_Rmerge_I_all                ? 
_reflns.pdbx_Rsym_value                  ? 
_reflns.pdbx_netI_over_av_sigmaI         ? 
_reflns.pdbx_netI_over_sigmaI            13.1 
_reflns.pdbx_res_netI_over_av_sigmaI_2   ? 
_reflns.pdbx_res_netI_over_sigmaI_2      ? 
_reflns.pdbx_chi_squared                 ? 
_reflns.pdbx_scaling_rejects             ? 
_reflns.pdbx_d_res_high_opt              ? 
_reflns.pdbx_d_res_low_opt               ? 
_reflns.pdbx_d_res_opt_method            ? 
_reflns.phase_calculation_details        ? 
_reflns.pdbx_Rrim_I_all                  ? 
_reflns.pdbx_Rpim_I_all                  ? 
_reflns.pdbx_d_opt                       ? 
_reflns.pdbx_number_measured_all         ? 
_reflns.pdbx_diffrn_id                   1 
_reflns.pdbx_ordinal                     1 
_reflns.pdbx_CC_half                     ? 
_reflns.pdbx_R_split                     ? 
# 
_reflns_shell.d_res_high                  1.4964 
_reflns_shell.d_res_low                   1.5338 
_reflns_shell.meanI_over_sigI_all         ? 
_reflns_shell.meanI_over_sigI_obs         ? 
_reflns_shell.number_measured_all         ? 
_reflns_shell.number_measured_obs         ? 
_reflns_shell.number_possible             ? 
_reflns_shell.number_unique_all           ? 
_reflns_shell.number_unique_obs           ? 
_reflns_shell.percent_possible_all        ? 
_reflns_shell.percent_possible_obs        ? 
_reflns_shell.Rmerge_F_all                ? 
_reflns_shell.Rmerge_F_obs                ? 
_reflns_shell.Rmerge_I_all                ? 
_reflns_shell.Rmerge_I_obs                0.412 
_reflns_shell.meanI_over_sigI_gt          ? 
_reflns_shell.meanI_over_uI_all           ? 
_reflns_shell.meanI_over_uI_gt            ? 
_reflns_shell.number_measured_gt          ? 
_reflns_shell.number_unique_gt            ? 
_reflns_shell.percent_possible_gt         ? 
_reflns_shell.Rmerge_F_gt                 ? 
_reflns_shell.Rmerge_I_gt                 ? 
_reflns_shell.pdbx_redundancy             ? 
_reflns_shell.pdbx_Rsym_value             ? 
_reflns_shell.pdbx_chi_squared            ? 
_reflns_shell.pdbx_netI_over_sigmaI_all   ? 
_reflns_shell.pdbx_netI_over_sigmaI_obs   ? 
_reflns_shell.pdbx_Rrim_I_all             ? 
_reflns_shell.pdbx_Rpim_I_all             ? 
_reflns_shell.pdbx_rejects                ? 
_reflns_shell.pdbx_ordinal                1 
_reflns_shell.pdbx_diffrn_id              1 
_reflns_shell.pdbx_CC_half                ? 
_reflns_shell.pdbx_R_split                ? 
# 
_refine.pdbx_refine_id                           'X-RAY DIFFRACTION' 
_refine.entry_id                                 5KHT 
_refine.pdbx_diffrn_id                           1 
_refine.pdbx_TLS_residual_ADP_flag               ? 
_refine.ls_number_reflns_obs                     21830 
_refine.ls_number_reflns_all                     ? 
_refine.pdbx_ls_sigma_I                          ? 
_refine.pdbx_ls_sigma_F                          2.07 
_refine.pdbx_data_cutoff_high_absF               ? 
_refine.pdbx_data_cutoff_low_absF                ? 
_refine.pdbx_data_cutoff_high_rms_absF           ? 
_refine.ls_d_res_low                             34.549 
_refine.ls_d_res_high                            1.4964 
_refine.ls_percent_reflns_obs                    83.11 
_refine.ls_R_factor_obs                          0.2094 
_refine.ls_R_factor_all                          ? 
_refine.ls_R_factor_R_work                       0.2055 
_refine.ls_R_factor_R_free                       0.2490 
_refine.ls_R_factor_R_free_error                 ? 
_refine.ls_R_factor_R_free_error_details         ? 
_refine.ls_percent_reflns_R_free                 9.10 
_refine.ls_number_reflns_R_free                  1986 
_refine.ls_number_parameters                     ? 
_refine.ls_number_restraints                     ? 
_refine.occupancy_min                            ? 
_refine.occupancy_max                            ? 
_refine.correlation_coeff_Fo_to_Fc               ? 
_refine.correlation_coeff_Fo_to_Fc_free          ? 
_refine.B_iso_mean                               ? 
_refine.aniso_B[1][1]                            ? 
_refine.aniso_B[2][2]                            ? 
_refine.aniso_B[3][3]                            ? 
_refine.aniso_B[1][2]                            ? 
_refine.aniso_B[1][3]                            ? 
_refine.aniso_B[2][3]                            ? 
_refine.solvent_model_details                    'FLAT BULK SOLVENT MODEL' 
_refine.solvent_model_param_ksol                 ? 
_refine.solvent_model_param_bsol                 ? 
_refine.pdbx_solvent_vdw_probe_radii             1.11 
_refine.pdbx_solvent_ion_probe_radii             ? 
_refine.pdbx_solvent_shrinkage_radii             0.90 
_refine.pdbx_ls_cross_valid_method               'FREE R-VALUE' 
_refine.details                                  ? 
_refine.pdbx_starting_model                      'Chimeric model built by Phyre' 
_refine.pdbx_method_to_determine_struct          'MOLECULAR REPLACEMENT' 
_refine.pdbx_isotropic_thermal_model             ? 
_refine.pdbx_stereochemistry_target_values       ML 
_refine.pdbx_stereochem_target_val_spec_case     ? 
_refine.pdbx_R_Free_selection_details            ? 
_refine.pdbx_overall_ESU_R                       ? 
_refine.pdbx_overall_ESU_R_Free                  ? 
_refine.overall_SU_ML                            0.21 
_refine.pdbx_overall_phase_error                 31.31 
_refine.overall_SU_B                             ? 
_refine.overall_SU_R_Cruickshank_DPI             ? 
_refine.pdbx_overall_SU_R_free_Cruickshank_DPI   ? 
_refine.pdbx_overall_SU_R_Blow_DPI               ? 
_refine.pdbx_overall_SU_R_free_Blow_DPI          ? 
# 
_refine_hist.pdbx_refine_id                   'X-RAY DIFFRACTION' 
_refine_hist.cycle_id                         LAST 
_refine_hist.pdbx_number_atoms_protein        1512 
_refine_hist.pdbx_number_atoms_nucleic_acid   0 
_refine_hist.pdbx_number_atoms_ligand         28 
_refine_hist.number_atoms_solvent             169 
_refine_hist.number_atoms_total               1709 
_refine_hist.d_res_high                       1.4964 
_refine_hist.d_res_low                        34.549 
# 
loop_
_refine_ls_restr.type 
_refine_ls_restr.dev_ideal 
_refine_ls_restr.dev_ideal_target 
_refine_ls_restr.weight 
_refine_ls_restr.number 
_refine_ls_restr.pdbx_refine_id 
_refine_ls_restr.pdbx_restraint_function 
f_bond_d           0.007  ? ? 1608 'X-RAY DIFFRACTION' ? 
f_angle_d          1.011  ? ? 2122 'X-RAY DIFFRACTION' ? 
f_dihedral_angle_d 16.934 ? ? 686  'X-RAY DIFFRACTION' ? 
f_chiral_restr     0.066  ? ? 225  'X-RAY DIFFRACTION' ? 
f_plane_restr      0.004  ? ? 279  'X-RAY DIFFRACTION' ? 
# 
loop_
_refine_ls_shell.pdbx_refine_id 
_refine_ls_shell.pdbx_total_number_of_bins_used 
_refine_ls_shell.d_res_high 
_refine_ls_shell.d_res_low 
_refine_ls_shell.number_reflns_R_work 
_refine_ls_shell.R_factor_R_work 
_refine_ls_shell.percent_reflns_obs 
_refine_ls_shell.R_factor_R_free 
_refine_ls_shell.R_factor_R_free_error 
_refine_ls_shell.percent_reflns_R_free 
_refine_ls_shell.number_reflns_R_free 
_refine_ls_shell.number_reflns_all 
_refine_ls_shell.R_factor_all 
_refine_ls_shell.R_factor_obs 
_refine_ls_shell.number_reflns_obs 
'X-RAY DIFFRACTION' . 1.4964 1.5338  702  0.2833 41.00 0.4028 . . 81  . . . . 
'X-RAY DIFFRACTION' . 1.5338 1.5753  938  0.2702 55.00 0.2946 . . 90  . . . . 
'X-RAY DIFFRACTION' . 1.5753 1.6217  1208 0.2594 72.00 0.3343 . . 118 . . . . 
'X-RAY DIFFRACTION' . 1.6217 1.6740  1556 0.2499 91.00 0.3684 . . 153 . . . . 
'X-RAY DIFFRACTION' . 1.6740 1.7338  1545 0.2453 91.00 0.3408 . . 161 . . . . 
'X-RAY DIFFRACTION' . 1.7338 1.8033  1528 0.2437 89.00 0.2660 . . 150 . . . . 
'X-RAY DIFFRACTION' . 1.8033 1.8853  1469 0.2473 87.00 0.2907 . . 155 . . . . 
'X-RAY DIFFRACTION' . 1.8853 1.9847  1587 0.2425 93.00 0.3152 . . 156 . . . . 
'X-RAY DIFFRACTION' . 1.9847 2.1090  1540 0.2059 91.00 0.2904 . . 154 . . . . 
'X-RAY DIFFRACTION' . 2.1090 2.2718  1500 0.1931 88.00 0.2232 . . 149 . . . . 
'X-RAY DIFFRACTION' . 2.2718 2.5004  1573 0.2003 93.00 0.2362 . . 155 . . . . 
'X-RAY DIFFRACTION' . 2.5004 2.8621  1533 0.2064 90.00 0.2755 . . 160 . . . . 
'X-RAY DIFFRACTION' . 2.8621 3.6053  1597 0.1903 93.00 0.2512 . . 147 . . . . 
'X-RAY DIFFRACTION' . 3.6053 34.5583 1568 0.1837 92.00 0.1806 . . 157 . . . . 
# 
_struct.entry_id                     5KHT 
_struct.title                        
'Crystal structure of the N-terminal fragment of tropomyosin isoform Tpm1.1 at 1.5 A resolution' 
_struct.pdbx_model_details           ? 
_struct.pdbx_formula_weight          ? 
_struct.pdbx_formula_weight_method   ? 
_struct.pdbx_model_type_details      ? 
_struct.pdbx_CASP_flag               N 
# 
_struct_keywords.entry_id        5KHT 
_struct_keywords.text            'tropomyosin, coiled coil, actin-binding protein' 
_struct_keywords.pdbx_keywords   'actin-binding protein' 
# 
loop_
_struct_asym.id 
_struct_asym.pdbx_blank_PDB_chainid_flag 
_struct_asym.pdbx_modified 
_struct_asym.entity_id 
_struct_asym.details 
A N N 1 ? 
B N N 1 ? 
C N N 1 ? 
D N N 1 ? 
E N N 2 ? 
F N N 2 ? 
G N N 2 ? 
H N N 2 ? 
I N N 3 ? 
J N N 3 ? 
K N N 3 ? 
L N N 3 ? 
# 
loop_
_struct_ref.id 
_struct_ref.db_name 
_struct_ref.db_code 
_struct_ref.pdbx_db_accession 
_struct_ref.pdbx_db_isoform 
_struct_ref.entity_id 
_struct_ref.pdbx_seq_one_letter_code 
_struct_ref.pdbx_align_begin 
1 UNP TPM1_HUMAN P09493 P09493-3 1 MDAIKKKMQMLKLDKENALDRAEQAEAD 1   
2 UNP GCN4_YEAST P03069 ?        1 NYHLENEVARLKKLVGER           264 
# 
loop_
_struct_ref_seq.align_id 
_struct_ref_seq.ref_id 
_struct_ref_seq.pdbx_PDB_id_code 
_struct_ref_seq.pdbx_strand_id 
_struct_ref_seq.seq_align_beg 
_struct_ref_seq.pdbx_seq_align_beg_ins_code 
_struct_ref_seq.seq_align_end 
_struct_ref_seq.pdbx_seq_align_end_ins_code 
_struct_ref_seq.pdbx_db_accession 
_struct_ref_seq.db_align_beg 
_struct_ref_seq.pdbx_db_align_beg_ins_code 
_struct_ref_seq.db_align_end 
_struct_ref_seq.pdbx_db_align_end_ins_code 
_struct_ref_seq.pdbx_auth_seq_align_beg 
_struct_ref_seq.pdbx_auth_seq_align_end 
1 1 5KHT A 2  ? 29 ? P09493 1   ? 28  ? 1  28 
2 2 5KHT A 30 ? 47 ? P03069 264 ? 281 ? 29 46 
3 1 5KHT B 2  ? 29 ? P09493 1   ? 28  ? 1  28 
4 2 5KHT B 30 ? 47 ? P03069 264 ? 281 ? 29 46 
5 1 5KHT C 2  ? 29 ? P09493 1   ? 28  ? 1  28 
6 2 5KHT C 30 ? 47 ? P03069 264 ? 281 ? 29 46 
7 1 5KHT D 2  ? 29 ? P09493 1   ? 28  ? 1  28 
8 2 5KHT D 30 ? 47 ? P03069 264 ? 281 ? 29 46 
# 
loop_
_struct_ref_seq_dif.align_id 
_struct_ref_seq_dif.pdbx_pdb_id_code 
_struct_ref_seq_dif.mon_id 
_struct_ref_seq_dif.pdbx_pdb_strand_id 
_struct_ref_seq_dif.seq_num 
_struct_ref_seq_dif.pdbx_pdb_ins_code 
_struct_ref_seq_dif.pdbx_seq_db_name 
_struct_ref_seq_dif.pdbx_seq_db_accession_code 
_struct_ref_seq_dif.db_mon_id 
_struct_ref_seq_dif.pdbx_seq_db_seq_num 
_struct_ref_seq_dif.details 
_struct_ref_seq_dif.pdbx_auth_seq_num 
_struct_ref_seq_dif.pdbx_ordinal 
1 5KHT GLY A 1 ? UNP P09493 ? ? 'expression tag' -1 1 
3 5KHT GLY B 1 ? UNP P09493 ? ? 'expression tag' -1 2 
5 5KHT GLY C 1 ? UNP P09493 ? ? 'expression tag' -1 3 
7 5KHT GLY D 1 ? UNP P09493 ? ? 'expression tag' -1 4 
# 
loop_
_pdbx_struct_assembly.id 
_pdbx_struct_assembly.details 
_pdbx_struct_assembly.method_details 
_pdbx_struct_assembly.oligomeric_details 
_pdbx_struct_assembly.oligomeric_count 
1 author_and_software_defined_assembly PISA dimeric 2 
2 author_and_software_defined_assembly PISA dimeric 2 
# 
loop_
_pdbx_struct_assembly_prop.biol_id 
_pdbx_struct_assembly_prop.type 
_pdbx_struct_assembly_prop.value 
_pdbx_struct_assembly_prop.details 
1 'ABSA (A^2)' 2790 ? 
1 MORE         -22  ? 
1 'SSA (A^2)'  7180 ? 
2 'ABSA (A^2)' 2960 ? 
2 MORE         -17  ? 
2 'SSA (A^2)'  7460 ? 
# 
loop_
_pdbx_struct_assembly_gen.assembly_id 
_pdbx_struct_assembly_gen.oper_expression 
_pdbx_struct_assembly_gen.asym_id_list 
1 1 A,C,F,G,I,K 
2 1 B,D,E,H,J,L 
# 
_pdbx_struct_oper_list.id                   1 
_pdbx_struct_oper_list.type                 'identity operation' 
_pdbx_struct_oper_list.name                 1_555 
_pdbx_struct_oper_list.symmetry_operation   x,y,z 
_pdbx_struct_oper_list.matrix[1][1]         1.0000000000 
_pdbx_struct_oper_list.matrix[1][2]         0.0000000000 
_pdbx_struct_oper_list.matrix[1][3]         0.0000000000 
_pdbx_struct_oper_list.vector[1]            0.0000000000 
_pdbx_struct_oper_list.matrix[2][1]         0.0000000000 
_pdbx_struct_oper_list.matrix[2][2]         1.0000000000 
_pdbx_struct_oper_list.matrix[2][3]         0.0000000000 
_pdbx_struct_oper_list.vector[2]            0.0000000000 
_pdbx_struct_oper_list.matrix[3][1]         0.0000000000 
_pdbx_struct_oper_list.matrix[3][2]         0.0000000000 
_pdbx_struct_oper_list.matrix[3][3]         1.0000000000 
_pdbx_struct_oper_list.vector[3]            0.0000000000 
# 
loop_
_struct_conf.conf_type_id 
_struct_conf.id 
_struct_conf.pdbx_PDB_helix_id 
_struct_conf.beg_label_comp_id 
_struct_conf.beg_label_asym_id 
_struct_conf.beg_label_seq_id 
_struct_conf.pdbx_beg_PDB_ins_code 
_struct_conf.end_label_comp_id 
_struct_conf.end_label_asym_id 
_struct_conf.end_label_seq_id 
_struct_conf.pdbx_end_PDB_ins_code 
_struct_conf.beg_auth_comp_id 
_struct_conf.beg_auth_asym_id 
_struct_conf.beg_auth_seq_id 
_struct_conf.end_auth_comp_id 
_struct_conf.end_auth_asym_id 
_struct_conf.end_auth_seq_id 
_struct_conf.pdbx_PDB_helix_class 
_struct_conf.details 
_struct_conf.pdbx_PDB_helix_length 
HELX_P HELX_P1 AA1 GLY A 1 ? GLY A 45 ? GLY A -1 GLY A 44 1 ? 45 
HELX_P HELX_P2 AA2 MET B 2 ? GLY B 45 ? MET B 1  GLY B 44 1 ? 44 
HELX_P HELX_P3 AA3 MET C 2 ? GLY C 45 ? MET C 1  GLY C 44 1 ? 44 
HELX_P HELX_P4 AA4 ALA D 4 ? GLY D 45 ? ALA D 3  GLY D 44 1 ? 42 
# 
_struct_conf_type.id          HELX_P 
_struct_conf_type.criteria    ? 
_struct_conf_type.reference   ? 
# 
loop_
_struct_site.id 
_struct_site.pdbx_evidence_code 
_struct_site.pdbx_auth_asym_id 
_struct_site.pdbx_auth_comp_id 
_struct_site.pdbx_auth_seq_id 
_struct_site.pdbx_auth_ins_code 
_struct_site.pdbx_num_residues 
_struct_site.details 
AC1 Software B PEG 101 ? 9 'binding site for residue PEG B 101' 
AC2 Software C PEG 101 ? 7 'binding site for residue PEG C 101' 
AC3 Software C PEG 102 ? 4 'binding site for residue PEG C 102' 
AC4 Software D PEG 101 ? 7 'binding site for residue PEG D 101' 
# 
loop_
_struct_site_gen.id 
_struct_site_gen.site_id 
_struct_site_gen.pdbx_num_res 
_struct_site_gen.label_comp_id 
_struct_site_gen.label_asym_id 
_struct_site_gen.label_seq_id 
_struct_site_gen.pdbx_auth_ins_code 
_struct_site_gen.auth_comp_id 
_struct_site_gen.auth_asym_id 
_struct_site_gen.auth_seq_id 
_struct_site_gen.label_atom_id 
_struct_site_gen.label_alt_id 
_struct_site_gen.symmetry 
_struct_site_gen.details 
1  AC1 9 ASP B 15 ? ASP B 14  . ? 1_554 ? 
2  AC1 9 VAL B 37 ? VAL B 36  . ? 1_555 ? 
3  AC1 9 ALA B 38 ? ALA B 37  . ? 1_555 ? 
4  AC1 9 LYS B 41 ? LYS B 40  . ? 1_555 ? 
5  AC1 9 HOH J .  ? HOH B 203 . ? 1_555 ? 
6  AC1 9 HOH J .  ? HOH B 210 . ? 1_555 ? 
7  AC1 9 HOH J .  ? HOH B 217 . ? 1_555 ? 
8  AC1 9 HOH J .  ? HOH B 232 . ? 1_555 ? 
9  AC1 9 LYS D 16 ? LYS D 15  . ? 1_554 ? 
10 AC2 7 GLY B 45 ? GLY B 44  . ? 1_546 ? 
11 AC2 7 GLU B 46 ? GLU B 45  . ? 1_546 ? 
12 AC2 7 HOH J .  ? HOH B 212 . ? 1_546 ? 
13 AC2 7 LYS C 13 ? LYS C 12  . ? 1_555 ? 
14 AC2 7 LEU C 14 ? LEU C 13  . ? 1_555 ? 
15 AC2 7 PEG G .  ? PEG C 102 . ? 1_555 ? 
16 AC2 7 GLU D 24 ? GLU D 23  . ? 1_545 ? 
17 AC3 4 GLU B 46 ? GLU B 45  . ? 1_546 ? 
18 AC3 4 ARG B 47 ? ARG B 46  . ? 1_546 ? 
19 AC3 4 GLN C 10 ? GLN C 9   . ? 1_555 ? 
20 AC3 4 PEG F .  ? PEG C 101 . ? 1_555 ? 
21 AC4 7 ARG A 39 ? ARG A 38  . ? 1_455 ? 
22 AC4 7 LEU A 43 ? LEU A 42  . ? 1_455 ? 
23 AC4 7 VAL C 44 ? VAL C 43  . ? 1_455 ? 
24 AC4 7 GLY C 45 ? GLY C 44  . ? 1_455 ? 
25 AC4 7 ARG C 47 ? ARG C 46  . ? 1_455 ? 
26 AC4 7 GLU D 46 ? GLU D 45  . ? 1_555 ? 
27 AC4 7 HOH L .  ? HOH D 203 . ? 1_555 ? 
# 
loop_
_pdbx_validate_close_contact.id 
_pdbx_validate_close_contact.PDB_model_num 
_pdbx_validate_close_contact.auth_atom_id_1 
_pdbx_validate_close_contact.auth_asym_id_1 
_pdbx_validate_close_contact.auth_comp_id_1 
_pdbx_validate_close_contact.auth_seq_id_1 
_pdbx_validate_close_contact.PDB_ins_code_1 
_pdbx_validate_close_contact.label_alt_id_1 
_pdbx_validate_close_contact.auth_atom_id_2 
_pdbx_validate_close_contact.auth_asym_id_2 
_pdbx_validate_close_contact.auth_comp_id_2 
_pdbx_validate_close_contact.auth_seq_id_2 
_pdbx_validate_close_contact.PDB_ins_code_2 
_pdbx_validate_close_contact.label_alt_id_2 
_pdbx_validate_close_contact.dist 
1 1 OD1 A ASP 14 ? ? O A HOH 101 ? ? 2.14 
2 1 NZ  B LYS 5  ? A O B HOH 201 ? ? 2.15 
3 1 O   B GLY -1 ? ? O B HOH 202 ? ? 2.19 
# 
_pdbx_validate_symm_contact.id                1 
_pdbx_validate_symm_contact.PDB_model_num     1 
_pdbx_validate_symm_contact.auth_atom_id_1    NH2 
_pdbx_validate_symm_contact.auth_asym_id_1    A 
_pdbx_validate_symm_contact.auth_comp_id_1    ARG 
_pdbx_validate_symm_contact.auth_seq_id_1     46 
_pdbx_validate_symm_contact.PDB_ins_code_1    ? 
_pdbx_validate_symm_contact.label_alt_id_1    B 
_pdbx_validate_symm_contact.site_symmetry_1   1_555 
_pdbx_validate_symm_contact.auth_atom_id_2    OD1 
_pdbx_validate_symm_contact.auth_asym_id_2    C 
_pdbx_validate_symm_contact.auth_comp_id_2    ASP 
_pdbx_validate_symm_contact.auth_seq_id_2     20 
_pdbx_validate_symm_contact.PDB_ins_code_2    ? 
_pdbx_validate_symm_contact.label_alt_id_2    ? 
_pdbx_validate_symm_contact.site_symmetry_2   1_565 
_pdbx_validate_symm_contact.dist              2.19 
# 
loop_
_pdbx_validate_torsion.id 
_pdbx_validate_torsion.PDB_model_num 
_pdbx_validate_torsion.auth_comp_id 
_pdbx_validate_torsion.auth_asym_id 
_pdbx_validate_torsion.auth_seq_id 
_pdbx_validate_torsion.PDB_ins_code 
_pdbx_validate_torsion.label_alt_id 
_pdbx_validate_torsion.phi 
_pdbx_validate_torsion.psi 
1 1 ASP D 2 ? ? -64.58 3.53   
2 1 ILE D 4 ? ? -36.68 -36.93 
# 
loop_
_chem_comp_atom.comp_id 
_chem_comp_atom.atom_id 
_chem_comp_atom.type_symbol 
_chem_comp_atom.pdbx_aromatic_flag 
_chem_comp_atom.pdbx_stereo_config 
_chem_comp_atom.pdbx_ordinal 
ALA N    N N N 1   
ALA CA   C N S 2   
ALA C    C N N 3   
ALA O    O N N 4   
ALA CB   C N N 5   
ALA OXT  O N N 6   
ALA H    H N N 7   
ALA H2   H N N 8   
ALA HA   H N N 9   
ALA HB1  H N N 10  
ALA HB2  H N N 11  
ALA HB3  H N N 12  
ALA HXT  H N N 13  
ARG N    N N N 14  
ARG CA   C N S 15  
ARG C    C N N 16  
ARG O    O N N 17  
ARG CB   C N N 18  
ARG CG   C N N 19  
ARG CD   C N N 20  
ARG NE   N N N 21  
ARG CZ   C N N 22  
ARG NH1  N N N 23  
ARG NH2  N N N 24  
ARG OXT  O N N 25  
ARG H    H N N 26  
ARG H2   H N N 27  
ARG HA   H N N 28  
ARG HB2  H N N 29  
ARG HB3  H N N 30  
ARG HG2  H N N 31  
ARG HG3  H N N 32  
ARG HD2  H N N 33  
ARG HD3  H N N 34  
ARG HE   H N N 35  
ARG HH11 H N N 36  
ARG HH12 H N N 37  
ARG HH21 H N N 38  
ARG HH22 H N N 39  
ARG HXT  H N N 40  
ASN N    N N N 41  
ASN CA   C N S 42  
ASN C    C N N 43  
ASN O    O N N 44  
ASN CB   C N N 45  
ASN CG   C N N 46  
ASN OD1  O N N 47  
ASN ND2  N N N 48  
ASN OXT  O N N 49  
ASN H    H N N 50  
ASN H2   H N N 51  
ASN HA   H N N 52  
ASN HB2  H N N 53  
ASN HB3  H N N 54  
ASN HD21 H N N 55  
ASN HD22 H N N 56  
ASN HXT  H N N 57  
ASP N    N N N 58  
ASP CA   C N S 59  
ASP C    C N N 60  
ASP O    O N N 61  
ASP CB   C N N 62  
ASP CG   C N N 63  
ASP OD1  O N N 64  
ASP OD2  O N N 65  
ASP OXT  O N N 66  
ASP H    H N N 67  
ASP H2   H N N 68  
ASP HA   H N N 69  
ASP HB2  H N N 70  
ASP HB3  H N N 71  
ASP HD2  H N N 72  
ASP HXT  H N N 73  
GLN N    N N N 74  
GLN CA   C N S 75  
GLN C    C N N 76  
GLN O    O N N 77  
GLN CB   C N N 78  
GLN CG   C N N 79  
GLN CD   C N N 80  
GLN OE1  O N N 81  
GLN NE2  N N N 82  
GLN OXT  O N N 83  
GLN H    H N N 84  
GLN H2   H N N 85  
GLN HA   H N N 86  
GLN HB2  H N N 87  
GLN HB3  H N N 88  
GLN HG2  H N N 89  
GLN HG3  H N N 90  
GLN HE21 H N N 91  
GLN HE22 H N N 92  
GLN HXT  H N N 93  
GLU N    N N N 94  
GLU CA   C N S 95  
GLU C    C N N 96  
GLU O    O N N 97  
GLU CB   C N N 98  
GLU CG   C N N 99  
GLU CD   C N N 100 
GLU OE1  O N N 101 
GLU OE2  O N N 102 
GLU OXT  O N N 103 
GLU H    H N N 104 
GLU H2   H N N 105 
GLU HA   H N N 106 
GLU HB2  H N N 107 
GLU HB3  H N N 108 
GLU HG2  H N N 109 
GLU HG3  H N N 110 
GLU HE2  H N N 111 
GLU HXT  H N N 112 
GLY N    N N N 113 
GLY CA   C N N 114 
GLY C    C N N 115 
GLY O    O N N 116 
GLY OXT  O N N 117 
GLY H    H N N 118 
GLY H2   H N N 119 
GLY HA2  H N N 120 
GLY HA3  H N N 121 
GLY HXT  H N N 122 
HIS N    N N N 123 
HIS CA   C N S 124 
HIS C    C N N 125 
HIS O    O N N 126 
HIS CB   C N N 127 
HIS CG   C Y N 128 
HIS ND1  N Y N 129 
HIS CD2  C Y N 130 
HIS CE1  C Y N 131 
HIS NE2  N Y N 132 
HIS OXT  O N N 133 
HIS H    H N N 134 
HIS H2   H N N 135 
HIS HA   H N N 136 
HIS HB2  H N N 137 
HIS HB3  H N N 138 
HIS HD1  H N N 139 
HIS HD2  H N N 140 
HIS HE1  H N N 141 
HIS HE2  H N N 142 
HIS HXT  H N N 143 
HOH O    O N N 144 
HOH H1   H N N 145 
HOH H2   H N N 146 
ILE N    N N N 147 
ILE CA   C N S 148 
ILE C    C N N 149 
ILE O    O N N 150 
ILE CB   C N S 151 
ILE CG1  C N N 152 
ILE CG2  C N N 153 
ILE CD1  C N N 154 
ILE OXT  O N N 155 
ILE H    H N N 156 
ILE H2   H N N 157 
ILE HA   H N N 158 
ILE HB   H N N 159 
ILE HG12 H N N 160 
ILE HG13 H N N 161 
ILE HG21 H N N 162 
ILE HG22 H N N 163 
ILE HG23 H N N 164 
ILE HD11 H N N 165 
ILE HD12 H N N 166 
ILE HD13 H N N 167 
ILE HXT  H N N 168 
LEU N    N N N 169 
LEU CA   C N S 170 
LEU C    C N N 171 
LEU O    O N N 172 
LEU CB   C N N 173 
LEU CG   C N N 174 
LEU CD1  C N N 175 
LEU CD2  C N N 176 
LEU OXT  O N N 177 
LEU H    H N N 178 
LEU H2   H N N 179 
LEU HA   H N N 180 
LEU HB2  H N N 181 
LEU HB3  H N N 182 
LEU HG   H N N 183 
LEU HD11 H N N 184 
LEU HD12 H N N 185 
LEU HD13 H N N 186 
LEU HD21 H N N 187 
LEU HD22 H N N 188 
LEU HD23 H N N 189 
LEU HXT  H N N 190 
LYS N    N N N 191 
LYS CA   C N S 192 
LYS C    C N N 193 
LYS O    O N N 194 
LYS CB   C N N 195 
LYS CG   C N N 196 
LYS CD   C N N 197 
LYS CE   C N N 198 
LYS NZ   N N N 199 
LYS OXT  O N N 200 
LYS H    H N N 201 
LYS H2   H N N 202 
LYS HA   H N N 203 
LYS HB2  H N N 204 
LYS HB3  H N N 205 
LYS HG2  H N N 206 
LYS HG3  H N N 207 
LYS HD2  H N N 208 
LYS HD3  H N N 209 
LYS HE2  H N N 210 
LYS HE3  H N N 211 
LYS HZ1  H N N 212 
LYS HZ2  H N N 213 
LYS HZ3  H N N 214 
LYS HXT  H N N 215 
MET N    N N N 216 
MET CA   C N S 217 
MET C    C N N 218 
MET O    O N N 219 
MET CB   C N N 220 
MET CG   C N N 221 
MET SD   S N N 222 
MET CE   C N N 223 
MET OXT  O N N 224 
MET H    H N N 225 
MET H2   H N N 226 
MET HA   H N N 227 
MET HB2  H N N 228 
MET HB3  H N N 229 
MET HG2  H N N 230 
MET HG3  H N N 231 
MET HE1  H N N 232 
MET HE2  H N N 233 
MET HE3  H N N 234 
MET HXT  H N N 235 
PEG C1   C N N 236 
PEG O1   O N N 237 
PEG C2   C N N 238 
PEG O2   O N N 239 
PEG C3   C N N 240 
PEG C4   C N N 241 
PEG O4   O N N 242 
PEG H11  H N N 243 
PEG H12  H N N 244 
PEG HO1  H N N 245 
PEG H21  H N N 246 
PEG H22  H N N 247 
PEG H31  H N N 248 
PEG H32  H N N 249 
PEG H41  H N N 250 
PEG H42  H N N 251 
PEG HO4  H N N 252 
TYR N    N N N 253 
TYR CA   C N S 254 
TYR C    C N N 255 
TYR O    O N N 256 
TYR CB   C N N 257 
TYR CG   C Y N 258 
TYR CD1  C Y N 259 
TYR CD2  C Y N 260 
TYR CE1  C Y N 261 
TYR CE2  C Y N 262 
TYR CZ   C Y N 263 
TYR OH   O N N 264 
TYR OXT  O N N 265 
TYR H    H N N 266 
TYR H2   H N N 267 
TYR HA   H N N 268 
TYR HB2  H N N 269 
TYR HB3  H N N 270 
TYR HD1  H N N 271 
TYR HD2  H N N 272 
TYR HE1  H N N 273 
TYR HE2  H N N 274 
TYR HH   H N N 275 
TYR HXT  H N N 276 
VAL N    N N N 277 
VAL CA   C N S 278 
VAL C    C N N 279 
VAL O    O N N 280 
VAL CB   C N N 281 
VAL CG1  C N N 282 
VAL CG2  C N N 283 
VAL OXT  O N N 284 
VAL H    H N N 285 
VAL H2   H N N 286 
VAL HA   H N N 287 
VAL HB   H N N 288 
VAL HG11 H N N 289 
VAL HG12 H N N 290 
VAL HG13 H N N 291 
VAL HG21 H N N 292 
VAL HG22 H N N 293 
VAL HG23 H N N 294 
VAL HXT  H N N 295 
# 
loop_
_chem_comp_bond.comp_id 
_chem_comp_bond.atom_id_1 
_chem_comp_bond.atom_id_2 
_chem_comp_bond.value_order 
_chem_comp_bond.pdbx_aromatic_flag 
_chem_comp_bond.pdbx_stereo_config 
_chem_comp_bond.pdbx_ordinal 
ALA N   CA   sing N N 1   
ALA N   H    sing N N 2   
ALA N   H2   sing N N 3   
ALA CA  C    sing N N 4   
ALA CA  CB   sing N N 5   
ALA CA  HA   sing N N 6   
ALA C   O    doub N N 7   
ALA C   OXT  sing N N 8   
ALA CB  HB1  sing N N 9   
ALA CB  HB2  sing N N 10  
ALA CB  HB3  sing N N 11  
ALA OXT HXT  sing N N 12  
ARG N   CA   sing N N 13  
ARG N   H    sing N N 14  
ARG N   H2   sing N N 15  
ARG CA  C    sing N N 16  
ARG CA  CB   sing N N 17  
ARG CA  HA   sing N N 18  
ARG C   O    doub N N 19  
ARG C   OXT  sing N N 20  
ARG CB  CG   sing N N 21  
ARG CB  HB2  sing N N 22  
ARG CB  HB3  sing N N 23  
ARG CG  CD   sing N N 24  
ARG CG  HG2  sing N N 25  
ARG CG  HG3  sing N N 26  
ARG CD  NE   sing N N 27  
ARG CD  HD2  sing N N 28  
ARG CD  HD3  sing N N 29  
ARG NE  CZ   sing N N 30  
ARG NE  HE   sing N N 31  
ARG CZ  NH1  sing N N 32  
ARG CZ  NH2  doub N N 33  
ARG NH1 HH11 sing N N 34  
ARG NH1 HH12 sing N N 35  
ARG NH2 HH21 sing N N 36  
ARG NH2 HH22 sing N N 37  
ARG OXT HXT  sing N N 38  
ASN N   CA   sing N N 39  
ASN N   H    sing N N 40  
ASN N   H2   sing N N 41  
ASN CA  C    sing N N 42  
ASN CA  CB   sing N N 43  
ASN CA  HA   sing N N 44  
ASN C   O    doub N N 45  
ASN C   OXT  sing N N 46  
ASN CB  CG   sing N N 47  
ASN CB  HB2  sing N N 48  
ASN CB  HB3  sing N N 49  
ASN CG  OD1  doub N N 50  
ASN CG  ND2  sing N N 51  
ASN ND2 HD21 sing N N 52  
ASN ND2 HD22 sing N N 53  
ASN OXT HXT  sing N N 54  
ASP N   CA   sing N N 55  
ASP N   H    sing N N 56  
ASP N   H2   sing N N 57  
ASP CA  C    sing N N 58  
ASP CA  CB   sing N N 59  
ASP CA  HA   sing N N 60  
ASP C   O    doub N N 61  
ASP C   OXT  sing N N 62  
ASP CB  CG   sing N N 63  
ASP CB  HB2  sing N N 64  
ASP CB  HB3  sing N N 65  
ASP CG  OD1  doub N N 66  
ASP CG  OD2  sing N N 67  
ASP OD2 HD2  sing N N 68  
ASP OXT HXT  sing N N 69  
GLN N   CA   sing N N 70  
GLN N   H    sing N N 71  
GLN N   H2   sing N N 72  
GLN CA  C    sing N N 73  
GLN CA  CB   sing N N 74  
GLN CA  HA   sing N N 75  
GLN C   O    doub N N 76  
GLN C   OXT  sing N N 77  
GLN CB  CG   sing N N 78  
GLN CB  HB2  sing N N 79  
GLN CB  HB3  sing N N 80  
GLN CG  CD   sing N N 81  
GLN CG  HG2  sing N N 82  
GLN CG  HG3  sing N N 83  
GLN CD  OE1  doub N N 84  
GLN CD  NE2  sing N N 85  
GLN NE2 HE21 sing N N 86  
GLN NE2 HE22 sing N N 87  
GLN OXT HXT  sing N N 88  
GLU N   CA   sing N N 89  
GLU N   H    sing N N 90  
GLU N   H2   sing N N 91  
GLU CA  C    sing N N 92  
GLU CA  CB   sing N N 93  
GLU CA  HA   sing N N 94  
GLU C   O    doub N N 95  
GLU C   OXT  sing N N 96  
GLU CB  CG   sing N N 97  
GLU CB  HB2  sing N N 98  
GLU CB  HB3  sing N N 99  
GLU CG  CD   sing N N 100 
GLU CG  HG2  sing N N 101 
GLU CG  HG3  sing N N 102 
GLU CD  OE1  doub N N 103 
GLU CD  OE2  sing N N 104 
GLU OE2 HE2  sing N N 105 
GLU OXT HXT  sing N N 106 
GLY N   CA   sing N N 107 
GLY N   H    sing N N 108 
GLY N   H2   sing N N 109 
GLY CA  C    sing N N 110 
GLY CA  HA2  sing N N 111 
GLY CA  HA3  sing N N 112 
GLY C   O    doub N N 113 
GLY C   OXT  sing N N 114 
GLY OXT HXT  sing N N 115 
HIS N   CA   sing N N 116 
HIS N   H    sing N N 117 
HIS N   H2   sing N N 118 
HIS CA  C    sing N N 119 
HIS CA  CB   sing N N 120 
HIS CA  HA   sing N N 121 
HIS C   O    doub N N 122 
HIS C   OXT  sing N N 123 
HIS CB  CG   sing N N 124 
HIS CB  HB2  sing N N 125 
HIS CB  HB3  sing N N 126 
HIS CG  ND1  sing Y N 127 
HIS CG  CD2  doub Y N 128 
HIS ND1 CE1  doub Y N 129 
HIS ND1 HD1  sing N N 130 
HIS CD2 NE2  sing Y N 131 
HIS CD2 HD2  sing N N 132 
HIS CE1 NE2  sing Y N 133 
HIS CE1 HE1  sing N N 134 
HIS NE2 HE2  sing N N 135 
HIS OXT HXT  sing N N 136 
HOH O   H1   sing N N 137 
HOH O   H2   sing N N 138 
ILE N   CA   sing N N 139 
ILE N   H    sing N N 140 
ILE N   H2   sing N N 141 
ILE CA  C    sing N N 142 
ILE CA  CB   sing N N 143 
ILE CA  HA   sing N N 144 
ILE C   O    doub N N 145 
ILE C   OXT  sing N N 146 
ILE CB  CG1  sing N N 147 
ILE CB  CG2  sing N N 148 
ILE CB  HB   sing N N 149 
ILE CG1 CD1  sing N N 150 
ILE CG1 HG12 sing N N 151 
ILE CG1 HG13 sing N N 152 
ILE CG2 HG21 sing N N 153 
ILE CG2 HG22 sing N N 154 
ILE CG2 HG23 sing N N 155 
ILE CD1 HD11 sing N N 156 
ILE CD1 HD12 sing N N 157 
ILE CD1 HD13 sing N N 158 
ILE OXT HXT  sing N N 159 
LEU N   CA   sing N N 160 
LEU N   H    sing N N 161 
LEU N   H2   sing N N 162 
LEU CA  C    sing N N 163 
LEU CA  CB   sing N N 164 
LEU CA  HA   sing N N 165 
LEU C   O    doub N N 166 
LEU C   OXT  sing N N 167 
LEU CB  CG   sing N N 168 
LEU CB  HB2  sing N N 169 
LEU CB  HB3  sing N N 170 
LEU CG  CD1  sing N N 171 
LEU CG  CD2  sing N N 172 
LEU CG  HG   sing N N 173 
LEU CD1 HD11 sing N N 174 
LEU CD1 HD12 sing N N 175 
LEU CD1 HD13 sing N N 176 
LEU CD2 HD21 sing N N 177 
LEU CD2 HD22 sing N N 178 
LEU CD2 HD23 sing N N 179 
LEU OXT HXT  sing N N 180 
LYS N   CA   sing N N 181 
LYS N   H    sing N N 182 
LYS N   H2   sing N N 183 
LYS CA  C    sing N N 184 
LYS CA  CB   sing N N 185 
LYS CA  HA   sing N N 186 
LYS C   O    doub N N 187 
LYS C   OXT  sing N N 188 
LYS CB  CG   sing N N 189 
LYS CB  HB2  sing N N 190 
LYS CB  HB3  sing N N 191 
LYS CG  CD   sing N N 192 
LYS CG  HG2  sing N N 193 
LYS CG  HG3  sing N N 194 
LYS CD  CE   sing N N 195 
LYS CD  HD2  sing N N 196 
LYS CD  HD3  sing N N 197 
LYS CE  NZ   sing N N 198 
LYS CE  HE2  sing N N 199 
LYS CE  HE3  sing N N 200 
LYS NZ  HZ1  sing N N 201 
LYS NZ  HZ2  sing N N 202 
LYS NZ  HZ3  sing N N 203 
LYS OXT HXT  sing N N 204 
MET N   CA   sing N N 205 
MET N   H    sing N N 206 
MET N   H2   sing N N 207 
MET CA  C    sing N N 208 
MET CA  CB   sing N N 209 
MET CA  HA   sing N N 210 
MET C   O    doub N N 211 
MET C   OXT  sing N N 212 
MET CB  CG   sing N N 213 
MET CB  HB2  sing N N 214 
MET CB  HB3  sing N N 215 
MET CG  SD   sing N N 216 
MET CG  HG2  sing N N 217 
MET CG  HG3  sing N N 218 
MET SD  CE   sing N N 219 
MET CE  HE1  sing N N 220 
MET CE  HE2  sing N N 221 
MET CE  HE3  sing N N 222 
MET OXT HXT  sing N N 223 
PEG C1  O1   sing N N 224 
PEG C1  C2   sing N N 225 
PEG C1  H11  sing N N 226 
PEG C1  H12  sing N N 227 
PEG O1  HO1  sing N N 228 
PEG C2  O2   sing N N 229 
PEG C2  H21  sing N N 230 
PEG C2  H22  sing N N 231 
PEG O2  C3   sing N N 232 
PEG C3  C4   sing N N 233 
PEG C3  H31  sing N N 234 
PEG C3  H32  sing N N 235 
PEG C4  O4   sing N N 236 
PEG C4  H41  sing N N 237 
PEG C4  H42  sing N N 238 
PEG O4  HO4  sing N N 239 
TYR N   CA   sing N N 240 
TYR N   H    sing N N 241 
TYR N   H2   sing N N 242 
TYR CA  C    sing N N 243 
TYR CA  CB   sing N N 244 
TYR CA  HA   sing N N 245 
TYR C   O    doub N N 246 
TYR C   OXT  sing N N 247 
TYR CB  CG   sing N N 248 
TYR CB  HB2  sing N N 249 
TYR CB  HB3  sing N N 250 
TYR CG  CD1  doub Y N 251 
TYR CG  CD2  sing Y N 252 
TYR CD1 CE1  sing Y N 253 
TYR CD1 HD1  sing N N 254 
TYR CD2 CE2  doub Y N 255 
TYR CD2 HD2  sing N N 256 
TYR CE1 CZ   doub Y N 257 
TYR CE1 HE1  sing N N 258 
TYR CE2 CZ   sing Y N 259 
TYR CE2 HE2  sing N N 260 
TYR CZ  OH   sing N N 261 
TYR OH  HH   sing N N 262 
TYR OXT HXT  sing N N 263 
VAL N   CA   sing N N 264 
VAL N   H    sing N N 265 
VAL N   H2   sing N N 266 
VAL CA  C    sing N N 267 
VAL CA  CB   sing N N 268 
VAL CA  HA   sing N N 269 
VAL C   O    doub N N 270 
VAL C   OXT  sing N N 271 
VAL CB  CG1  sing N N 272 
VAL CB  CG2  sing N N 273 
VAL CB  HB   sing N N 274 
VAL CG1 HG11 sing N N 275 
VAL CG1 HG12 sing N N 276 
VAL CG1 HG13 sing N N 277 
VAL CG2 HG21 sing N N 278 
VAL CG2 HG22 sing N N 279 
VAL CG2 HG23 sing N N 280 
VAL OXT HXT  sing N N 281 
# 
_pdbx_initial_refinement_model.accession_code   ? 
_pdbx_initial_refinement_model.id               1 
_pdbx_initial_refinement_model.entity_id_list   ? 
_pdbx_initial_refinement_model.type             'in silico model' 
_pdbx_initial_refinement_model.source_name      PHYRE 
_pdbx_initial_refinement_model.details          'Chimeric model built by Phyre' 
# 
_atom_sites.entry_id                    5KHT 
_atom_sites.fract_transf_matrix[1][1]   -0.01124521 
_atom_sites.fract_transf_matrix[1][2]   0.01674274 
_atom_sites.fract_transf_matrix[1][3]   0.02076062 
_atom_sites.fract_transf_matrix[2][1]   -0.02151064 
_atom_sites.fract_transf_matrix[2][2]   0.00613333 
_atom_sites.fract_transf_matrix[2][3]   -0.02048610 
_atom_sites.fract_transf_matrix[3][1]   -0.00278906 
_atom_sites.fract_transf_matrix[3][2]   -0.02797620 
_atom_sites.fract_transf_matrix[3][3]   0.01224068 
_atom_sites.fract_transf_vector[1]      0.178528 
_atom_sites.fract_transf_vector[2]      -1.998798 
_atom_sites.fract_transf_vector[3]      1.468016 
# 
loop_
_atom_type.symbol 
C 
N 
O 
S 
# 
loop_
_atom_site.group_PDB 
_atom_site.id 
_atom_site.type_symbol 
_atom_site.label_atom_id 
_atom_site.label_alt_id 
_atom_site.label_comp_id 
_atom_site.label_asym_id 
_atom_site.label_entity_id 
_atom_site.label_seq_id 
_atom_site.pdbx_PDB_ins_code 
_atom_site.Cartn_x 
_atom_site.Cartn_y 
_atom_site.Cartn_z 
_atom_site.occupancy 
_atom_site.B_iso_or_equiv 
_atom_site.pdbx_formal_charge 
_atom_site.auth_seq_id 
_atom_site.auth_comp_id 
_atom_site.auth_asym_id 
_atom_site.auth_atom_id 
_atom_site.pdbx_PDB_model_num 
ATOM   1    N N   . GLY A 1 1  ? 29.223  -0.660  26.541  1.00 40.40 ? -1  GLY A N   1 
ATOM   2    C CA  . GLY A 1 1  ? 28.297  -0.893  25.450  1.00 31.54 ? -1  GLY A CA  1 
ATOM   3    C C   . GLY A 1 1  ? 26.878  -0.460  25.768  1.00 30.20 ? -1  GLY A C   1 
ATOM   4    O O   . GLY A 1 1  ? 26.283  0.300   25.002  1.00 27.10 ? -1  GLY A O   1 
ATOM   5    N N   . MET A 1 2  ? 26.340  -0.930  26.892  1.00 24.77 ? 1   MET A N   1 
ATOM   6    C CA  . MET A 1 2  ? 24.934  -0.690  27.236  1.00 25.09 ? 1   MET A CA  1 
ATOM   7    C C   . MET A 1 2  ? 24.536  0.776   27.317  1.00 29.09 ? 1   MET A C   1 
ATOM   8    O O   . MET A 1 2  ? 23.415  1.131   26.950  1.00 28.83 ? 1   MET A O   1 
ATOM   9    C CB  . MET A 1 2  ? 24.557  -1.399  28.532  1.00 28.40 ? 1   MET A CB  1 
ATOM   10   C CG  . MET A 1 2  ? 24.556  -2.902  28.387  1.00 33.90 ? 1   MET A CG  1 
ATOM   11   S SD  . MET A 1 2  ? 24.372  -3.794  29.940  1.00 40.84 ? 1   MET A SD  1 
ATOM   12   C CE  . MET A 1 2  ? 22.632  -3.532  30.305  1.00 29.93 ? 1   MET A CE  1 
ATOM   13   N N   . ASP A 1 3  ? 25.444  1.620   27.790  1.00 28.87 ? 2   ASP A N   1 
ATOM   14   C CA  . ASP A 1 3  ? 25.171  3.058   27.847  1.00 24.01 ? 2   ASP A CA  1 
ATOM   15   C C   . ASP A 1 3  ? 24.946  3.665   26.456  1.00 28.53 ? 2   ASP A C   1 
ATOM   16   O O   . ASP A 1 3  ? 24.005  4.430   26.248  1.00 27.12 ? 2   ASP A O   1 
ATOM   17   C CB  . ASP A 1 3  ? 26.285  3.809   28.590  1.00 31.60 ? 2   ASP A CB  1 
ATOM   18   C CG  . ASP A 1 3  ? 27.653  3.652   27.933  1.00 37.77 ? 2   ASP A CG  1 
ATOM   19   O OD1 . ASP A 1 3  ? 27.936  2.582   27.344  1.00 39.84 ? 2   ASP A OD1 1 
ATOM   20   O OD2 . ASP A 1 3  ? 28.454  4.607   28.017  1.00 46.10 ? 2   ASP A OD2 1 
ATOM   21   N N   . ALA A 1 4  ? 25.805  3.314   25.505  1.00 29.19 ? 3   ALA A N   1 
ATOM   22   C CA  . ALA A 1 4  ? 25.659  3.799   24.138  1.00 24.81 ? 3   ALA A CA  1 
ATOM   23   C C   . ALA A 1 4  ? 24.391  3.260   23.475  1.00 24.33 ? 3   ALA A C   1 
ATOM   24   O O   . ALA A 1 4  ? 23.773  3.944   22.644  1.00 24.58 ? 3   ALA A O   1 
ATOM   25   C CB  . ALA A 1 4  ? 26.876  3.435   23.322  1.00 27.77 ? 3   ALA A CB  1 
ATOM   26   N N   . ILE A 1 5  ? 24.020  2.032   23.823  1.00 23.67 ? 4   ILE A N   1 
ATOM   27   C CA  . ILE A 1 5  ? 22.803  1.416   23.301  1.00 20.27 ? 4   ILE A CA  1 
ATOM   28   C C   . ILE A 1 5  ? 21.573  2.221   23.694  1.00 25.13 ? 4   ILE A C   1 
ATOM   29   O O   . ILE A 1 5  ? 20.741  2.518   22.840  1.00 21.98 ? 4   ILE A O   1 
ATOM   30   C CB  . ILE A 1 5  ? 22.665  -0.063  23.743  1.00 20.62 ? 4   ILE A CB  1 
ATOM   31   C CG1 . ILE A 1 5  ? 23.668  -0.923  22.978  1.00 23.39 ? 4   ILE A CG1 1 
ATOM   32   C CG2 . ILE A 1 5  ? 21.253  -0.596  23.481  1.00 24.59 ? 4   ILE A CG2 1 
ATOM   33   C CD1 . ILE A 1 5  ? 23.621  -2.392  23.350  1.00 30.53 ? 4   ILE A CD1 1 
ATOM   34   N N   . LYS A 1 6  ? 21.458  2.583   24.973  1.00 21.78 ? 5   LYS A N   1 
ATOM   35   C CA  . LYS A 1 6  ? 20.330  3.394   25.432  1.00 24.68 ? 5   LYS A CA  1 
ATOM   36   C C   . LYS A 1 6  ? 20.272  4.745   24.723  1.00 28.24 ? 5   LYS A C   1 
ATOM   37   O O   . LYS A 1 6  ? 19.198  5.252   24.388  1.00 25.67 ? 5   LYS A O   1 
ATOM   38   C CB  . LYS A 1 6  ? 20.402  3.606   26.945  1.00 27.85 ? 5   LYS A CB  1 
ATOM   39   C CG  . LYS A 1 6  ? 19.853  2.465   27.772  1.00 28.35 ? 5   LYS A CG  1 
ATOM   40   C CD  . LYS A 1 6  ? 19.981  2.791   29.256  1.00 37.42 ? 5   LYS A CD  1 
ATOM   41   C CE  . LYS A 1 6  ? 19.347  1.712   30.121  1.00 34.18 ? 5   LYS A CE  1 
ATOM   42   N NZ  . LYS A 1 6  ? 19.542  1.963   31.576  1.00 37.42 ? 5   LYS A NZ  1 
ATOM   43   N N   . LYS A 1 7  ? 21.437  5.330   24.490  1.00 22.82 ? 6   LYS A N   1 
ATOM   44   C CA  . LYS A 1 7  ? 21.511  6.591   23.771  1.00 21.96 ? 6   LYS A CA  1 
ATOM   45   C C   . LYS A 1 7  ? 21.051  6.452   22.313  1.00 22.35 ? 6   LYS A C   1 
ATOM   46   O O   . LYS A 1 7  ? 20.364  7.329   21.783  1.00 24.60 ? 6   LYS A O   1 
ATOM   47   C CB  . LYS A 1 7  ? 22.925  7.166   23.883  1.00 30.73 ? 6   LYS A CB  1 
ATOM   48   C CG  . LYS A 1 7  ? 23.269  7.570   25.317  1.00 30.24 ? 6   LYS A CG  1 
ATOM   49   C CD  . LYS A 1 7  ? 24.754  7.386   25.663  1.00 36.81 ? 6   LYS A CD  1 
ATOM   50   C CE  . LYS A 1 7  ? 25.687  8.199   24.774  1.00 39.25 ? 6   LYS A CE  1 
ATOM   51   N NZ  . LYS A 1 7  ? 26.322  7.388   23.693  1.00 39.60 ? 6   LYS A NZ  1 
ATOM   52   N N   . LYS A 1 8  ? 21.399  5.341   21.674  1.00 21.41 ? 7   LYS A N   1 
ATOM   53   C CA  . LYS A 1 8  ? 20.964  5.085   20.309  1.00 22.58 ? 7   LYS A CA  1 
ATOM   54   C C   . LYS A 1 8  ? 19.457  4.864   20.236  1.00 22.58 ? 7   LYS A C   1 
ATOM   55   O O   . LYS A 1 8  ? 18.798  5.338   19.302  1.00 24.48 ? 7   LYS A O   1 
ATOM   56   C CB  . LYS A 1 8  ? 21.696  3.867   19.762  1.00 25.77 ? 7   LYS A CB  1 
ATOM   57   C CG  . LYS A 1 8  ? 22.115  3.973   18.312  1.00 33.41 ? 7   LYS A CG  1 
ATOM   58   C CD  . LYS A 1 8  ? 23.492  3.339   18.113  1.00 37.81 ? 7   LYS A CD  1 
ATOM   59   C CE  . LYS A 1 8  ? 23.786  2.293   19.194  1.00 38.52 ? 7   LYS A CE  1 
ATOM   60   N NZ  . LYS A 1 8  ? 24.724  1.218   18.749  1.00 45.63 ? 7   LYS A NZ  1 
ATOM   61   N N   . MET A 1 9  ? 18.919  4.140   21.217  1.00 20.91 ? 8   MET A N   1 
ATOM   62   C CA  . MET A 1 9  ? 17.490  3.862   21.278  1.00 20.58 ? 8   MET A CA  1 
ATOM   63   C C   . MET A 1 9  ? 16.715  5.156   21.407  1.00 22.39 ? 8   MET A C   1 
ATOM   64   O O   . MET A 1 9  ? 15.622  5.278   20.871  1.00 23.44 ? 8   MET A O   1 
ATOM   65   C CB  . MET A 1 9  ? 17.158  2.946   22.444  1.00 23.56 ? 8   MET A CB  1 
ATOM   66   C CG  . MET A 1 9  ? 17.582  1.521   22.201  1.00 26.86 ? 8   MET A CG  1 
ATOM   67   S SD  . MET A 1 9  ? 17.401  0.488   23.663  1.00 33.00 ? 8   MET A SD  1 
ATOM   68   C CE  . MET A 1 9  ? 15.649  0.681   24.011  1.00 32.67 ? 8   MET A CE  1 
ATOM   69   N N   . GLN A 1 10 ? 17.283  6.124   22.116  1.00 19.67 ? 9   GLN A N   1 
ATOM   70   C CA  . GLN A 1 10 ? 16.651  7.430   22.210  1.00 22.95 ? 9   GLN A CA  1 
ATOM   71   C C   . GLN A 1 10 ? 16.519  8.139   20.878  1.00 22.27 ? 9   GLN A C   1 
ATOM   72   O O   . GLN A 1 10 ? 15.481  8.742   20.608  1.00 23.42 ? 9   GLN A O   1 
ATOM   73   C CB  . GLN A 1 10 ? 17.400  8.319   23.191  1.00 26.41 ? 9   GLN A CB  1 
ATOM   74   C CG  . GLN A 1 10 ? 17.184  7.893   24.615  1.00 35.34 ? 9   GLN A CG  1 
ATOM   75   C CD  . GLN A 1 10 ? 15.719  7.715   24.923  1.00 35.44 ? 9   GLN A CD  1 
ATOM   76   O OE1 . GLN A 1 10 ? 14.887  8.546   24.541  1.00 34.33 ? 9   GLN A OE1 1 
ATOM   77   N NE2 . GLN A 1 10 ? 15.385  6.626   25.605  1.00 38.61 ? 9   GLN A NE2 1 
ATOM   78   N N   . MET A 1 11 ? 17.566  8.093   20.058  1.00 21.51 ? 10  MET A N   1 
ATOM   79   C CA  . MET A 1 11 ? 17.529  8.693   18.722  1.00 26.79 ? 10  MET A CA  1 
ATOM   80   C C   . MET A 1 11 ? 16.569  7.949   17.791  1.00 24.97 ? 10  MET A C   1 
ATOM   81   O O   . MET A 1 11 ? 15.867  8.563   16.991  1.00 23.85 ? 10  MET A O   1 
ATOM   82   C CB  . MET A 1 11 ? 18.923  8.735   18.090  1.00 28.04 ? 10  MET A CB  1 
ATOM   83   C CG  . MET A 1 11 ? 19.786  9.930   18.494  1.00 27.20 ? 10  MET A CG  1 
ATOM   84   S SD  . MET A 1 11 ? 19.048  11.565  18.173  1.00 31.56 ? 10  MET A SD  1 
ATOM   85   C CE  . MET A 1 11 ? 18.565  12.005  19.848  1.00 37.72 ? 10  MET A CE  1 
ATOM   86   N N   . LEU A 1 12 ? 16.560  6.625   17.889  1.00 18.36 ? 11  LEU A N   1 
ATOM   87   C CA  . LEU A 1 12 ? 15.662  5.794   17.093  1.00 19.49 ? 11  LEU A CA  1 
ATOM   88   C C   . LEU A 1 12 ? 14.208  6.080   17.428  1.00 21.63 ? 11  LEU A C   1 
ATOM   89   O O   . LEU A 1 12 ? 13.341  6.068   16.552  1.00 19.61 ? 11  LEU A O   1 
ATOM   90   C CB  . LEU A 1 12 ? 15.952  4.312   17.342  1.00 18.46 ? 11  LEU A CB  1 
ATOM   91   C CG  . LEU A 1 12 ? 17.247  3.769   16.731  1.00 19.44 ? 11  LEU A CG  1 
ATOM   92   C CD1 . LEU A 1 12 ? 17.531  2.367   17.256  1.00 19.95 ? 11  LEU A CD1 1 
ATOM   93   C CD2 . LEU A 1 12 ? 17.155  3.768   15.209  1.00 24.52 ? 11  LEU A CD2 1 
ATOM   94   N N   . LYS A 1 13 ? 13.950  6.333   18.703  1.00 15.93 ? 12  LYS A N   1 
ATOM   95   C CA  . LYS A 1 13 ? 12.607  6.631   19.177  1.00 22.58 ? 12  LYS A CA  1 
ATOM   96   C C   . LYS A 1 13 ? 12.128  7.984   18.654  1.00 19.31 ? 12  LYS A C   1 
ATOM   97   O O   . LYS A 1 13 ? 10.972  8.102   18.225  1.00 20.12 ? 12  LYS A O   1 
ATOM   98   C CB  . LYS A 1 13 ? 12.568  6.597   20.704  1.00 25.75 ? 12  LYS A CB  1 
ATOM   99   C CG  . LYS A 1 13 ? 11.238  6.989   21.310  1.00 28.65 ? 12  LYS A CG  1 
ATOM   100  C CD  . LYS A 1 13 ? 11.320  6.947   22.829  1.00 29.81 ? 12  LYS A CD  1 
ATOM   101  C CE  . LYS A 1 13 ? 10.116  7.629   23.467  1.00 38.36 ? 12  LYS A CE  1 
ATOM   102  N NZ  . LYS A 1 13 ? 10.094  9.096   23.224  1.00 36.39 ? 12  LYS A NZ  1 
ATOM   103  N N   . LEU A 1 14 ? 13.004  8.993   18.676  1.00 18.23 ? 13  LEU A N   1 
ATOM   104  C CA  . LEU A 1 14 ? 12.697  10.285  18.065  1.00 19.34 ? 13  LEU A CA  1 
ATOM   105  C C   . LEU A 1 14 ? 12.389  10.104  16.582  1.00 18.33 ? 13  LEU A C   1 
ATOM   106  O O   . LEU A 1 14 ? 11.416  10.679  16.061  1.00 18.61 ? 13  LEU A O   1 
ATOM   107  C CB  . LEU A 1 14 ? 13.872  11.262  18.237  1.00 16.56 ? 13  LEU A CB  1 
ATOM   108  C CG  . LEU A 1 14 ? 13.790  12.554  17.419  1.00 20.04 ? 13  LEU A CG  1 
ATOM   109  C CD1 . LEU A 1 14 ? 12.569  13.369  17.825  1.00 24.66 ? 13  LEU A CD1 1 
ATOM   110  C CD2 . LEU A 1 14 ? 15.074  13.377  17.560  1.00 23.16 ? 13  LEU A CD2 1 
ATOM   111  N N   . ASP A 1 15 ? 13.210  9.295   15.911  1.00 18.87 ? 14  ASP A N   1 
ATOM   112  C CA  . ASP A 1 15 ? 13.013  8.976   14.500  1.00 19.21 ? 14  ASP A CA  1 
ATOM   113  C C   . ASP A 1 15 ? 11.661  8.336   14.247  1.00 16.64 ? 14  ASP A C   1 
ATOM   114  O O   . ASP A 1 15 ? 10.953  8.742   13.320  1.00 19.92 ? 14  ASP A O   1 
ATOM   115  C CB  . ASP A 1 15 ? 14.099  8.019   14.002  1.00 27.02 ? 14  ASP A CB  1 
ATOM   116  C CG  . ASP A 1 15 ? 15.454  8.679   13.879  1.00 36.72 ? 14  ASP A CG  1 
ATOM   117  O OD1 . ASP A 1 15 ? 15.502  9.903   13.637  1.00 35.02 ? 14  ASP A OD1 1 
ATOM   118  O OD2 . ASP A 1 15 ? 16.469  7.958   14.005  1.00 32.63 ? 14  ASP A OD2 1 
ATOM   119  N N   . LYS A 1 16 ? 11.333  7.322   15.044  1.00 17.24 ? 15  LYS A N   1 
ATOM   120  C CA  . LYS A 1 16 ? 10.063  6.606   14.909  1.00 15.55 ? 15  LYS A CA  1 
ATOM   121  C C   . LYS A 1 16 ? 8.906   7.562   15.098  1.00 21.76 ? 15  LYS A C   1 
ATOM   122  O O   . LYS A 1 16 ? 7.974   7.577   14.287  1.00 21.34 ? 15  LYS A O   1 
ATOM   123  C CB  . LYS A 1 16 ? 9.966   5.484   15.939  1.00 20.07 ? 15  LYS A CB  1 
ATOM   124  C CG  . LYS A 1 16 ? 8.659   4.716   15.870  1.00 23.26 ? 15  LYS A CG  1 
ATOM   125  C CD  . LYS A 1 16 ? 8.558   3.687   16.974  1.00 27.45 ? 15  LYS A CD  1 
ATOM   126  C CE  . LYS A 1 16 ? 8.412   4.323   18.334  1.00 32.36 ? 15  LYS A CE  1 
ATOM   127  N NZ  . LYS A 1 16 ? 7.891   3.316   19.311  1.00 37.86 ? 15  LYS A NZ  1 
ATOM   128  N N   . GLU A 1 17 ? 8.982   8.383   16.144  1.00 17.40 ? 16  GLU A N   1 
ATOM   129  C CA  . GLU A 1 17 ? 7.909   9.337   16.423  1.00 19.85 ? 16  GLU A CA  1 
ATOM   130  C C   . GLU A 1 17 ? 7.711   10.346  15.310  1.00 17.66 ? 16  GLU A C   1 
ATOM   131  O O   . GLU A 1 17 ? 6.582   10.652  14.951  1.00 18.55 ? 16  GLU A O   1 
ATOM   132  C CB  . GLU A 1 17 ? 8.139   10.041  17.755  1.00 21.58 ? 16  GLU A CB  1 
ATOM   133  C CG  . GLU A 1 17 ? 7.963   9.102   18.942  1.00 30.39 ? 16  GLU A CG  1 
ATOM   134  C CD  . GLU A 1 17 ? 8.361   9.729   20.258  1.00 37.41 ? 16  GLU A CD  1 
ATOM   135  O OE1 . GLU A 1 17 ? 8.757   10.916  20.263  1.00 45.49 ? 16  GLU A OE1 1 
ATOM   136  O OE2 . GLU A 1 17 ? 8.274   9.030   21.290  1.00 33.61 ? 16  GLU A OE2 1 
ATOM   137  N N   . ASN A 1 18 ? 8.800   10.852  14.745  1.00 16.17 ? 17  ASN A N   1 
ATOM   138  C CA  . ASN A 1 18 ? 8.697   11.794  13.638  1.00 13.27 ? 17  ASN A CA  1 
ATOM   139  C C   . ASN A 1 18 ? 8.021   11.174  12.403  1.00 16.46 ? 17  ASN A C   1 
ATOM   140  O O   . ASN A 1 18 ? 7.235   11.840  11.711  1.00 18.02 ? 17  ASN A O   1 
ATOM   141  C CB  . ASN A 1 18 ? 10.075  12.336  13.262  1.00 18.91 ? 17  ASN A CB  1 
ATOM   142  C CG  . ASN A 1 18 ? 10.570  13.387  14.229  1.00 18.17 ? 17  ASN A CG  1 
ATOM   143  O OD1 . ASN A 1 18 ? 9.823   13.868  15.093  1.00 17.06 ? 17  ASN A OD1 1 
ATOM   144  N ND2 . ASN A 1 18 ? 11.846  13.745  14.097  1.00 16.55 ? 17  ASN A ND2 1 
ATOM   145  N N   . ALA A 1 19 ? 8.344   9.913   12.125  1.00 21.34 ? 18  ALA A N   1 
ATOM   146  C CA  . ALA A 1 19 ? 7.751   9.202   10.986  1.00 15.60 ? 18  ALA A CA  1 
ATOM   147  C C   . ALA A 1 19 ? 6.274   8.936   11.236  1.00 21.69 ? 18  ALA A C   1 
ATOM   148  O O   . ALA A 1 19 ? 5.452   9.066   10.330  1.00 19.65 ? 18  ALA A O   1 
ATOM   149  C CB  . ALA A 1 19 ? 8.485   7.887   10.726  1.00 18.95 ? 18  ALA A CB  1 
ATOM   150  N N   . LEU A 1 20 ? 5.945   8.568   12.471  1.00 15.58 ? 19  LEU A N   1 
ATOM   151  C CA  . LEU A 1 20 ? 4.546   8.349   12.855  1.00 23.26 ? 19  LEU A CA  1 
ATOM   152  C C   . LEU A 1 20 ? 3.737   9.631   12.695  1.00 18.59 ? 19  LEU A C   1 
ATOM   153  O O   . LEU A 1 20 ? 2.596   9.612   12.210  1.00 19.57 ? 19  LEU A O   1 
ATOM   154  C CB  . LEU A 1 20 ? 4.441   7.820   14.284  1.00 22.61 ? 19  LEU A CB  1 
ATOM   155  C CG  . LEU A 1 20 ? 4.828   6.344   14.380  1.00 19.32 ? 19  LEU A CG  1 
ATOM   156  C CD1 . LEU A 1 20 ? 4.825   5.873   15.827  1.00 19.62 ? 19  LEU A CD1 1 
ATOM   157  C CD2 . LEU A 1 20 ? 3.914   5.466   13.521  1.00 26.25 ? 19  LEU A CD2 1 
ATOM   158  N N   . ASP A 1 21 ? 4.330   10.750  13.100  1.00 16.96 ? 20  ASP A N   1 
ATOM   159  C CA  . ASP A 1 21 ? 3.723   12.056  12.860  1.00 18.95 ? 20  ASP A CA  1 
ATOM   160  C C   . ASP A 1 21 ? 3.507   12.334  11.373  1.00 22.46 ? 20  ASP A C   1 
ATOM   161  O O   . ASP A 1 21 ? 2.431   12.798  10.998  1.00 21.93 ? 20  ASP A O   1 
ATOM   162  C CB  . ASP A 1 21 ? 4.543   13.187  13.493  1.00 22.28 ? 20  ASP A CB  1 
ATOM   163  C CG  . ASP A 1 21 ? 3.791   14.515  13.510  1.00 27.34 ? 20  ASP A CG  1 
ATOM   164  O OD1 . ASP A 1 21 ? 2.893   14.680  14.369  1.00 38.87 ? 20  ASP A OD1 1 
ATOM   165  O OD2 . ASP A 1 21 ? 4.091   15.387  12.670  1.00 35.27 ? 20  ASP A OD2 1 
ATOM   166  N N   . ARG A 1 22 ? 4.505   12.052  10.523  1.00 17.91 ? 21  ARG A N   1 
ATOM   167  C CA  . ARG A 1 22 ? 4.337   12.234  9.075   1.00 17.51 ? 21  ARG A CA  1 
ATOM   168  C C   . ARG A 1 22 ? 3.173   11.393  8.563   1.00 18.14 ? 21  ARG A C   1 
ATOM   169  O O   . ARG A 1 22 ? 2.348   11.883  7.801   1.00 18.12 ? 21  ARG A O   1 
ATOM   170  C CB  . ARG A 1 22 ? 5.589   11.832  8.272   1.00 17.07 ? 21  ARG A CB  1 
ATOM   171  C CG  . ARG A 1 22 ? 6.653   12.900  8.124   1.00 20.35 ? 21  ARG A CG  1 
ATOM   172  C CD  . ARG A 1 22 ? 7.902   12.274  7.494   1.00 23.51 ? 21  ARG A CD  1 
ATOM   173  N NE  . ARG A 1 22 ? 7.625   11.725  6.167   1.00 22.98 ? 21  ARG A NE  1 
ATOM   174  C CZ  . ARG A 1 22 ? 8.402   10.849  5.539   1.00 22.89 ? 21  ARG A CZ  1 
ATOM   175  N NH1 . ARG A 1 22 ? 9.503   10.399  6.130   1.00 20.30 ? 21  ARG A NH1 1 
ATOM   176  N NH2 . ARG A 1 22 ? 8.069   10.407  4.330   1.00 20.01 ? 21  ARG A NH2 1 
ATOM   177  N N   . ALA A 1 23 ? 3.154   10.125  8.964   1.00 17.11 ? 22  ALA A N   1 
ATOM   178  C CA  . ALA A 1 23 ? 2.120   9.176   8.552   1.00 16.18 ? 22  ALA A CA  1 
ATOM   179  C C   . ALA A 1 23 ? 0.733   9.637   8.976   1.00 21.90 ? 22  ALA A C   1 
ATOM   180  O O   . ALA A 1 23 ? -0.189  9.647   8.154   1.00 17.94 ? 22  ALA A O   1 
ATOM   181  C CB  . ALA A 1 23 ? 2.398   7.790   9.136   1.00 18.49 ? 22  ALA A CB  1 
ATOM   182  N N   . GLU A 1 24 ? 0.575   9.988   10.254  1.00 17.89 ? 23  GLU A N   1 
ATOM   183  C CA  . GLU A 1 24 ? -0.730  10.432  10.757  1.00 17.38 ? 23  GLU A CA  1 
ATOM   184  C C   . GLU A 1 24 ? -1.198  11.669  10.021  1.00 16.72 ? 23  GLU A C   1 
ATOM   185  O O   . GLU A 1 24 ? -2.383  11.803  9.694   1.00 21.64 ? 23  GLU A O   1 
ATOM   186  C CB  . GLU A 1 24 ? -0.692  10.695  12.266  1.00 21.75 ? 23  GLU A CB  1 
ATOM   187  C CG  . GLU A 1 24 ? -0.667  9.424   13.108  1.00 24.06 ? 23  GLU A CG  1 
ATOM   188  C CD  . GLU A 1 24 ? -0.057  9.633   14.488  1.00 32.73 ? 23  GLU A CD  1 
ATOM   189  O OE1 . GLU A 1 24 ? 0.141   10.803  14.888  1.00 29.44 ? 23  GLU A OE1 1 
ATOM   190  O OE2 . GLU A 1 24 ? 0.238   8.625   15.167  1.00 38.81 ? 23  GLU A OE2 1 
ATOM   191  N N   . GLN A 1 25 ? -0.296  12.590  9.721   1.00 20.25 ? 24  GLN A N   1 
ATOM   192  C CA  A GLN A 1 25 ? -0.685  13.830  9.050   0.43 18.82 ? 24  GLN A CA  1 
ATOM   193  C CA  B GLN A 1 25 ? -0.768  13.790  9.071   0.57 18.79 ? 24  GLN A CA  1 
ATOM   194  C C   . GLN A 1 25 ? -1.040  13.586  7.581   1.00 18.89 ? 24  GLN A C   1 
ATOM   195  O O   . GLN A 1 25 ? -1.977  14.173  7.049   1.00 18.98 ? 24  GLN A O   1 
ATOM   196  C CB  A GLN A 1 25 ? 0.407   14.897  9.188   0.43 21.04 ? 24  GLN A CB  1 
ATOM   197  C CB  B GLN A 1 25 ? 0.113   14.986  9.401   0.57 22.61 ? 24  GLN A CB  1 
ATOM   198  C CG  A GLN A 1 25 ? 0.040   16.036  10.141  0.43 28.50 ? 24  GLN A CG  1 
ATOM   199  C CG  B GLN A 1 25 ? -0.042  15.376  10.881  0.57 24.64 ? 24  GLN A CG  1 
ATOM   200  C CD  A GLN A 1 25 ? -0.771  17.125  9.466   0.43 27.38 ? 24  GLN A CD  1 
ATOM   201  C CD  B GLN A 1 25 ? -1.466  15.139  11.412  0.57 24.48 ? 24  GLN A CD  1 
ATOM   202  O OE1 A GLN A 1 25 ? -0.867  17.167  8.239   0.43 31.91 ? 24  GLN A OE1 1 
ATOM   203  O OE1 B GLN A 1 25 ? -2.408  15.847  11.043  0.57 26.03 ? 24  GLN A OE1 1 
ATOM   204  N NE2 A GLN A 1 25 ? -1.360  18.014  10.263  0.43 28.32 ? 24  GLN A NE2 1 
ATOM   205  N NE2 B GLN A 1 25 ? -1.624  14.126  12.269  0.57 19.71 ? 24  GLN A NE2 1 
ATOM   206  N N   . ALA A 1 26 ? -0.276  12.713  6.934   1.00 18.29 ? 25  ALA A N   1 
ATOM   207  C CA  . ALA A 1 26 ? -0.577  12.315  5.562   1.00 19.08 ? 25  ALA A CA  1 
ATOM   208  C C   . ALA A 1 26 ? -1.919  11.569  5.483   1.00 18.85 ? 25  ALA A C   1 
ATOM   209  O O   . ALA A 1 26 ? -2.708  11.808  4.562   1.00 18.54 ? 25  ALA A O   1 
ATOM   210  C CB  . ALA A 1 26 ? 0.545   11.469  4.999   1.00 20.80 ? 25  ALA A CB  1 
ATOM   211  N N   . GLU A 1 27 ? -2.186  10.681  6.443   1.00 18.68 ? 26  GLU A N   1 
ATOM   212  C CA  . GLU A 1 27 ? -3.467  9.974   6.459   1.00 17.11 ? 26  GLU A CA  1 
ATOM   213  C C   . GLU A 1 27 ? -4.620  10.910  6.801   1.00 18.49 ? 26  GLU A C   1 
ATOM   214  O O   . GLU A 1 27 ? -5.750  10.693  6.356   1.00 18.40 ? 26  GLU A O   1 
ATOM   215  C CB  . GLU A 1 27 ? -3.425  8.782   7.422   1.00 18.30 ? 26  GLU A CB  1 
ATOM   216  C CG  . GLU A 1 27 ? -2.508  7.664   6.935   1.00 20.35 ? 26  GLU A CG  1 
ATOM   217  C CD  . GLU A 1 27 ? -2.269  6.596   7.978   1.00 25.58 ? 26  GLU A CD  1 
ATOM   218  O OE1 . GLU A 1 27 ? -2.937  6.622   9.036   1.00 23.92 ? 26  GLU A OE1 1 
ATOM   219  O OE2 . GLU A 1 27 ? -1.410  5.719   7.735   1.00 24.16 ? 26  GLU A OE2 1 
ATOM   220  N N   . ALA A 1 28 ? -4.357  11.932  7.605   1.00 16.31 ? 27  ALA A N   1 
ATOM   221  C CA  . ALA A 1 28 ? -5.410  12.890  7.908   1.00 12.24 ? 27  ALA A CA  1 
ATOM   222  C C   . ALA A 1 28 ? -5.770  13.649  6.641   1.00 16.31 ? 27  ALA A C   1 
ATOM   223  O O   . ALA A 1 28 ? -6.950  13.876  6.364   1.00 14.53 ? 27  ALA A O   1 
ATOM   224  C CB  . ALA A 1 28 ? -4.992  13.849  9.011   1.00 19.25 ? 27  ALA A CB  1 
ATOM   225  N N   . ASP A 1 29 ? -4.748  14.024  5.874   1.00 17.56 ? 28  ASP A N   1 
ATOM   226  C CA  A ASP A 1 29 ? -4.906  14.706  4.591   0.22 17.38 ? 28  ASP A CA  1 
ATOM   227  C CA  B ASP A 1 29 ? -5.005  14.751  4.633   0.78 17.22 ? 28  ASP A CA  1 
ATOM   228  C C   . ASP A 1 29 ? -5.729  13.858  3.639   1.00 18.49 ? 28  ASP A C   1 
ATOM   229  O O   . ASP A 1 29 ? -6.594  14.343  2.899   1.00 18.43 ? 28  ASP A O   1 
ATOM   230  C CB  A ASP A 1 29 ? -3.525  14.894  3.965   0.22 18.83 ? 28  ASP A CB  1 
ATOM   231  C CB  B ASP A 1 29 ? -3.732  15.337  3.998   0.78 18.95 ? 28  ASP A CB  1 
ATOM   232  C CG  A ASP A 1 29 ? -3.107  16.343  3.872   0.22 23.00 ? 28  ASP A CG  1 
ATOM   233  C CG  B ASP A 1 29 ? -4.035  16.540  3.106   0.78 22.71 ? 28  ASP A CG  1 
ATOM   234  O OD1 A ASP A 1 29 ? -3.942  17.204  3.526   0.22 24.49 ? 28  ASP A OD1 1 
ATOM   235  O OD1 B ASP A 1 29 ? -4.655  17.509  3.605   0.78 27.46 ? 28  ASP A OD1 1 
ATOM   236  O OD2 A ASP A 1 29 ? -1.918  16.609  4.128   0.22 27.09 ? 28  ASP A OD2 1 
ATOM   237  O OD2 B ASP A 1 29 ? -3.682  16.513  1.908   0.78 24.67 ? 28  ASP A OD2 1 
ATOM   238  N N   . ASN A 1 30 ? -5.404  12.576  3.641   1.00 16.53 ? 29  ASN A N   1 
ATOM   239  C CA  . ASN A 1 30 ? -6.045  11.624  2.759   1.00 15.78 ? 29  ASN A CA  1 
ATOM   240  C C   . ASN A 1 30 ? -7.509  11.442  3.102   1.00 18.70 ? 29  ASN A C   1 
ATOM   241  O O   . ASN A 1 30 ? -8.325  11.356  2.192   1.00 14.74 ? 29  ASN A O   1 
ATOM   242  C CB  . ASN A 1 30 ? -5.342  10.277  2.801   1.00 13.76 ? 29  ASN A CB  1 
ATOM   243  C CG  . ASN A 1 30 ? -3.972  10.312  2.157   1.00 19.14 ? 29  ASN A CG  1 
ATOM   244  O OD1 . ASN A 1 30 ? -3.630  11.244  1.410   1.00 14.71 ? 29  ASN A OD1 1 
ATOM   245  N ND2 . ASN A 1 30 ? -3.169  9.295   2.457   1.00 17.57 ? 29  ASN A ND2 1 
ATOM   246  N N   . TYR A 1 31 ? -7.829  11.375  4.395   1.00 16.45 ? 30  TYR A N   1 
ATOM   247  C CA  . TYR A 1 31 ? -9.237  11.332  4.845   1.00 15.77 ? 30  TYR A CA  1 
ATOM   248  C C   . TYR A 1 31 ? -10.036 12.495  4.289   1.00 21.26 ? 30  TYR A C   1 
ATOM   249  O O   . TYR A 1 31 ? -11.159 12.336  3.805   1.00 18.17 ? 30  TYR A O   1 
ATOM   250  C CB  . TYR A 1 31 ? -9.304  11.330  6.374   1.00 16.59 ? 30  TYR A CB  1 
ATOM   251  C CG  . TYR A 1 31 ? -10.701 11.364  6.950   1.00 21.66 ? 30  TYR A CG  1 
ATOM   252  C CD1 . TYR A 1 31 ? -11.498 10.228  6.945   1.00 20.39 ? 30  TYR A CD1 1 
ATOM   253  C CD2 . TYR A 1 31 ? -11.211 12.527  7.523   1.00 20.35 ? 30  TYR A CD2 1 
ATOM   254  C CE1 . TYR A 1 31 ? -12.778 10.243  7.497   1.00 19.42 ? 30  TYR A CE1 1 
ATOM   255  C CE2 . TYR A 1 31 ? -12.489 12.556  8.073   1.00 22.46 ? 30  TYR A CE2 1 
ATOM   256  C CZ  . TYR A 1 31 ? -13.263 11.414  8.055   1.00 21.34 ? 30  TYR A CZ  1 
ATOM   257  O OH  . TYR A 1 31 ? -14.530 11.423  8.592   1.00 22.18 ? 30  TYR A OH  1 
ATOM   258  N N   . HIS A 1 32 ? -9.456  13.679  4.385   1.00 14.10 ? 31  HIS A N   1 
ATOM   259  C CA  . HIS A 1 32 ? -10.054 14.876  3.831   1.00 13.70 ? 31  HIS A CA  1 
ATOM   260  C C   . HIS A 1 32 ? -10.256 14.760  2.324   1.00 16.78 ? 31  HIS A C   1 
ATOM   261  O O   . HIS A 1 32 ? -11.338 15.063  1.804   1.00 16.58 ? 31  HIS A O   1 
ATOM   262  C CB  . HIS A 1 32 ? -9.162  16.072  4.143   1.00 17.76 ? 31  HIS A CB  1 
ATOM   263  C CG  . HIS A 1 32 ? -9.727  17.357  3.674   1.00 20.68 ? 31  HIS A CG  1 
ATOM   264  N ND1 . HIS A 1 32 ? -9.332  17.946  2.495   1.00 17.37 ? 31  HIS A ND1 1 
ATOM   265  C CD2 . HIS A 1 32 ? -10.680 18.162  4.201   1.00 18.57 ? 31  HIS A CD2 1 
ATOM   266  C CE1 . HIS A 1 32 ? -10.017 19.067  2.317   1.00 26.12 ? 31  HIS A CE1 1 
ATOM   267  N NE2 . HIS A 1 32 ? -10.833 19.219  3.341   1.00 28.52 ? 31  HIS A NE2 1 
ATOM   268  N N   . LEU A 1 33 ? -9.208  14.339  1.619   1.00 18.38 ? 32  LEU A N   1 
ATOM   269  C CA  . LEU A 1 33 ? -9.266  14.196  0.176   1.00 10.99 ? 32  LEU A CA  1 
ATOM   270  C C   . LEU A 1 33 ? -10.254 13.121  -0.246  1.00 13.64 ? 32  LEU A C   1 
ATOM   271  O O   . LEU A 1 33 ? -10.980 13.312  -1.214  1.00 16.42 ? 32  LEU A O   1 
ATOM   272  C CB  . LEU A 1 33 ? -7.879  13.898  -0.404  1.00 16.71 ? 32  LEU A CB  1 
ATOM   273  C CG  . LEU A 1 33 ? -6.837  15.018  -0.399  1.00 13.11 ? 32  LEU A CG  1 
ATOM   274  C CD1 . LEU A 1 33 ? -5.509  14.460  -0.886  1.00 18.86 ? 32  LEU A CD1 1 
ATOM   275  C CD2 . LEU A 1 33 ? -7.267  16.190  -1.266  1.00 15.55 ? 32  LEU A CD2 1 
ATOM   276  N N   . GLU A 1 34 ? -10.303 12.001  0.476   1.00 15.21 ? 33  GLU A N   1 
ATOM   277  C CA  . GLU A 1 34 ? -11.245 10.951  0.104   1.00 13.51 ? 33  GLU A CA  1 
ATOM   278  C C   . GLU A 1 34 ? -12.688 11.400  0.285   1.00 15.29 ? 33  GLU A C   1 
ATOM   279  O O   . GLU A 1 34 ? -13.565 11.028  -0.501  1.00 16.36 ? 33  GLU A O   1 
ATOM   280  C CB  . GLU A 1 34 ? -10.971 9.665   0.896   1.00 14.17 ? 33  GLU A CB  1 
ATOM   281  C CG  . GLU A 1 34 ? -9.690  8.969   0.451   1.00 17.60 ? 33  GLU A CG  1 
ATOM   282  C CD  . GLU A 1 34 ? -9.597  7.538   0.935   1.00 24.62 ? 33  GLU A CD  1 
ATOM   283  O OE1 . GLU A 1 34 ? -10.227 7.206   1.963   1.00 37.83 ? 33  GLU A OE1 1 
ATOM   284  O OE2 . GLU A 1 34 ? -8.898  6.736   0.280   1.00 45.21 ? 33  GLU A OE2 1 
ATOM   285  N N   . ASN A 1 35 ? -12.935 12.196  1.319   1.00 13.91 ? 34  ASN A N   1 
ATOM   286  C CA  . ASN A 1 35 ? -14.273 12.745  1.526   1.00 15.66 ? 34  ASN A CA  1 
ATOM   287  C C   . ASN A 1 35 ? -14.669 13.699  0.406   1.00 15.81 ? 34  ASN A C   1 
ATOM   288  O O   . ASN A 1 35 ? -15.829 13.722  -0.030  1.00 14.45 ? 34  ASN A O   1 
ATOM   289  C CB  . ASN A 1 35 ? -14.397 13.402  2.905   1.00 20.51 ? 34  ASN A CB  1 
ATOM   290  C CG  . ASN A 1 35 ? -14.720 12.395  4.000   1.00 23.55 ? 34  ASN A CG  1 
ATOM   291  O OD1 . ASN A 1 35 ? -15.870 11.980  4.150   1.00 22.48 ? 34  ASN A OD1 1 
ATOM   292  N ND2 . ASN A 1 35 ? -13.710 12.003  4.774   1.00 27.05 ? 34  ASN A ND2 1 
ATOM   293  N N   . GLU A 1 36 ? -13.707 14.481  -0.077  1.00 18.39 ? 35  GLU A N   1 
ATOM   294  C CA  . GLU A 1 36 ? -13.946 15.368  -1.215  1.00 17.19 ? 35  GLU A CA  1 
ATOM   295  C C   . GLU A 1 36 ? -14.174 14.592  -2.512  1.00 15.12 ? 35  GLU A C   1 
ATOM   296  O O   . GLU A 1 36 ? -15.090 14.907  -3.264  1.00 16.88 ? 35  GLU A O   1 
ATOM   297  C CB  . GLU A 1 36 ? -12.825 16.405  -1.354  1.00 18.48 ? 35  GLU A CB  1 
ATOM   298  C CG  . GLU A 1 36 ? -13.109 17.512  -2.358  1.00 20.66 ? 35  GLU A CG  1 
ATOM   299  C CD  . GLU A 1 36 ? -14.220 18.499  -1.948  1.00 23.28 ? 35  GLU A CD  1 
ATOM   300  O OE1 . GLU A 1 36 ? -14.968 18.261  -0.969  1.00 20.71 ? 35  GLU A OE1 1 
ATOM   301  O OE2 . GLU A 1 36 ? -14.353 19.534  -2.634  1.00 27.82 ? 35  GLU A OE2 1 
ATOM   302  N N   . VAL A 1 37 ? -13.389 13.535  -2.744  1.00 13.90 ? 36  VAL A N   1 
ATOM   303  C CA  . VAL A 1 37 ? -13.622 12.657  -3.895  1.00 12.08 ? 36  VAL A CA  1 
ATOM   304  C C   . VAL A 1 37 ? -15.041 12.082  -3.854  1.00 13.04 ? 36  VAL A C   1 
ATOM   305  O O   . VAL A 1 37 ? -15.723 12.038  -4.878  1.00 15.99 ? 36  VAL A O   1 
ATOM   306  C CB  . VAL A 1 37 ? -12.599 11.494  -3.965  1.00 13.41 ? 36  VAL A CB  1 
ATOM   307  C CG1 . VAL A 1 37 ? -12.994 10.473  -5.023  1.00 14.38 ? 36  VAL A CG1 1 
ATOM   308  C CG2 . VAL A 1 37 ? -11.199 12.044  -4.247  1.00 14.53 ? 36  VAL A CG2 1 
ATOM   309  N N   . ALA A 1 38 ? -15.496 11.674  -2.671  1.00 14.25 ? 37  ALA A N   1 
ATOM   310  C CA  . ALA A 1 38 ? -16.841 11.113  -2.547  1.00 15.26 ? 37  ALA A CA  1 
ATOM   311  C C   . ALA A 1 38 ? -17.906 12.149  -2.869  1.00 16.36 ? 37  ALA A C   1 
ATOM   312  O O   . ALA A 1 38 ? -18.874 11.856  -3.572  1.00 15.31 ? 37  ALA A O   1 
ATOM   313  C CB  . ALA A 1 38 ? -17.061 10.549  -1.154  1.00 13.40 ? 37  ALA A CB  1 
ATOM   314  N N   . ARG A 1 39 ? -17.735 13.357  -2.345  1.00 15.31 ? 38  ARG A N   1 
ATOM   315  C CA  . ARG A 1 39 ? -18.711 14.418  -2.571  1.00 13.65 ? 38  ARG A CA  1 
ATOM   316  C C   . ARG A 1 39 ? -18.799 14.764  -4.052  1.00 16.50 ? 38  ARG A C   1 
ATOM   317  O O   . ARG A 1 39 ? -19.894 14.942  -4.600  1.00 17.07 ? 38  ARG A O   1 
ATOM   318  C CB  . ARG A 1 39 ? -18.330 15.653  -1.753  1.00 16.48 ? 38  ARG A CB  1 
ATOM   319  C CG  . ARG A 1 39 ? -19.361 16.767  -1.832  1.00 19.18 ? 38  ARG A CG  1 
ATOM   320  C CD  . ARG A 1 39 ? -18.887 18.035  -1.123  1.00 20.02 ? 38  ARG A CD  1 
ATOM   321  N NE  . ARG A 1 39 ? -17.760 18.664  -1.805  1.00 14.84 ? 38  ARG A NE  1 
ATOM   322  C CZ  . ARG A 1 39 ? -17.889 19.528  -2.811  1.00 19.97 ? 38  ARG A CZ  1 
ATOM   323  N NH1 . ARG A 1 39 ? -19.100 19.836  -3.256  1.00 18.75 ? 38  ARG A NH1 1 
ATOM   324  N NH2 . ARG A 1 39 ? -16.818 20.066  -3.383  1.00 23.25 ? 38  ARG A NH2 1 
ATOM   325  N N   . LEU A 1 40 ? -17.648 14.836  -4.712  1.00 14.71 ? 39  LEU A N   1 
ATOM   326  C CA  . LEU A 1 40 ? -17.627 15.233  -6.105  1.00 14.68 ? 39  LEU A CA  1 
ATOM   327  C C   . LEU A 1 40 ? -18.116 14.103  -6.991  1.00 16.44 ? 39  LEU A C   1 
ATOM   328  O O   . LEU A 1 40 ? -18.819 14.352  -7.958  1.00 16.04 ? 39  LEU A O   1 
ATOM   329  C CB  . LEU A 1 40 ? -16.224 15.652  -6.501  1.00 15.70 ? 39  LEU A CB  1 
ATOM   330  C CG  . LEU A 1 40 ? -15.779 16.936  -5.806  1.00 14.39 ? 39  LEU A CG  1 
ATOM   331  C CD1 . LEU A 1 40 ? -14.262 17.051  -5.849  1.00 18.34 ? 39  LEU A CD1 1 
ATOM   332  C CD2 . LEU A 1 40 ? -16.415 18.144  -6.470  1.00 20.43 ? 39  LEU A CD2 1 
ATOM   333  N N   . LYS A 1 41 ? -17.752 12.865  -6.668  1.00 15.87 ? 40  LYS A N   1 
ATOM   334  C CA  . LYS A 1 41 ? -18.298 11.728  -7.406  1.00 16.36 ? 40  LYS A CA  1 
ATOM   335  C C   . LYS A 1 41 ? -19.828 11.681  -7.339  1.00 17.65 ? 40  LYS A C   1 
ATOM   336  O O   . LYS A 1 41 ? -20.476 11.317  -8.316  1.00 16.74 ? 40  LYS A O   1 
ATOM   337  C CB  . LYS A 1 41 ? -17.684 10.404  -6.941  1.00 15.24 ? 40  LYS A CB  1 
ATOM   338  C CG  . LYS A 1 41 ? -16.371 10.052  -7.621  1.00 16.30 ? 40  LYS A CG  1 
ATOM   339  C CD  . LYS A 1 41 ? -15.822 8.747   -7.050  1.00 22.66 ? 40  LYS A CD  1 
ATOM   340  C CE  . LYS A 1 41 ? -14.537 8.298   -7.749  1.00 28.81 ? 40  LYS A CE  1 
ATOM   341  N NZ  . LYS A 1 41 ? -14.734 7.787   -9.150  1.00 27.53 ? 40  LYS A NZ  1 
ATOM   342  N N   . LYS A 1 42 ? -20.398 12.062  -6.199  1.00 18.31 ? 41  LYS A N   1 
ATOM   343  C CA  . LYS A 1 42 ? -21.852 12.026  -6.033  1.00 19.74 ? 41  LYS A CA  1 
ATOM   344  C C   . LYS A 1 42 ? -22.503 13.059  -6.958  1.00 19.47 ? 41  LYS A C   1 
ATOM   345  O O   . LYS A 1 42 ? -23.527 12.768  -7.593  1.00 23.25 ? 41  LYS A O   1 
ATOM   346  C CB  . LYS A 1 42 ? -22.248 12.277  -4.576  1.00 19.87 ? 41  LYS A CB  1 
ATOM   347  C CG  . LYS A 1 42 ? -23.731 12.029  -4.264  1.00 20.60 ? 41  LYS A CG  1 
ATOM   348  C CD  . LYS A 1 42 ? -24.283 13.130  -3.375  1.00 28.29 ? 41  LYS A CD  1 
ATOM   349  C CE  . LYS A 1 42 ? -25.703 12.823  -2.917  1.00 31.86 ? 41  LYS A CE  1 
ATOM   350  N NZ  . LYS A 1 42 ? -25.680 12.294  -1.521  1.00 35.53 ? 41  LYS A NZ  1 
ATOM   351  N N   . LEU A 1 43 ? -21.900 14.246  -7.040  1.00 18.92 ? 42  LEU A N   1 
ATOM   352  C CA  . LEU A 1 43 ? -22.378 15.313  -7.928  1.00 21.21 ? 42  LEU A CA  1 
ATOM   353  C C   . LEU A 1 43 ? -22.341 14.898  -9.384  1.00 20.54 ? 42  LEU A C   1 
ATOM   354  O O   . LEU A 1 43 ? -23.270 15.174  -10.149 1.00 24.56 ? 42  LEU A O   1 
ATOM   355  C CB  . LEU A 1 43 ? -21.514 16.557  -7.797  1.00 20.82 ? 42  LEU A CB  1 
ATOM   356  C CG  . LEU A 1 43 ? -21.717 17.521  -6.651  1.00 27.64 ? 42  LEU A CG  1 
ATOM   357  C CD1 . LEU A 1 43 ? -20.609 18.495  -6.790  1.00 28.62 ? 42  LEU A CD1 1 
ATOM   358  C CD2 . LEU A 1 43 ? -23.039 18.249  -6.764  1.00 30.60 ? 42  LEU A CD2 1 
ATOM   359  N N   . VAL A 1 44 ? -21.263 14.240  -9.776  1.00 20.78 ? 43  VAL A N   1 
ATOM   360  C CA  . VAL A 1 44 ? -21.065 13.888  -11.171 1.00 22.33 ? 43  VAL A CA  1 
ATOM   361  C C   . VAL A 1 44 ? -21.886 12.658  -11.573 1.00 27.80 ? 43  VAL A C   1 
ATOM   362  O O   . VAL A 1 44 ? -22.473 12.617  -12.657 1.00 25.55 ? 43  VAL A O   1 
ATOM   363  C CB  . VAL A 1 44 ? -19.571 13.693  -11.476 1.00 24.81 ? 43  VAL A CB  1 
ATOM   364  C CG1 . VAL A 1 44 ? -19.381 13.164  -12.875 1.00 23.56 ? 43  VAL A CG1 1 
ATOM   365  C CG2 . VAL A 1 44 ? -18.840 15.018  -11.307 1.00 21.89 ? 43  VAL A CG2 1 
ATOM   366  N N   . GLY A 1 45 ? -21.943 11.675  -10.680 1.00 20.38 ? 44  GLY A N   1 
ATOM   367  C CA  . GLY A 1 45 ? -22.636 10.420  -10.922 1.00 22.84 ? 44  GLY A CA  1 
ATOM   368  C C   . GLY A 1 45 ? -21.687 9.255   -11.150 1.00 22.89 ? 44  GLY A C   1 
ATOM   369  O O   . GLY A 1 45 ? -22.017 8.288   -11.841 1.00 25.56 ? 44  GLY A O   1 
ATOM   370  N N   . GLU A 1 46 ? -20.494 9.335   -10.566 1.00 18.62 ? 45  GLU A N   1 
ATOM   371  C CA  . GLU A 1 46 ? -19.500 8.305   -10.772 1.00 15.87 ? 45  GLU A CA  1 
ATOM   372  C C   . GLU A 1 46 ? -19.523 7.278   -9.662  1.00 19.58 ? 45  GLU A C   1 
ATOM   373  O O   . GLU A 1 46 ? -19.909 7.569   -8.525  1.00 22.99 ? 45  GLU A O   1 
ATOM   374  C CB  . GLU A 1 46 ? -18.091 8.906   -10.835 1.00 17.30 ? 45  GLU A CB  1 
ATOM   375  C CG  . GLU A 1 46 ? -17.755 9.576   -12.164 1.00 16.72 ? 45  GLU A CG  1 
ATOM   376  C CD  . GLU A 1 46 ? -16.279 9.964   -12.256 1.00 21.44 ? 45  GLU A CD  1 
ATOM   377  O OE1 . GLU A 1 46 ? -15.873 10.555  -13.279 1.00 24.63 ? 45  GLU A OE1 1 
ATOM   378  O OE2 . GLU A 1 46 ? -15.527 9.669   -11.300 1.00 21.74 ? 45  GLU A OE2 1 
ATOM   379  N N   A ARG A 1 47 ? -19.073 6.072   -9.991  0.84 20.04 ? 46  ARG A N   1 
ATOM   380  N N   B ARG A 1 47 ? -19.021 6.092   -9.989  0.16 26.67 ? 46  ARG A N   1 
ATOM   381  C CA  A ARG A 1 47 ? -18.835 5.042   -8.987  0.84 22.22 ? 46  ARG A CA  1 
ATOM   382  C CA  B ARG A 1 47 ? -18.718 5.083   -8.981  0.16 24.44 ? 46  ARG A CA  1 
ATOM   383  C C   A ARG A 1 47 ? -17.619 5.378   -8.130  0.84 25.97 ? 46  ARG A C   1 
ATOM   384  C C   B ARG A 1 47 ? -17.690 5.597   -7.978  0.16 26.24 ? 46  ARG A C   1 
ATOM   385  O O   A ARG A 1 47 ? -17.380 4.745   -7.101  0.84 30.55 ? 46  ARG A O   1 
ATOM   386  O O   B ARG A 1 47 ? -16.494 5.637   -8.267  0.16 24.04 ? 46  ARG A O   1 
ATOM   387  C CB  A ARG A 1 47 ? -18.648 3.677   -9.653  0.84 25.24 ? 46  ARG A CB  1 
ATOM   388  C CB  B ARG A 1 47 ? -18.212 3.799   -9.642  0.16 24.62 ? 46  ARG A CB  1 
ATOM   389  C CG  A ARG A 1 47 ? -19.857 3.200   -10.441 0.84 27.45 ? 46  ARG A CG  1 
ATOM   390  C CG  B ARG A 1 47 ? -19.192 3.180   -10.625 0.16 24.58 ? 46  ARG A CG  1 
ATOM   391  C CD  A ARG A 1 47 ? -19.593 1.855   -11.099 0.84 21.75 ? 46  ARG A CD  1 
ATOM   392  C CD  B ARG A 1 47 ? -19.306 1.679   -10.418 0.16 24.88 ? 46  ARG A CD  1 
ATOM   393  N NE  A ARG A 1 47 ? -19.854 0.741   -10.192 0.84 22.05 ? 46  ARG A NE  1 
ATOM   394  N NE  B ARG A 1 47 ? -20.579 1.155   -10.906 0.16 23.99 ? 46  ARG A NE  1 
ATOM   395  C CZ  A ARG A 1 47 ? -21.007 0.084   -10.131 0.84 20.50 ? 46  ARG A CZ  1 
ATOM   396  C CZ  B ARG A 1 47 ? -21.236 0.146   -10.343 0.16 21.91 ? 46  ARG A CZ  1 
ATOM   397  N NH1 A ARG A 1 47 ? -22.012 0.428   -10.925 0.84 21.18 ? 46  ARG A NH1 1 
ATOM   398  N NH1 B ARG A 1 47 ? -20.741 -0.454  -9.269  0.16 22.79 ? 46  ARG A NH1 1 
ATOM   399  N NH2 A ARG A 1 47 ? -21.157 -0.917  -9.275  0.84 20.55 ? 46  ARG A NH2 1 
ATOM   400  N NH2 B ARG A 1 47 ? -22.389 -0.265  -10.855 0.16 22.20 ? 46  ARG A NH2 1 
ATOM   401  N N   . GLY B 1 1  ? -3.360  -35.242 13.263  1.00 20.92 ? -1  GLY B N   1 
ATOM   402  C CA  . GLY B 1 1  ? -2.838  -34.883 11.960  1.00 39.20 ? -1  GLY B CA  1 
ATOM   403  C C   . GLY B 1 1  ? -3.947  -35.005 10.933  1.00 46.68 ? -1  GLY B C   1 
ATOM   404  O O   . GLY B 1 1  ? -3.840  -35.761 9.965   1.00 51.35 ? -1  GLY B O   1 
ATOM   405  N N   . MET B 1 2  ? -5.009  -34.231 11.143  1.00 41.47 ? 1   MET B N   1 
ATOM   406  C CA  . MET B 1 2  ? -6.306  -34.436 10.486  1.00 35.84 ? 1   MET B CA  1 
ATOM   407  C C   . MET B 1 2  ? -6.355  -34.391 8.943   1.00 27.71 ? 1   MET B C   1 
ATOM   408  O O   . MET B 1 2  ? -5.769  -33.508 8.293   1.00 31.43 ? 1   MET B O   1 
ATOM   409  C CB  . MET B 1 2  ? -7.335  -33.478 11.083  1.00 39.31 ? 1   MET B CB  1 
ATOM   410  C CG  . MET B 1 2  ? -8.705  -33.511 10.432  1.00 34.19 ? 1   MET B CG  1 
ATOM   411  S SD  . MET B 1 2  ? -9.829  -34.555 11.378  1.00 51.12 ? 1   MET B SD  1 
ATOM   412  C CE  . MET B 1 2  ? -11.325 -33.565 11.337  1.00 31.77 ? 1   MET B CE  1 
ATOM   413  N N   . ASP B 1 3  ? -7.081  -35.362 8.388   1.00 31.30 ? 2   ASP B N   1 
ATOM   414  C CA  A ASP B 1 3  ? -7.181  -35.522 6.947   0.55 30.19 ? 2   ASP B CA  1 
ATOM   415  C CA  B ASP B 1 3  ? -7.265  -35.543 6.941   0.45 30.24 ? 2   ASP B CA  1 
ATOM   416  C C   . ASP B 1 3  ? -7.868  -34.334 6.266   1.00 29.80 ? 2   ASP B C   1 
ATOM   417  O O   . ASP B 1 3  ? -7.308  -33.756 5.331   1.00 26.88 ? 2   ASP B O   1 
ATOM   418  C CB  A ASP B 1 3  ? -7.906  -36.828 6.606   0.55 33.83 ? 2   ASP B CB  1 
ATOM   419  C CB  B ASP B 1 3  ? -8.255  -36.678 6.674   0.45 33.72 ? 2   ASP B CB  1 
ATOM   420  C CG  A ASP B 1 3  ? -7.339  -37.499 5.369   0.55 36.80 ? 2   ASP B CG  1 
ATOM   421  C CG  B ASP B 1 3  ? -7.722  -38.021 7.059   0.45 35.69 ? 2   ASP B CG  1 
ATOM   422  O OD1 A ASP B 1 3  ? -6.117  -37.369 5.134   0.55 36.61 ? 2   ASP B OD1 1 
ATOM   423  O OD1 B ASP B 1 3  ? -8.081  -39.013 6.389   0.45 38.74 ? 2   ASP B OD1 1 
ATOM   424  O OD2 A ASP B 1 3  ? -8.109  -38.153 4.633   0.55 40.63 ? 2   ASP B OD2 1 
ATOM   425  O OD2 B ASP B 1 3  ? -6.953  -38.087 8.033   0.45 38.03 ? 2   ASP B OD2 1 
ATOM   426  N N   . ALA B 1 4  ? -9.069  -33.993 6.728   1.00 29.48 ? 3   ALA B N   1 
ATOM   427  C CA  . ALA B 1 4  ? -9.864  -32.922 6.134   1.00 28.15 ? 3   ALA B CA  1 
ATOM   428  C C   . ALA B 1 4  ? -9.149  -31.582 6.206   1.00 25.97 ? 3   ALA B C   1 
ATOM   429  O O   . ALA B 1 4  ? -9.186  -30.807 5.257   1.00 22.54 ? 3   ALA B O   1 
ATOM   430  C CB  . ALA B 1 4  ? -11.222 -32.838 6.803   1.00 26.32 ? 3   ALA B CB  1 
ATOM   431  N N   . ILE B 1 5  ? -8.496  -31.313 7.330   1.00 25.66 ? 4   ILE B N   1 
ATOM   432  C CA  . ILE B 1 5  ? -7.701  -30.095 7.461   1.00 22.45 ? 4   ILE B CA  1 
ATOM   433  C C   . ILE B 1 5  ? -6.601  -30.042 6.393   1.00 23.90 ? 4   ILE B C   1 
ATOM   434  O O   . ILE B 1 5  ? -6.332  -28.989 5.814   1.00 21.14 ? 4   ILE B O   1 
ATOM   435  C CB  . ILE B 1 5  ? -7.084  -29.967 8.874   1.00 27.35 ? 4   ILE B CB  1 
ATOM   436  C CG1 . ILE B 1 5  ? -8.183  -29.904 9.932   1.00 23.45 ? 4   ILE B CG1 1 
ATOM   437  C CG2 . ILE B 1 5  ? -6.252  -28.717 8.982   1.00 34.02 ? 4   ILE B CG2 1 
ATOM   438  C CD1 . ILE B 1 5  ? -7.655  -29.964 11.350  1.00 35.60 ? 4   ILE B CD1 1 
ATOM   439  N N   . LYS B 1 6  ? -5.985  -31.180 6.108   1.00 25.55 ? 5   LYS B N   1 
ATOM   440  C CA  A LYS B 1 6  ? -4.921  -31.264 5.111   0.54 26.02 ? 5   LYS B CA  1 
ATOM   441  C CA  B LYS B 1 6  ? -4.917  -31.212 5.114   0.46 26.01 ? 5   LYS B CA  1 
ATOM   442  C C   . LYS B 1 6  ? -5.433  -30.898 3.712   1.00 24.28 ? 5   LYS B C   1 
ATOM   443  O O   . LYS B 1 6  ? -4.735  -30.264 2.918   1.00 25.52 ? 5   LYS B O   1 
ATOM   444  C CB  A LYS B 1 6  ? -4.335  -32.680 5.107   0.54 29.01 ? 5   LYS B CB  1 
ATOM   445  C CB  B LYS B 1 6  ? -4.186  -32.554 5.131   0.46 28.79 ? 5   LYS B CB  1 
ATOM   446  C CG  A LYS B 1 6  ? -3.004  -32.817 4.402   0.54 31.22 ? 5   LYS B CG  1 
ATOM   447  C CG  B LYS B 1 6  ? -3.435  -32.838 6.420   0.46 28.82 ? 5   LYS B CG  1 
ATOM   448  C CD  A LYS B 1 6  ? -1.931  -32.064 5.160   0.54 30.25 ? 5   LYS B CD  1 
ATOM   449  C CD  B LYS B 1 6  ? -2.338  -33.872 6.186   0.46 32.15 ? 5   LYS B CD  1 
ATOM   450  C CE  A LYS B 1 6  ? -0.606  -32.104 4.421   0.54 32.80 ? 5   LYS B CE  1 
ATOM   451  C CE  B LYS B 1 6  ? -2.228  -34.862 7.341   0.46 38.21 ? 5   LYS B CE  1 
ATOM   452  N NZ  A LYS B 1 6  ? 0.394   -31.229 5.090   0.54 38.81 ? 5   LYS B NZ  1 
ATOM   453  N NZ  B LYS B 1 6  ? -3.196  -35.992 7.211   0.46 37.66 ? 5   LYS B NZ  1 
ATOM   454  N N   . LYS B 1 7  ? -6.657  -31.319 3.412   1.00 21.39 ? 6   LYS B N   1 
ATOM   455  C CA  . LYS B 1 7  ? -7.285  -31.015 2.128   1.00 23.29 ? 6   LYS B CA  1 
ATOM   456  C C   . LYS B 1 7  ? -7.583  -29.518 2.035   1.00 23.19 ? 6   LYS B C   1 
ATOM   457  O O   . LYS B 1 7  ? -7.316  -28.877 1.010   1.00 21.93 ? 6   LYS B O   1 
ATOM   458  C CB  . LYS B 1 7  ? -8.568  -31.841 1.957   1.00 18.43 ? 6   LYS B CB  1 
ATOM   459  C CG  . LYS B 1 7  ? -9.410  -31.485 0.726   1.00 29.71 ? 6   LYS B CG  1 
ATOM   460  C CD  . LYS B 1 7  ? -8.702  -31.827 -0.595  1.00 38.33 ? 6   LYS B CD  1 
ATOM   461  C CE  . LYS B 1 7  ? -9.672  -31.823 -1.782  1.00 34.73 ? 6   LYS B CE  1 
ATOM   462  N NZ  . LYS B 1 7  ? -10.153 -30.459 -2.139  1.00 35.94 ? 6   LYS B NZ  1 
ATOM   463  N N   . LYS B 1 8  ? -8.116  -28.962 3.121   1.00 20.59 ? 7   LYS B N   1 
ATOM   464  C CA  . LYS B 1 8  ? -8.402  -27.532 3.207   1.00 22.38 ? 7   LYS B CA  1 
ATOM   465  C C   . LYS B 1 8  ? -7.112  -26.722 3.098   1.00 24.84 ? 7   LYS B C   1 
ATOM   466  O O   . LYS B 1 8  ? -7.100  -25.612 2.543   1.00 21.40 ? 7   LYS B O   1 
ATOM   467  C CB  . LYS B 1 8  ? -9.139  -27.216 4.511   1.00 20.50 ? 7   LYS B CB  1 
ATOM   468  C CG  . LYS B 1 8  ? -10.658 -27.341 4.391   1.00 29.82 ? 7   LYS B CG  1 
ATOM   469  C CD  . LYS B 1 8  ? -11.215 -26.146 3.597   1.00 41.27 ? 7   LYS B CD  1 
ATOM   470  C CE  . LYS B 1 8  ? -12.298 -26.532 2.580   1.00 40.97 ? 7   LYS B CE  1 
ATOM   471  N NZ  . LYS B 1 8  ? -12.085 -25.832 1.278   1.00 27.34 ? 7   LYS B NZ  1 
ATOM   472  N N   . MET B 1 9  ? -6.021  -27.291 3.603   1.00 20.74 ? 8   MET B N   1 
ATOM   473  C CA  . MET B 1 9  ? -4.715  -26.640 3.515   1.00 21.45 ? 8   MET B CA  1 
ATOM   474  C C   . MET B 1 9  ? -4.261  -26.563 2.066   1.00 25.57 ? 8   MET B C   1 
ATOM   475  O O   . MET B 1 9  ? -3.672  -25.568 1.633   1.00 26.40 ? 8   MET B O   1 
ATOM   476  C CB  . MET B 1 9  ? -3.667  -27.370 4.347   1.00 23.11 ? 8   MET B CB  1 
ATOM   477  C CG  . MET B 1 9  ? -2.279  -26.800 4.168   1.00 28.57 ? 8   MET B CG  1 
ATOM   478  S SD  . MET B 1 9  ? -1.080  -27.510 5.306   1.00 29.44 ? 8   MET B SD  1 
ATOM   479  C CE  . MET B 1 9  ? -1.725  -26.912 6.872   1.00 26.87 ? 8   MET B CE  1 
ATOM   480  N N   . GLN B 1 10 ? -4.549  -27.613 1.310   1.00 23.81 ? 9   GLN B N   1 
ATOM   481  C CA  A GLN B 1 10 ? -4.198  -27.633 -0.100  0.50 25.02 ? 9   GLN B CA  1 
ATOM   482  C CA  B GLN B 1 10 ? -4.216  -27.653 -0.110  0.50 25.02 ? 9   GLN B CA  1 
ATOM   483  C C   . GLN B 1 10 ? -4.960  -26.553 -0.855  1.00 20.47 ? 9   GLN B C   1 
ATOM   484  O O   . GLN B 1 10 ? -4.413  -25.907 -1.745  1.00 21.21 ? 9   GLN B O   1 
ATOM   485  C CB  A GLN B 1 10 ? -4.475  -29.010 -0.708  0.50 26.23 ? 9   GLN B CB  1 
ATOM   486  C CB  B GLN B 1 10 ? -4.572  -29.019 -0.716  0.50 26.21 ? 9   GLN B CB  1 
ATOM   487  C CG  A GLN B 1 10 ? -3.302  -29.588 -1.483  0.50 28.26 ? 9   GLN B CG  1 
ATOM   488  C CG  B GLN B 1 10 ? -3.412  -29.730 -1.408  0.50 28.27 ? 9   GLN B CG  1 
ATOM   489  C CD  A GLN B 1 10 ? -3.629  -30.931 -2.092  0.50 25.54 ? 9   GLN B CD  1 
ATOM   490  C CD  B GLN B 1 10 ? -3.877  -30.745 -2.445  0.50 26.26 ? 9   GLN B CD  1 
ATOM   491  O OE1 A GLN B 1 10 ? -4.520  -31.637 -1.619  0.50 28.88 ? 9   GLN B OE1 1 
ATOM   492  O OE1 B GLN B 1 10 ? -5.059  -30.802 -2.799  0.50 20.64 ? 9   GLN B OE1 1 
ATOM   493  N NE2 A GLN B 1 10 ? -2.918  -31.286 -3.157  0.50 25.83 ? 9   GLN B NE2 1 
ATOM   494  N NE2 B GLN B 1 10 ? -2.941  -31.547 -2.943  0.50 26.69 ? 9   GLN B NE2 1 
ATOM   495  N N   . MET B 1 11 ? -6.226  -26.353 -0.506  1.00 19.87 ? 10  MET B N   1 
ATOM   496  C CA  . MET B 1 11 ? -7.012  -25.335 -1.184  1.00 21.04 ? 10  MET B CA  1 
ATOM   497  C C   . MET B 1 11 ? -6.553  -23.938 -0.748  1.00 22.04 ? 10  MET B C   1 
ATOM   498  O O   . MET B 1 11 ? -6.519  -23.005 -1.558  1.00 21.54 ? 10  MET B O   1 
ATOM   499  C CB  . MET B 1 11 ? -8.526  -25.557 -0.993  1.00 25.64 ? 10  MET B CB  1 
ATOM   500  C CG  . MET B 1 11 ? -9.027  -26.876 -1.621  1.00 23.81 ? 10  MET B CG  1 
ATOM   501  S SD  . MET B 1 11 ? -10.810 -27.214 -1.508  1.00 28.55 ? 10  MET B SD  1 
ATOM   502  C CE  . MET B 1 11 ? -11.462 -25.861 -2.475  1.00 21.76 ? 10  MET B CE  1 
ATOM   503  N N   . LEU B 1 12 ? -6.153  -23.802 0.511   1.00 20.06 ? 11  LEU B N   1 
ATOM   504  C CA  . LEU B 1 12 ? -5.699  -22.509 1.013   1.00 23.27 ? 11  LEU B CA  1 
ATOM   505  C C   . LEU B 1 12 ? -4.350  -22.133 0.404   1.00 23.44 ? 11  LEU B C   1 
ATOM   506  O O   . LEU B 1 12 ? -4.157  -20.982 -0.007  1.00 22.51 ? 11  LEU B O   1 
ATOM   507  C CB  . LEU B 1 12 ? -5.632  -22.509 2.539   1.00 18.01 ? 11  LEU B CB  1 
ATOM   508  C CG  . LEU B 1 12 ? -5.037  -21.278 3.218   1.00 19.43 ? 11  LEU B CG  1 
ATOM   509  C CD1 . LEU B 1 12 ? -5.897  -20.047 2.999   1.00 21.60 ? 11  LEU B CD1 1 
ATOM   510  C CD2 . LEU B 1 12 ? -4.877  -21.547 4.708   1.00 20.75 ? 11  LEU B CD2 1 
ATOM   511  N N   . LYS B 1 13 ? -3.433  -23.098 0.325   1.00 23.56 ? 12  LYS B N   1 
ATOM   512  C CA  . LYS B 1 13 ? -2.131  -22.868 -0.313  1.00 22.39 ? 12  LYS B CA  1 
ATOM   513  C C   . LYS B 1 13 ? -2.272  -22.458 -1.783  1.00 23.20 ? 12  LYS B C   1 
ATOM   514  O O   . LYS B 1 13 ? -1.563  -21.561 -2.245  1.00 24.61 ? 12  LYS B O   1 
ATOM   515  C CB  . LYS B 1 13 ? -1.214  -24.088 -0.181  1.00 27.23 ? 12  LYS B CB  1 
ATOM   516  C CG  . LYS B 1 13 ? -0.246  -23.997 0.989   1.00 32.61 ? 12  LYS B CG  1 
ATOM   517  C CD  . LYS B 1 13 ? 0.971   -24.892 0.781   1.00 37.85 ? 12  LYS B CD  1 
ATOM   518  C CE  . LYS B 1 13 ? 0.657   -26.332 1.123   1.00 39.66 ? 12  LYS B CE  1 
ATOM   519  N NZ  . LYS B 1 13 ? 1.640   -27.284 0.520   1.00 41.94 ? 12  LYS B NZ  1 
ATOM   520  N N   . LEU B 1 14 ? -3.192  -23.096 -2.506  1.00 22.75 ? 13  LEU B N   1 
ATOM   521  C CA  . LEU B 1 14 ? -3.478  -22.729 -3.897  1.00 25.31 ? 13  LEU B CA  1 
ATOM   522  C C   . LEU B 1 14 ? -4.032  -21.305 -4.015  1.00 20.57 ? 13  LEU B C   1 
ATOM   523  O O   . LEU B 1 14 ? -3.690  -20.559 -4.946  1.00 22.59 ? 13  LEU B O   1 
ATOM   524  C CB  . LEU B 1 14 ? -4.455  -23.729 -4.528  1.00 25.57 ? 13  LEU B CB  1 
ATOM   525  C CG  . LEU B 1 14 ? -4.715  -23.538 -6.027  1.00 23.53 ? 13  LEU B CG  1 
ATOM   526  C CD1 . LEU B 1 14 ? -3.402  -23.403 -6.755  1.00 33.33 ? 13  LEU B CD1 1 
ATOM   527  C CD2 . LEU B 1 14 ? -5.475  -24.716 -6.586  1.00 29.69 ? 13  LEU B CD2 1 
ATOM   528  N N   . ASP B 1 15 ? -4.872  -20.914 -3.064  1.00 20.05 ? 14  ASP B N   1 
ATOM   529  C CA  . ASP B 1 15 ? -5.424  -19.563 -3.054  1.00 23.66 ? 14  ASP B CA  1 
ATOM   530  C C   . ASP B 1 15 ? -4.346  -18.523 -2.729  1.00 22.64 ? 14  ASP B C   1 
ATOM   531  O O   . ASP B 1 15 ? -4.376  -17.402 -3.247  1.00 20.78 ? 14  ASP B O   1 
ATOM   532  C CB  . ASP B 1 15 ? -6.600  -19.466 -2.080  1.00 24.00 ? 14  ASP B CB  1 
ATOM   533  C CG  . ASP B 1 15 ? -7.784  -20.334 -2.499  1.00 31.19 ? 14  ASP B CG  1 
ATOM   534  O OD1 . ASP B 1 15 ? -7.871  -20.719 -3.688  1.00 30.14 ? 14  ASP B OD1 1 
ATOM   535  O OD2 . ASP B 1 15 ? -8.644  -20.618 -1.639  1.00 33.59 ? 14  ASP B OD2 1 
ATOM   536  N N   . LYS B 1 16 ? -3.396  -18.901 -1.880  1.00 20.75 ? 15  LYS B N   1 
ATOM   537  C CA  . LYS B 1 16 ? -2.291  -18.016 -1.523  1.00 18.65 ? 15  LYS B CA  1 
ATOM   538  C C   . LYS B 1 16 ? -1.406  -17.812 -2.741  1.00 20.32 ? 15  LYS B C   1 
ATOM   539  O O   . LYS B 1 16 ? -0.989  -16.690 -3.049  1.00 22.68 ? 15  LYS B O   1 
ATOM   540  C CB  . LYS B 1 16 ? -1.480  -18.617 -0.370  1.00 20.67 ? 15  LYS B CB  1 
ATOM   541  C CG  . LYS B 1 16 ? -0.170  -17.916 -0.083  1.00 21.36 ? 15  LYS B CG  1 
ATOM   542  C CD  . LYS B 1 16 ? 0.825   -18.879 0.544   1.00 30.66 ? 15  LYS B CD  1 
ATOM   543  C CE  . LYS B 1 16 ? 2.124   -18.175 0.913   1.00 26.18 ? 15  LYS B CE  1 
ATOM   544  N NZ  . LYS B 1 16 ? 3.094   -19.106 1.578   1.00 30.33 ? 15  LYS B NZ  1 
ATOM   545  N N   . GLU B 1 17 ? -1.148  -18.897 -3.465  1.00 20.40 ? 16  GLU B N   1 
ATOM   546  C CA  . GLU B 1 17 ? -0.379  -18.797 -4.704  1.00 24.50 ? 16  GLU B CA  1 
ATOM   547  C C   . GLU B 1 17 ? -1.076  -17.933 -5.754  1.00 20.73 ? 16  GLU B C   1 
ATOM   548  O O   . GLU B 1 17 ? -0.435  -17.102 -6.395  1.00 22.90 ? 16  GLU B O   1 
ATOM   549  C CB  . GLU B 1 17 ? -0.047  -20.189 -5.253  1.00 26.14 ? 16  GLU B CB  1 
ATOM   550  C CG  . GLU B 1 17 ? 0.947   -20.948 -4.391  1.00 25.86 ? 16  GLU B CG  1 
ATOM   551  C CD  . GLU B 1 17 ? 2.199   -20.141 -4.106  1.00 31.74 ? 16  GLU B CD  1 
ATOM   552  O OE1 . GLU B 1 17 ? 2.926   -19.801 -5.067  1.00 31.09 ? 16  GLU B OE1 1 
ATOM   553  O OE2 . GLU B 1 17 ? 2.446   -19.832 -2.923  1.00 33.48 ? 16  GLU B OE2 1 
ATOM   554  N N   . ASN B 1 18 ? -2.382  -18.104 -5.929  1.00 19.70 ? 17  ASN B N   1 
ATOM   555  C CA  . ASN B 1 18 ? -3.118  -17.275 -6.874  1.00 18.80 ? 17  ASN B CA  1 
ATOM   556  C C   . ASN B 1 18 ? -3.134  -15.800 -6.456  1.00 21.31 ? 17  ASN B C   1 
ATOM   557  O O   . ASN B 1 18 ? -3.056  -14.913 -7.310  1.00 21.64 ? 17  ASN B O   1 
ATOM   558  C CB  . ASN B 1 18 ? -4.546  -17.809 -7.088  1.00 17.97 ? 17  ASN B CB  1 
ATOM   559  C CG  . ASN B 1 18 ? -4.560  -19.146 -7.782  1.00 31.75 ? 17  ASN B CG  1 
ATOM   560  O OD1 . ASN B 1 18 ? -3.602  -19.510 -8.476  1.00 32.72 ? 17  ASN B OD1 1 
ATOM   561  N ND2 . ASN B 1 18 ? -5.638  -19.902 -7.588  1.00 25.24 ? 17  ASN B ND2 1 
ATOM   562  N N   . ALA B 1 19 ? -3.231  -15.534 -5.152  1.00 16.94 ? 18  ALA B N   1 
ATOM   563  C CA  . ALA B 1 19 ? -3.218  -14.149 -4.675  1.00 14.83 ? 18  ALA B CA  1 
ATOM   564  C C   . ALA B 1 19 ? -1.860  -13.491 -4.924  1.00 17.72 ? 18  ALA B C   1 
ATOM   565  O O   . ALA B 1 19 ? -1.795  -12.322 -5.329  1.00 17.18 ? 18  ALA B O   1 
ATOM   566  C CB  . ALA B 1 19 ? -3.575  -14.088 -3.197  1.00 20.86 ? 18  ALA B CB  1 
ATOM   567  N N   . LEU B 1 20 ? -0.785  -14.240 -4.691  1.00 19.22 ? 19  LEU B N   1 
ATOM   568  C CA  . LEU B 1 20 ? 0.576   -13.750 -4.932  1.00 15.59 ? 19  LEU B CA  1 
ATOM   569  C C   . LEU B 1 20 ? 0.801   -13.453 -6.408  1.00 19.85 ? 19  LEU B C   1 
ATOM   570  O O   . LEU B 1 20 ? 1.369   -12.417 -6.764  1.00 18.49 ? 19  LEU B O   1 
ATOM   571  C CB  . LEU B 1 20 ? 1.612   -14.751 -4.436  1.00 21.12 ? 19  LEU B CB  1 
ATOM   572  C CG  . LEU B 1 20 ? 1.827   -14.791 -2.923  1.00 22.12 ? 19  LEU B CG  1 
ATOM   573  C CD1 . LEU B 1 20 ? 2.583   -16.044 -2.543  1.00 23.10 ? 19  LEU B CD1 1 
ATOM   574  C CD2 . LEU B 1 20 ? 2.611   -13.588 -2.470  1.00 17.36 ? 19  LEU B CD2 1 
ATOM   575  N N   . ASP B 1 21 ? 0.329   -14.350 -7.261  1.00 16.00 ? 20  ASP B N   1 
ATOM   576  C CA  . ASP B 1 21 ? 0.336   -14.137 -8.703  1.00 17.09 ? 20  ASP B CA  1 
ATOM   577  C C   . ASP B 1 21 ? -0.454  -12.897 -9.104  1.00 19.81 ? 20  ASP B C   1 
ATOM   578  O O   . ASP B 1 21 ? 0.001   -12.134 -9.952  1.00 19.38 ? 20  ASP B O   1 
ATOM   579  C CB  . ASP B 1 21 ? -0.241  -15.356 -9.420  1.00 19.33 ? 20  ASP B CB  1 
ATOM   580  C CG  . ASP B 1 21 ? 0.723   -16.537 -9.460  1.00 24.19 ? 20  ASP B CG  1 
ATOM   581  O OD1 . ASP B 1 21 ? 1.906   -16.390 -9.070  1.00 24.94 ? 20  ASP B OD1 1 
ATOM   582  O OD2 . ASP B 1 21 ? 0.287   -17.621 -9.909  1.00 27.13 ? 20  ASP B OD2 1 
ATOM   583  N N   . ARG B 1 22 ? -1.638  -12.708 -8.523  1.00 15.54 ? 21  ARG B N   1 
ATOM   584  C CA  . ARG B 1 22 ? -2.448  -11.512 -8.774  1.00 15.39 ? 21  ARG B CA  1 
ATOM   585  C C   . ARG B 1 22 ? -1.722  -10.234 -8.365  1.00 17.26 ? 21  ARG B C   1 
ATOM   586  O O   . ARG B 1 22 ? -1.756  -9.229  -9.100  1.00 18.62 ? 21  ARG B O   1 
ATOM   587  C CB  . ARG B 1 22 ? -3.795  -11.587 -8.043  1.00 20.02 ? 21  ARG B CB  1 
ATOM   588  C CG  . ARG B 1 22 ? -4.630  -10.303 -8.147  1.00 21.32 ? 21  ARG B CG  1 
ATOM   589  C CD  . ARG B 1 22 ? -5.911  -10.407 -7.321  1.00 18.64 ? 21  ARG B CD  1 
ATOM   590  N NE  . ARG B 1 22 ? -6.590  -9.121  -7.198  1.00 23.07 ? 21  ARG B NE  1 
ATOM   591  C CZ  . ARG B 1 22 ? -7.632  -8.893  -6.410  1.00 23.47 ? 21  ARG B CZ  1 
ATOM   592  N NH1 . ARG B 1 22 ? -8.126  -9.872  -5.670  1.00 21.29 ? 21  ARG B NH1 1 
ATOM   593  N NH2 . ARG B 1 22 ? -8.177  -7.682  -6.361  1.00 23.40 ? 21  ARG B NH2 1 
ATOM   594  N N   . ALA B 1 23 ? -1.075  -10.275 -7.200  1.00 15.90 ? 22  ALA B N   1 
ATOM   595  C CA  . ALA B 1 23 ? -0.346  -9.119  -6.670  1.00 15.21 ? 22  ALA B CA  1 
ATOM   596  C C   . ALA B 1 23 ? 0.800   -8.761  -7.594  1.00 18.06 ? 22  ALA B C   1 
ATOM   597  O O   . ALA B 1 23 ? 1.024   -7.580  -7.891  1.00 17.65 ? 22  ALA B O   1 
ATOM   598  C CB  . ALA B 1 23 ? 0.183   -9.417  -5.274  1.00 17.25 ? 22  ALA B CB  1 
ATOM   599  N N   . GLU B 1 24 ? 1.511   -9.777  -8.072  1.00 16.92 ? 23  GLU B N   1 
ATOM   600  C CA  . GLU B 1 24 ? 2.674   -9.545  -8.923  1.00 20.27 ? 23  GLU B CA  1 
ATOM   601  C C   . GLU B 1 24 ? 2.264   -8.968  -10.266 1.00 17.17 ? 23  GLU B C   1 
ATOM   602  O O   . GLU B 1 24 ? 2.932   -8.070  -10.808 1.00 16.71 ? 23  GLU B O   1 
ATOM   603  C CB  . GLU B 1 24 ? 3.490   -10.833 -9.107  1.00 16.53 ? 23  GLU B CB  1 
ATOM   604  C CG  . GLU B 1 24 ? 4.296   -11.218 -7.885  1.00 25.02 ? 23  GLU B CG  1 
ATOM   605  C CD  . GLU B 1 24 ? 5.092   -12.497 -8.074  1.00 32.65 ? 23  GLU B CD  1 
ATOM   606  O OE1 . GLU B 1 24 ? 5.048   -13.089 -9.172  1.00 27.39 ? 23  GLU B OE1 1 
ATOM   607  O OE2 . GLU B 1 24 ? 5.767   -12.915 -7.109  1.00 30.98 ? 23  GLU B OE2 1 
ATOM   608  N N   . GLN B 1 25 ? 1.145   -9.450  -10.793 1.00 17.65 ? 24  GLN B N   1 
ATOM   609  C CA  . GLN B 1 25 ? 0.652   -8.942  -12.067 1.00 18.43 ? 24  GLN B CA  1 
ATOM   610  C C   . GLN B 1 25 ? 0.150   -7.510  -11.938 1.00 18.74 ? 24  GLN B C   1 
ATOM   611  O O   . GLN B 1 25 ? 0.398   -6.681  -12.816 1.00 16.66 ? 24  GLN B O   1 
ATOM   612  C CB  . GLN B 1 25 ? -0.447  -9.841  -12.631 1.00 19.55 ? 24  GLN B CB  1 
ATOM   613  C CG  . GLN B 1 25 ? -0.907  -9.406  -14.009 1.00 17.05 ? 24  GLN B CG  1 
ATOM   614  C CD  . GLN B 1 25 ? 0.235   -9.345  -14.998 1.00 27.65 ? 24  GLN B CD  1 
ATOM   615  O OE1 . GLN B 1 25 ? 0.836   -10.369 -15.341 1.00 30.45 ? 24  GLN B OE1 1 
ATOM   616  N NE2 . GLN B 1 25 ? 0.549   -8.142  -15.460 1.00 22.25 ? 24  GLN B NE2 1 
ATOM   617  N N   . ALA B 1 26 ? -0.559  -7.214  -10.852 1.00 16.63 ? 25  ALA B N   1 
ATOM   618  C CA  . ALA B 1 26 ? -1.051  -5.851  -10.640 1.00 15.50 ? 25  ALA B CA  1 
ATOM   619  C C   . ALA B 1 26 ? 0.116   -4.870  -10.513 1.00 15.20 ? 25  ALA B C   1 
ATOM   620  O O   . ALA B 1 26 ? 0.050   -3.724  -10.992 1.00 16.12 ? 25  ALA B O   1 
ATOM   621  C CB  . ALA B 1 26 ? -1.912  -5.797  -9.408  1.00 24.53 ? 25  ALA B CB  1 
ATOM   622  N N   . GLU B 1 27 ? 1.174   -5.316  -9.853  1.00 17.39 ? 26  GLU B N   1 
ATOM   623  C CA  . GLU B 1 27 ? 2.379   -4.524  -9.705  1.00 13.18 ? 26  GLU B CA  1 
ATOM   624  C C   . GLU B 1 27 ? 3.073   -4.335  -11.055 1.00 18.21 ? 26  GLU B C   1 
ATOM   625  O O   . GLU B 1 27 ? 3.533   -3.235  -11.370 1.00 21.62 ? 26  GLU B O   1 
ATOM   626  C CB  . GLU B 1 27 ? 3.294   -5.122  -8.636  1.00 20.47 ? 26  GLU B CB  1 
ATOM   627  C CG  . GLU B 1 27 ? 2.736   -4.905  -7.244  1.00 14.79 ? 26  GLU B CG  1 
ATOM   628  C CD  . GLU B 1 27 ? 3.487   -5.650  -6.165  1.00 25.62 ? 26  GLU B CD  1 
ATOM   629  O OE1 . GLU B 1 27 ? 4.506   -6.321  -6.458  1.00 23.05 ? 26  GLU B OE1 1 
ATOM   630  O OE2 . GLU B 1 27 ? 3.034   -5.561  -5.008  1.00 20.78 ? 26  GLU B OE2 1 
ATOM   631  N N   . ALA B 1 28 ? 3.106   -5.393  -11.862 1.00 15.01 ? 27  ALA B N   1 
ATOM   632  C CA  . ALA B 1 28 ? 3.632   -5.283  -13.222 1.00 17.46 ? 27  ALA B CA  1 
ATOM   633  C C   . ALA B 1 28 ? 2.819   -4.289  -14.035 1.00 18.03 ? 27  ALA B C   1 
ATOM   634  O O   . ALA B 1 28 ? 3.368   -3.528  -14.844 1.00 17.42 ? 27  ALA B O   1 
ATOM   635  C CB  . ALA B 1 28 ? 3.621   -6.633  -13.904 1.00 20.35 ? 27  ALA B CB  1 
ATOM   636  N N   . ASP B 1 29 ? 1.507   -4.305  -13.850 1.00 14.78 ? 28  ASP B N   1 
ATOM   637  C CA  . ASP B 1 29 ? 0.655   -3.361  -14.563 1.00 16.17 ? 28  ASP B CA  1 
ATOM   638  C C   . ASP B 1 29 ? 0.960   -1.932  -14.125 1.00 16.08 ? 28  ASP B C   1 
ATOM   639  O O   . ASP B 1 29 ? 0.923   -1.001  -14.940 1.00 17.10 ? 28  ASP B O   1 
ATOM   640  C CB  . ASP B 1 29 ? -0.815  -3.679  -14.309 1.00 15.03 ? 28  ASP B CB  1 
ATOM   641  C CG  . ASP B 1 29 ? -1.269  -4.955  -14.988 1.00 19.99 ? 28  ASP B CG  1 
ATOM   642  O OD1 . ASP B 1 29 ? -0.547  -5.483  -15.867 1.00 23.97 ? 28  ASP B OD1 1 
ATOM   643  O OD2 . ASP B 1 29 ? -2.379  -5.427  -14.650 1.00 26.94 ? 28  ASP B OD2 1 
ATOM   644  N N   . ASN B 1 30 ? 1.249   -1.774  -12.836 1.00 17.71 ? 29  ASN B N   1 
ATOM   645  C CA  . ASN B 1 30 ? 1.668   -0.499  -12.249 1.00 14.77 ? 29  ASN B CA  1 
ATOM   646  C C   . ASN B 1 30 ? 2.939   0.055   -12.891 1.00 19.89 ? 29  ASN B C   1 
ATOM   647  O O   . ASN B 1 30 ? 3.015   1.239   -13.201 1.00 20.35 ? 29  ASN B O   1 
ATOM   648  C CB  . ASN B 1 30 ? 1.821   -0.667  -10.732 1.00 19.40 ? 29  ASN B CB  1 
ATOM   649  C CG  . ASN B 1 30 ? 2.034   0.649   -10.005 1.00 22.39 ? 29  ASN B CG  1 
ATOM   650  O OD1 . ASN B 1 30 ? 1.080   1.394   -9.741  1.00 22.39 ? 29  ASN B OD1 1 
ATOM   651  N ND2 . ASN B 1 30 ? 3.284   0.922   -9.636  1.00 18.31 ? 29  ASN B ND2 1 
ATOM   652  N N   . TYR B 1 31 ? 3.923   -0.811  -13.108 1.00 19.28 ? 30  TYR B N   1 
ATOM   653  C CA  . TYR B 1 31 ? 5.178   -0.393  -13.735 1.00 16.38 ? 30  TYR B CA  1 
ATOM   654  C C   . TYR B 1 31 ? 4.935   0.052   -15.178 1.00 14.35 ? 30  TYR B C   1 
ATOM   655  O O   . TYR B 1 31 ? 5.517   1.024   -15.656 1.00 15.83 ? 30  TYR B O   1 
ATOM   656  C CB  . TYR B 1 31 ? 6.197   -1.534  -13.714 1.00 18.89 ? 30  TYR B CB  1 
ATOM   657  C CG  . TYR B 1 31 ? 6.433   -2.136  -12.350 1.00 22.98 ? 30  TYR B CG  1 
ATOM   658  C CD1 . TYR B 1 31 ? 6.574   -1.333  -11.227 1.00 31.17 ? 30  TYR B CD1 1 
ATOM   659  C CD2 . TYR B 1 31 ? 6.510   -3.513  -12.187 1.00 23.09 ? 30  TYR B CD2 1 
ATOM   660  C CE1 . TYR B 1 31 ? 6.790   -1.887  -9.968  1.00 27.71 ? 30  TYR B CE1 1 
ATOM   661  C CE2 . TYR B 1 31 ? 6.720   -4.085  -10.930 1.00 22.02 ? 30  TYR B CE2 1 
ATOM   662  C CZ  . TYR B 1 31 ? 6.857   -3.261  -9.827  1.00 25.61 ? 30  TYR B CZ  1 
ATOM   663  O OH  . TYR B 1 31 ? 7.068   -3.812  -8.578  1.00 30.76 ? 30  TYR B OH  1 
ATOM   664  N N   . HIS B 1 32 ? 4.083   -0.681  -15.880 1.00 14.20 ? 31  HIS B N   1 
ATOM   665  C CA  . HIS B 1 32 ? 3.752   -0.352  -17.254 1.00 13.16 ? 31  HIS B CA  1 
ATOM   666  C C   . HIS B 1 32 ? 3.105   1.031   -17.302 1.00 15.21 ? 31  HIS B C   1 
ATOM   667  O O   . HIS B 1 32 ? 3.454   1.867   -18.141 1.00 14.56 ? 31  HIS B O   1 
ATOM   668  C CB  . HIS B 1 32 ? 2.817   -1.417  -17.853 1.00 16.25 ? 31  HIS B CB  1 
ATOM   669  C CG  . HIS B 1 32 ? 2.172   -1.000  -19.136 1.00 16.80 ? 31  HIS B CG  1 
ATOM   670  N ND1 . HIS B 1 32 ? 2.839   -0.976  -20.344 1.00 20.21 ? 31  HIS B ND1 1 
ATOM   671  C CD2 . HIS B 1 32 ? 0.911   -0.578  -19.402 1.00 17.02 ? 31  HIS B CD2 1 
ATOM   672  C CE1 . HIS B 1 32 ? 2.022   -0.575  -21.291 1.00 19.04 ? 31  HIS B CE1 1 
ATOM   673  N NE2 . HIS B 1 32 ? 0.842   -0.324  -20.750 1.00 21.31 ? 31  HIS B NE2 1 
ATOM   674  N N   . LEU B 1 33 ? 2.172   1.290   -16.391 1.00 15.53 ? 32  LEU B N   1 
ATOM   675  C CA  . LEU B 1 33 ? 1.448   2.554   -16.407 1.00 14.09 ? 32  LEU B CA  1 
ATOM   676  C C   . LEU B 1 33 ? 2.329   3.697   -15.937 1.00 15.66 ? 32  LEU B C   1 
ATOM   677  O O   . LEU B 1 33 ? 2.213   4.813   -16.441 1.00 16.99 ? 32  LEU B O   1 
ATOM   678  C CB  . LEU B 1 33 ? 0.168   2.480   -15.583 1.00 14.81 ? 32  LEU B CB  1 
ATOM   679  C CG  . LEU B 1 33 ? -0.929  1.586   -16.156 1.00 17.40 ? 32  LEU B CG  1 
ATOM   680  C CD1 . LEU B 1 33 ? -1.941  1.191   -15.077 1.00 19.50 ? 32  LEU B CD1 1 
ATOM   681  C CD2 . LEU B 1 33 ? -1.631  2.253   -17.322 1.00 15.52 ? 32  LEU B CD2 1 
ATOM   682  N N   . GLU B 1 34 ? 3.206   3.429   -14.976 1.00 17.50 ? 33  GLU B N   1 
ATOM   683  C CA  . GLU B 1 34 ? 4.189   4.434   -14.564 1.00 17.91 ? 33  GLU B CA  1 
ATOM   684  C C   . GLU B 1 34 ? 5.122   4.775   -15.725 1.00 19.36 ? 33  GLU B C   1 
ATOM   685  O O   . GLU B 1 34 ? 5.502   5.927   -15.897 1.00 18.86 ? 33  GLU B O   1 
ATOM   686  C CB  . GLU B 1 34 ? 4.988   3.969   -13.339 1.00 18.44 ? 33  GLU B CB  1 
ATOM   687  C CG  . GLU B 1 34 ? 4.222   3.977   -12.014 1.00 18.25 ? 33  GLU B CG  1 
ATOM   688  C CD  . GLU B 1 34 ? 4.069   5.355   -11.368 1.00 27.63 ? 33  GLU B CD  1 
ATOM   689  O OE1 . GLU B 1 34 ? 3.738   5.393   -10.157 1.00 26.70 ? 33  GLU B OE1 1 
ATOM   690  O OE2 . GLU B 1 34 ? 4.257   6.392   -12.053 1.00 26.05 ? 33  GLU B OE2 1 
ATOM   691  N N   . ASN B 1 35 ? 5.475   3.784   -16.536 1.00 17.63 ? 34  ASN B N   1 
ATOM   692  C CA  . ASN B 1 35 ? 6.329   4.035   -17.695 1.00 16.10 ? 34  ASN B CA  1 
ATOM   693  C C   . ASN B 1 35 ? 5.597   4.918   -18.707 1.00 14.91 ? 34  ASN B C   1 
ATOM   694  O O   . ASN B 1 35 ? 6.193   5.815   -19.319 1.00 19.13 ? 34  ASN B O   1 
ATOM   695  C CB  . ASN B 1 35 ? 6.777   2.708   -18.331 1.00 17.93 ? 34  ASN B CB  1 
ATOM   696  C CG  . ASN B 1 35 ? 7.635   2.898   -19.570 1.00 21.03 ? 34  ASN B CG  1 
ATOM   697  O OD1 . ASN B 1 35 ? 8.860   3.029   -19.480 1.00 23.92 ? 34  ASN B OD1 1 
ATOM   698  N ND2 . ASN B 1 35 ? 6.996   2.890   -20.736 1.00 19.27 ? 34  ASN B ND2 1 
ATOM   699  N N   . GLU B 1 36 ? 4.297   4.675   -18.877 1.00 13.18 ? 35  GLU B N   1 
ATOM   700  C CA  . GLU B 1 36 ? 3.501   5.439   -19.829 1.00 14.80 ? 35  GLU B CA  1 
ATOM   701  C C   . GLU B 1 36 ? 3.337   6.870   -19.351 1.00 15.63 ? 35  GLU B C   1 
ATOM   702  O O   . GLU B 1 36 ? 3.495   7.798   -20.132 1.00 17.70 ? 35  GLU B O   1 
ATOM   703  C CB  . GLU B 1 36 ? 2.126   4.799   -20.051 1.00 19.45 ? 35  GLU B CB  1 
ATOM   704  C CG  . GLU B 1 36 ? 2.131   3.591   -20.986 1.00 24.68 ? 35  GLU B CG  1 
ATOM   705  C CD  . GLU B 1 36 ? 2.786   3.869   -22.333 1.00 26.47 ? 35  GLU B CD  1 
ATOM   706  O OE1 . GLU B 1 36 ? 2.273   4.716   -23.091 1.00 25.86 ? 35  GLU B OE1 1 
ATOM   707  O OE2 . GLU B 1 36 ? 3.800   3.211   -22.648 1.00 32.34 ? 35  GLU B OE2 1 
ATOM   708  N N   . VAL B 1 37 ? 3.041   7.051   -18.064 1.00 14.71 ? 36  VAL B N   1 
ATOM   709  C CA  . VAL B 1 37 ? 2.887   8.399   -17.519 1.00 17.09 ? 36  VAL B CA  1 
ATOM   710  C C   . VAL B 1 37 ? 4.205   9.151   -17.663 1.00 19.81 ? 36  VAL B C   1 
ATOM   711  O O   . VAL B 1 37 ? 4.219   10.308  -18.061 1.00 16.01 ? 36  VAL B O   1 
ATOM   712  C CB  . VAL B 1 37 ? 2.456   8.392   -16.032 1.00 14.83 ? 36  VAL B CB  1 
ATOM   713  C CG1 . VAL B 1 37 ? 2.517   9.824   -15.474 1.00 16.00 ? 36  VAL B CG1 1 
ATOM   714  C CG2 . VAL B 1 37 ? 1.057   7.826   -15.895 1.00 14.33 ? 36  VAL B CG2 1 
ATOM   715  N N   . ALA B 1 38 ? 5.310   8.479   -17.372 1.00 17.35 ? 37  ALA B N   1 
ATOM   716  C CA  . ALA B 1 38 ? 6.618   9.104   -17.481 1.00 18.04 ? 37  ALA B CA  1 
ATOM   717  C C   . ALA B 1 38 ? 6.910   9.523   -18.926 1.00 16.32 ? 37  ALA B C   1 
ATOM   718  O O   . ALA B 1 38 ? 7.392   10.627  -19.171 1.00 22.33 ? 37  ALA B O   1 
ATOM   719  C CB  . ALA B 1 38 ? 7.694   8.184   -16.954 1.00 23.16 ? 37  ALA B CB  1 
ATOM   720  N N   . ARG B 1 39 ? 6.620   8.636   -19.871 1.00 14.24 ? 38  ARG B N   1 
ATOM   721  C CA  . ARG B 1 39 ? 6.849   8.912   -21.288 1.00 16.66 ? 38  ARG B CA  1 
ATOM   722  C C   . ARG B 1 39 ? 6.030   10.114  -21.742 1.00 19.58 ? 38  ARG B C   1 
ATOM   723  O O   . ARG B 1 39 ? 6.536   11.012  -22.411 1.00 16.95 ? 38  ARG B O   1 
ATOM   724  C CB  . ARG B 1 39 ? 6.460   7.683   -22.117 1.00 17.14 ? 38  ARG B CB  1 
ATOM   725  C CG  . ARG B 1 39 ? 6.588   7.849   -23.617 1.00 20.57 ? 38  ARG B CG  1 
ATOM   726  C CD  . ARG B 1 39 ? 6.027   6.626   -24.350 1.00 15.10 ? 38  ARG B CD  1 
ATOM   727  N NE  . ARG B 1 39 ? 4.569   6.515   -24.246 1.00 18.70 ? 38  ARG B NE  1 
ATOM   728  C CZ  . ARG B 1 39 ? 3.669   7.203   -24.948 1.00 14.55 ? 38  ARG B CZ  1 
ATOM   729  N NH1 . ARG B 1 39 ? 4.024   8.133   -25.839 1.00 17.54 ? 38  ARG B NH1 1 
ATOM   730  N NH2 . ARG B 1 39 ? 2.377   6.966   -24.731 1.00 20.14 ? 38  ARG B NH2 1 
ATOM   731  N N   . LEU B 1 40 ? 4.758   10.124  -21.379 1.00 14.06 ? 39  LEU B N   1 
ATOM   732  C CA  . LEU B 1 40 ? 3.859   11.191  -21.770 1.00 14.89 ? 39  LEU B CA  1 
ATOM   733  C C   . LEU B 1 40 ? 4.249   12.494  -21.085 1.00 18.30 ? 39  LEU B C   1 
ATOM   734  O O   . LEU B 1 40 ? 4.179   13.550  -21.704 1.00 17.18 ? 39  LEU B O   1 
ATOM   735  C CB  . LEU B 1 40 ? 2.411   10.812  -21.466 1.00 17.59 ? 39  LEU B CB  1 
ATOM   736  C CG  . LEU B 1 40 ? 1.798   9.783   -22.427 1.00 15.21 ? 39  LEU B CG  1 
ATOM   737  C CD1 . LEU B 1 40 ? 0.576   9.161   -21.800 1.00 14.78 ? 39  LEU B CD1 1 
ATOM   738  C CD2 . LEU B 1 40 ? 1.422   10.440  -23.771 1.00 18.59 ? 39  LEU B CD2 1 
ATOM   739  N N   . LYS B 1 41 ? 4.679   12.426  -19.829 1.00 15.64 ? 40  LYS B N   1 
ATOM   740  C CA  . LYS B 1 41 ? 5.080   13.649  -19.131 1.00 17.57 ? 40  LYS B CA  1 
ATOM   741  C C   . LYS B 1 41 ? 6.329   14.257  -19.760 1.00 18.45 ? 40  LYS B C   1 
ATOM   742  O O   . LYS B 1 41 ? 6.469   15.477  -19.801 1.00 20.60 ? 40  LYS B O   1 
ATOM   743  C CB  . LYS B 1 41 ? 5.295   13.401  -17.639 1.00 18.90 ? 40  LYS B CB  1 
ATOM   744  C CG  . LYS B 1 41 ? 4.012   13.438  -16.834 1.00 17.26 ? 40  LYS B CG  1 
ATOM   745  C CD  . LYS B 1 41 ? 4.317   13.451  -15.346 1.00 19.63 ? 40  LYS B CD  1 
ATOM   746  C CE  . LYS B 1 41 ? 3.038   13.455  -14.515 1.00 27.51 ? 40  LYS B CE  1 
ATOM   747  N NZ  . LYS B 1 41 ? 3.342   13.576  -13.064 1.00 26.93 ? 40  LYS B NZ  1 
ATOM   748  N N   . LYS B 1 42 ? 7.228   13.415  -20.249 1.00 17.31 ? 41  LYS B N   1 
ATOM   749  C CA  . LYS B 1 42 ? 8.450   13.905  -20.883 1.00 15.43 ? 41  LYS B CA  1 
ATOM   750  C C   . LYS B 1 42 ? 8.111   14.571  -22.220 1.00 19.90 ? 41  LYS B C   1 
ATOM   751  O O   . LYS B 1 42 ? 8.712   15.583  -22.581 1.00 23.10 ? 41  LYS B O   1 
ATOM   752  C CB  . LYS B 1 42 ? 9.461   12.773  -21.083 1.00 21.07 ? 41  LYS B CB  1 
ATOM   753  C CG  . LYS B 1 42 ? 10.824  13.235  -21.638 1.00 26.91 ? 41  LYS B CG  1 
ATOM   754  C CD  . LYS B 1 42 ? 11.770  12.058  -21.872 1.00 30.93 ? 41  LYS B CD  1 
ATOM   755  C CE  . LYS B 1 42 ? 13.090  12.529  -22.472 1.00 29.50 ? 41  LYS B CE  1 
ATOM   756  N NZ  . LYS B 1 42 ? 13.808  13.508  -21.599 1.00 26.93 ? 41  LYS B NZ  1 
ATOM   757  N N   . LEU B 1 43 ? 7.148   14.004  -22.949 1.00 19.73 ? 42  LEU B N   1 
ATOM   758  C CA  . LEU B 1 43 ? 6.653   14.605  -24.193 1.00 17.73 ? 42  LEU B CA  1 
ATOM   759  C C   . LEU B 1 43 ? 6.072   15.995  -23.974 1.00 21.53 ? 42  LEU B C   1 
ATOM   760  O O   . LEU B 1 43 ? 6.367   16.921  -24.745 1.00 20.96 ? 42  LEU B O   1 
ATOM   761  C CB  . LEU B 1 43 ? 5.592   13.723  -24.855 1.00 20.84 ? 42  LEU B CB  1 
ATOM   762  C CG  . LEU B 1 43 ? 6.052   12.451  -25.555 1.00 19.12 ? 42  LEU B CG  1 
ATOM   763  C CD1 . LEU B 1 43 ? 4.865   11.738  -26.186 1.00 21.29 ? 42  LEU B CD1 1 
ATOM   764  C CD2 . LEU B 1 43 ? 7.106   12.755  -26.613 1.00 18.92 ? 42  LEU B CD2 1 
ATOM   765  N N   . VAL B 1 44 ? 5.239   16.145  -22.943 1.00 19.98 ? 43  VAL B N   1 
ATOM   766  C CA  . VAL B 1 44 ? 4.610   17.442  -22.671 1.00 19.69 ? 43  VAL B CA  1 
ATOM   767  C C   . VAL B 1 44 ? 5.508   18.383  -21.847 1.00 20.54 ? 43  VAL B C   1 
ATOM   768  O O   . VAL B 1 44 ? 5.331   19.595  -21.871 1.00 21.78 ? 43  VAL B O   1 
ATOM   769  C CB  . VAL B 1 44 ? 3.223   17.316  -21.992 1.00 22.33 ? 43  VAL B CB  1 
ATOM   770  C CG1 . VAL B 1 44 ? 2.338   16.352  -22.744 1.00 26.45 ? 43  VAL B CG1 1 
ATOM   771  C CG2 . VAL B 1 44 ? 3.372   16.834  -20.575 1.00 26.88 ? 43  VAL B CG2 1 
ATOM   772  N N   . GLY B 1 45 ? 6.481   17.833  -21.136 1.00 18.38 ? 44  GLY B N   1 
ATOM   773  C CA  . GLY B 1 45 ? 7.357   18.662  -20.327 1.00 22.90 ? 44  GLY B CA  1 
ATOM   774  C C   . GLY B 1 45 ? 6.849   18.864  -18.908 1.00 29.93 ? 44  GLY B C   1 
ATOM   775  O O   . GLY B 1 45 ? 7.179   19.860  -18.261 1.00 26.01 ? 44  GLY B O   1 
ATOM   776  N N   . GLU B 1 46 ? 6.041   17.922  -18.420 1.00 23.02 ? 45  GLU B N   1 
ATOM   777  C CA  . GLU B 1 46 ? 5.630   17.908  -17.017 1.00 25.60 ? 45  GLU B CA  1 
ATOM   778  C C   . GLU B 1 46 ? 6.605   17.059  -16.196 1.00 29.41 ? 45  GLU B C   1 
ATOM   779  O O   . GLU B 1 46 ? 7.462   16.368  -16.752 1.00 26.47 ? 45  GLU B O   1 
ATOM   780  C CB  . GLU B 1 46 ? 4.226   17.315  -16.870 1.00 21.15 ? 45  GLU B CB  1 
ATOM   781  C CG  . GLU B 1 46 ? 3.078   18.185  -17.335 1.00 22.27 ? 45  GLU B CG  1 
ATOM   782  C CD  . GLU B 1 46 ? 1.738   17.535  -17.062 1.00 29.54 ? 45  GLU B CD  1 
ATOM   783  O OE1 . GLU B 1 46 ? 1.716   16.575  -16.264 1.00 22.99 ? 45  GLU B OE1 1 
ATOM   784  O OE2 . GLU B 1 46 ? 0.717   17.960  -17.643 1.00 21.98 ? 45  GLU B OE2 1 
ATOM   785  N N   . ARG B 1 47 ? 6.462   17.084  -14.873 1.00 31.56 ? 46  ARG B N   1 
ATOM   786  C CA  . ARG B 1 47 ? 7.340   16.290  -14.013 1.00 32.88 ? 46  ARG B CA  1 
ATOM   787  C C   . ARG B 1 47 ? 6.662   15.870  -12.707 1.00 37.56 ? 46  ARG B C   1 
ATOM   788  O O   . ARG B 1 47 ? 5.432   15.892  -12.591 1.00 38.68 ? 46  ARG B O   1 
ATOM   789  C CB  . ARG B 1 47 ? 8.636   17.055  -13.720 1.00 40.13 ? 46  ARG B CB  1 
ATOM   790  C CG  . ARG B 1 47 ? 8.404   18.405  -13.069 1.00 34.70 ? 46  ARG B CG  1 
ATOM   791  C CD  . ARG B 1 47 ? 9.666   19.241  -12.961 1.00 30.71 ? 46  ARG B CD  1 
ATOM   792  N NE  . ARG B 1 47 ? 10.466  18.892  -11.790 1.00 31.56 ? 46  ARG B NE  1 
ATOM   793  C CZ  . ARG B 1 47 ? 11.486  19.620  -11.339 1.00 29.58 ? 46  ARG B CZ  1 
ATOM   794  N NH1 . ARG B 1 47 ? 11.829  20.742  -11.960 1.00 25.04 ? 46  ARG B NH1 1 
ATOM   795  N NH2 . ARG B 1 47 ? 12.162  19.228  -10.267 1.00 28.77 ? 46  ARG B NH2 1 
ATOM   796  N N   . GLY C 1 1  ? 18.949  -7.250  30.986  1.00 25.48 ? -1  GLY C N   1 
ATOM   797  C CA  . GLY C 1 1  ? 20.367  -7.220  30.694  1.00 27.59 ? -1  GLY C CA  1 
ATOM   798  C C   . GLY C 1 1  ? 20.684  -6.785  29.276  1.00 29.11 ? -1  GLY C C   1 
ATOM   799  O O   . GLY C 1 1  ? 19.816  -6.279  28.561  1.00 28.57 ? -1  GLY C O   1 
ATOM   800  N N   . MET C 1 2  ? 21.930  -6.996  28.869  1.00 29.99 ? 1   MET C N   1 
ATOM   801  C CA  . MET C 1 2  ? 22.403  -6.630  27.533  1.00 27.70 ? 1   MET C CA  1 
ATOM   802  C C   . MET C 1 2  ? 21.523  -7.146  26.385  1.00 32.56 ? 1   MET C C   1 
ATOM   803  O O   . MET C 1 2  ? 21.130  -6.383  25.493  1.00 24.88 ? 1   MET C O   1 
ATOM   804  C CB  . MET C 1 2  ? 23.828  -7.145  27.342  1.00 35.25 ? 1   MET C CB  1 
ATOM   805  C CG  . MET C 1 2  ? 24.350  -6.950  25.939  1.00 36.21 ? 1   MET C CG  1 
ATOM   806  S SD  . MET C 1 2  ? 24.913  -5.261  25.668  1.00 46.15 ? 1   MET C SD  1 
ATOM   807  C CE  . MET C 1 2  ? 26.413  -5.305  26.650  1.00 36.44 ? 1   MET C CE  1 
ATOM   808  N N   . ASP C 1 3  ? 21.224  -8.441  26.412  1.00 26.17 ? 2   ASP C N   1 
ATOM   809  C CA  . ASP C 1 3  ? 20.430  -9.081  25.368  1.00 27.79 ? 2   ASP C CA  1 
ATOM   810  C C   . ASP C 1 3  ? 19.047  -8.456  25.254  1.00 21.91 ? 2   ASP C C   1 
ATOM   811  O O   . ASP C 1 3  ? 18.537  -8.275  24.151  1.00 20.95 ? 2   ASP C O   1 
ATOM   812  C CB  . ASP C 1 3  ? 20.308  -10.581 25.643  1.00 27.77 ? 2   ASP C CB  1 
ATOM   813  C CG  . ASP C 1 3  ? 21.658  -11.272 25.674  1.00 32.57 ? 2   ASP C CG  1 
ATOM   814  O OD1 . ASP C 1 3  ? 22.421  -11.126 24.694  1.00 34.56 ? 2   ASP C OD1 1 
ATOM   815  O OD2 . ASP C 1 3  ? 21.965  -11.946 26.684  1.00 43.56 ? 2   ASP C OD2 1 
ATOM   816  N N   . ALA C 1 4  ? 18.451  -8.115  26.388  1.00 17.71 ? 3   ALA C N   1 
ATOM   817  C CA  . ALA C 1 4  ? 17.113  -7.533  26.382  1.00 18.41 ? 3   ALA C CA  1 
ATOM   818  C C   . ALA C 1 4  ? 17.114  -6.152  25.744  1.00 18.71 ? 3   ALA C C   1 
ATOM   819  O O   . ALA C 1 4  ? 16.227  -5.843  24.937  1.00 18.53 ? 3   ALA C O   1 
ATOM   820  C CB  . ALA C 1 4  ? 16.554  -7.455  27.779  1.00 22.04 ? 3   ALA C CB  1 
ATOM   821  N N   . ILE C 1 5  ? 18.083  -5.311  26.125  1.00 20.67 ? 4   ILE C N   1 
ATOM   822  C CA  . ILE C 1 5  ? 18.166  -3.956  25.584  1.00 21.79 ? 4   ILE C CA  1 
ATOM   823  C C   . ILE C 1 5  ? 18.525  -4.005  24.098  1.00 20.07 ? 4   ILE C C   1 
ATOM   824  O O   . ILE C 1 5  ? 17.992  -3.229  23.308  1.00 19.07 ? 4   ILE C O   1 
ATOM   825  C CB  . ILE C 1 5  ? 19.197  -3.064  26.333  1.00 21.14 ? 4   ILE C CB  1 
ATOM   826  C CG1 . ILE C 1 5  ? 19.220  -3.372  27.829  1.00 34.62 ? 4   ILE C CG1 1 
ATOM   827  C CG2 . ILE C 1 5  ? 18.909  -1.588  26.089  1.00 27.11 ? 4   ILE C CG2 1 
ATOM   828  C CD1 . ILE C 1 5  ? 18.149  -2.658  28.642  1.00 42.38 ? 4   ILE C CD1 1 
ATOM   829  N N   . LYS C 1 6  ? 19.426  -4.904  23.717  1.00 18.76 ? 5   LYS C N   1 
ATOM   830  C CA  . LYS C 1 6  ? 19.778  -5.077  22.304  1.00 20.12 ? 5   LYS C CA  1 
ATOM   831  C C   . LYS C 1 6  ? 18.556  -5.464  21.483  1.00 19.54 ? 5   LYS C C   1 
ATOM   832  O O   . LYS C 1 6  ? 18.356  -4.950  20.375  1.00 21.59 ? 5   LYS C O   1 
ATOM   833  C CB  . LYS C 1 6  ? 20.862  -6.138  22.128  1.00 26.52 ? 5   LYS C CB  1 
ATOM   834  C CG  . LYS C 1 6  ? 22.263  -5.668  22.482  1.00 29.44 ? 5   LYS C CG  1 
ATOM   835  C CD  . LYS C 1 6  ? 23.239  -6.846  22.490  1.00 33.20 ? 5   LYS C CD  1 
ATOM   836  C CE  . LYS C 1 6  ? 24.671  -6.368  22.347  1.00 42.49 ? 5   LYS C CE  1 
ATOM   837  N NZ  . LYS C 1 6  ? 24.900  -5.715  21.030  1.00 34.07 ? 5   LYS C NZ  1 
ATOM   838  N N   . LYS C 1 7  ? 17.744  -6.373  22.018  1.00 16.17 ? 6   LYS C N   1 
ATOM   839  C CA  . LYS C 1 7  ? 16.487  -6.760  21.373  1.00 16.78 ? 6   LYS C CA  1 
ATOM   840  C C   . LYS C 1 7  ? 15.528  -5.586  21.272  1.00 17.09 ? 6   LYS C C   1 
ATOM   841  O O   . LYS C 1 7  ? 14.909  -5.382  20.227  1.00 15.76 ? 6   LYS C O   1 
ATOM   842  C CB  . LYS C 1 7  ? 15.833  -7.938  22.102  1.00 18.17 ? 6   LYS C CB  1 
ATOM   843  C CG  . LYS C 1 7  ? 14.491  -8.397  21.520  1.00 23.77 ? 6   LYS C CG  1 
ATOM   844  C CD  . LYS C 1 7  ? 14.639  -8.771  20.061  1.00 25.67 ? 6   LYS C CD  1 
ATOM   845  C CE  . LYS C 1 7  ? 13.438  -9.561  19.561  1.00 25.97 ? 6   LYS C CE  1 
ATOM   846  N NZ  . LYS C 1 7  ? 13.608  -9.898  18.115  1.00 31.81 ? 6   LYS C NZ  1 
ATOM   847  N N   . LYS C 1 8  ? 15.398  -4.807  22.343  1.00 16.63 ? 7   LYS C N   1 
ATOM   848  C CA  . LYS C 1 8  ? 14.520  -3.640  22.309  1.00 18.29 ? 7   LYS C CA  1 
ATOM   849  C C   . LYS C 1 8  ? 14.971  -2.624  21.261  1.00 18.03 ? 7   LYS C C   1 
ATOM   850  O O   . LYS C 1 8  ? 14.143  -2.013  20.580  1.00 16.55 ? 7   LYS C O   1 
ATOM   851  C CB  . LYS C 1 8  ? 14.441  -2.970  23.681  1.00 20.07 ? 7   LYS C CB  1 
ATOM   852  C CG  . LYS C 1 8  ? 13.544  -3.679  24.689  1.00 21.48 ? 7   LYS C CG  1 
ATOM   853  C CD  . LYS C 1 8  ? 13.749  -3.069  26.078  1.00 29.37 ? 7   LYS C CD  1 
ATOM   854  C CE  . LYS C 1 8  ? 12.448  -2.551  26.693  1.00 44.80 ? 7   LYS C CE  1 
ATOM   855  N NZ  . LYS C 1 8  ? 11.425  -3.606  26.952  1.00 33.28 ? 7   LYS C NZ  1 
ATOM   856  N N   . MET C 1 9  ? 16.280  -2.446  21.121  1.00 15.45 ? 8   MET C N   1 
ATOM   857  C CA  . MET C 1 9  ? 16.796  -1.579  20.065  1.00 18.25 ? 8   MET C CA  1 
ATOM   858  C C   . MET C 1 9  ? 16.430  -2.103  18.671  1.00 20.05 ? 8   MET C C   1 
ATOM   859  O O   . MET C 1 9  ? 16.016  -1.332  17.792  1.00 17.78 ? 8   MET C O   1 
ATOM   860  C CB  . MET C 1 9  ? 18.304  -1.398  20.186  1.00 21.56 ? 8   MET C CB  1 
ATOM   861  C CG  . MET C 1 9  ? 18.869  -0.458  19.139  1.00 17.77 ? 8   MET C CG  1 
ATOM   862  S SD  . MET C 1 9  ? 20.547  0.068   19.519  1.00 25.07 ? 8   MET C SD  1 
ATOM   863  C CE  . MET C 1 9  ? 21.345  -1.532  19.704  1.00 33.51 ? 8   MET C CE  1 
ATOM   864  N N   . GLN C 1 10 ? 16.588  -3.410  18.482  1.00 19.67 ? 9   GLN C N   1 
ATOM   865  C CA  . GLN C 1 10 ? 16.166  -4.132  17.278  1.00 22.01 ? 9   GLN C CA  1 
ATOM   866  C C   . GLN C 1 10 ? 14.705  -3.838  16.943  1.00 21.43 ? 9   GLN C C   1 
ATOM   867  O O   . GLN C 1 10 ? 14.358  -3.443  15.821  1.00 21.29 ? 9   GLN C O   1 
ATOM   868  C CB  . GLN C 1 10 ? 16.321  -5.636  17.562  1.00 32.30 ? 9   GLN C CB  1 
ATOM   869  C CG  . GLN C 1 10 ? 16.248  -6.584  16.372  1.00 42.53 ? 9   GLN C CG  1 
ATOM   870  C CD  . GLN C 1 10 ? 14.924  -7.319  16.228  1.00 35.98 ? 9   GLN C CD  1 
ATOM   871  O OE1 . GLN C 1 10 ? 14.518  -8.069  17.112  1.00 43.97 ? 9   GLN C OE1 1 
ATOM   872  N NE2 . GLN C 1 10 ? 14.258  -7.124  15.093  1.00 39.64 ? 9   GLN C NE2 1 
ATOM   873  N N   . MET C 1 11 ? 13.843  -4.015  17.930  1.00 19.59 ? 10  MET C N   1 
ATOM   874  C CA  . MET C 1 11 ? 12.419  -3.815  17.709  1.00 19.67 ? 10  MET C CA  1 
ATOM   875  C C   . MET C 1 11 ? 12.058  -2.359  17.419  1.00 16.04 ? 10  MET C C   1 
ATOM   876  O O   . MET C 1 11 ? 11.150  -2.101  16.624  1.00 20.15 ? 10  MET C O   1 
ATOM   877  C CB  . MET C 1 11 ? 11.603  -4.383  18.873  1.00 24.32 ? 10  MET C CB  1 
ATOM   878  C CG  . MET C 1 11 ? 11.804  -5.889  19.092  1.00 30.31 ? 10  MET C CG  1 
ATOM   879  S SD  . MET C 1 11 ? 11.461  -6.919  17.628  1.00 29.45 ? 10  MET C SD  1 
ATOM   880  C CE  . MET C 1 11 ? 9.836   -6.324  17.152  1.00 37.80 ? 10  MET C CE  1 
ATOM   881  N N   . LEU C 1 12 ? 12.772  -1.418  18.037  1.00 15.77 ? 11  LEU C N   1 
ATOM   882  C CA  . LEU C 1 12 ? 12.609  0.008   17.722  1.00 17.23 ? 11  LEU C CA  1 
ATOM   883  C C   . LEU C 1 12 ? 13.007  0.330   16.286  1.00 18.56 ? 11  LEU C C   1 
ATOM   884  O O   . LEU C 1 12 ? 12.326  1.124   15.620  1.00 18.19 ? 11  LEU C O   1 
ATOM   885  C CB  . LEU C 1 12 ? 13.419  0.903   18.678  1.00 20.64 ? 11  LEU C CB  1 
ATOM   886  C CG  . LEU C 1 12 ? 12.807  1.221   20.041  1.00 26.97 ? 11  LEU C CG  1 
ATOM   887  C CD1 . LEU C 1 12 ? 13.705  2.187   20.811  1.00 30.89 ? 11  LEU C CD1 1 
ATOM   888  C CD2 . LEU C 1 12 ? 11.423  1.804   19.902  1.00 29.02 ? 11  LEU C CD2 1 
ATOM   889  N N   . LYS C 1 13 ? 14.114  -0.246  15.805  1.00 17.93 ? 12  LYS C N   1 
ATOM   890  C CA  . LYS C 1 13 ? 14.492  -0.046  14.400  1.00 16.86 ? 12  LYS C CA  1 
ATOM   891  C C   . LYS C 1 13 ? 13.396  -0.556  13.468  1.00 17.48 ? 12  LYS C C   1 
ATOM   892  O O   . LYS C 1 13 ? 13.063  0.102   12.475  1.00 17.10 ? 12  LYS C O   1 
ATOM   893  C CB  . LYS C 1 13 ? 15.810  -0.736  14.064  1.00 21.85 ? 12  LYS C CB  1 
ATOM   894  C CG  . LYS C 1 13 ? 17.011  -0.110  14.723  1.00 28.02 ? 12  LYS C CG  1 
ATOM   895  C CD  . LYS C 1 13 ? 18.259  -0.286  13.876  1.00 33.75 ? 12  LYS C CD  1 
ATOM   896  C CE  . LYS C 1 13 ? 18.156  0.519   12.590  1.00 44.68 ? 12  LYS C CE  1 
ATOM   897  N NZ  . LYS C 1 13 ? 19.420  0.509   11.792  1.00 53.90 ? 12  LYS C NZ  1 
ATOM   898  N N   . LEU C 1 14 ? 12.823  -1.709  13.792  1.00 18.84 ? 13  LEU C N   1 
ATOM   899  C CA  . LEU C 1 14 ? 11.760  -2.277  12.965  1.00 19.64 ? 13  LEU C CA  1 
ATOM   900  C C   . LEU C 1 14 ? 10.517  -1.380  13.010  1.00 18.87 ? 13  LEU C C   1 
ATOM   901  O O   . LEU C 1 14 ? 9.911   -1.101  11.973  1.00 19.49 ? 13  LEU C O   1 
ATOM   902  C CB  . LEU C 1 14 ? 11.448  -3.719  13.387  1.00 17.82 ? 13  LEU C CB  1 
ATOM   903  C CG  . LEU C 1 14 ? 10.419  -4.471  12.542  1.00 28.28 ? 13  LEU C CG  1 
ATOM   904  C CD1 . LEU C 1 14 ? 10.735  -4.307  11.069  1.00 27.78 ? 13  LEU C CD1 1 
ATOM   905  C CD2 . LEU C 1 14 ? 10.416  -5.934  12.907  1.00 33.82 ? 13  LEU C CD2 1 
ATOM   906  N N   . ASP C 1 15 ? 10.184  -0.893  14.205  1.00 17.15 ? 14  ASP C N   1 
ATOM   907  C CA  . ASP C 1 15 ? 9.109   0.075   14.401  1.00 17.22 ? 14  ASP C CA  1 
ATOM   908  C C   . ASP C 1 15 ? 9.307   1.350   13.563  1.00 16.25 ? 14  ASP C C   1 
ATOM   909  O O   . ASP C 1 15 ? 8.353   1.867   12.980  1.00 20.10 ? 14  ASP C O   1 
ATOM   910  C CB  . ASP C 1 15 ? 8.985   0.459   15.884  1.00 20.04 ? 14  ASP C CB  1 
ATOM   911  C CG  . ASP C 1 15 ? 8.233   -0.571  16.708  1.00 30.66 ? 14  ASP C CG  1 
ATOM   912  O OD1 . ASP C 1 15 ? 7.622   -1.489  16.121  1.00 26.02 ? 14  ASP C OD1 1 
ATOM   913  O OD2 . ASP C 1 15 ? 8.241   -0.445  17.954  1.00 29.88 ? 14  ASP C OD2 1 
ATOM   914  N N   . LYS C 1 16 ? 10.537  1.861   13.535  1.00 14.59 ? 15  LYS C N   1 
ATOM   915  C CA  . LYS C 1 16 ? 10.864  3.058   12.759  1.00 14.42 ? 15  LYS C CA  1 
ATOM   916  C C   . LYS C 1 16 ? 10.715  2.778   11.265  1.00 17.53 ? 15  LYS C C   1 
ATOM   917  O O   . LYS C 1 16 ? 10.112  3.576   10.540  1.00 16.33 ? 15  LYS C O   1 
ATOM   918  C CB  . LYS C 1 16 ? 12.285  3.520   13.070  1.00 16.54 ? 15  LYS C CB  1 
ATOM   919  C CG  . LYS C 1 16 ? 12.838  4.585   12.119  1.00 18.17 ? 15  LYS C CG  1 
ATOM   920  C CD  . LYS C 1 16 ? 14.347  4.746   12.329  1.00 17.80 ? 15  LYS C CD  1 
ATOM   921  C CE  . LYS C 1 16 ? 14.962  5.645   11.262  1.00 30.46 ? 15  LYS C CE  1 
ATOM   922  N NZ  . LYS C 1 16 ? 16.456  5.642   11.326  1.00 32.73 ? 15  LYS C NZ  1 
ATOM   923  N N   . GLU C 1 17 ? 11.250  1.650   10.809  1.00 16.96 ? 16  GLU C N   1 
ATOM   924  C CA  . GLU C 1 17 ? 11.177  1.299   9.385   1.00 18.69 ? 16  GLU C CA  1 
ATOM   925  C C   . GLU C 1 17 ? 9.724   1.158   8.948   1.00 17.46 ? 16  GLU C C   1 
ATOM   926  O O   . GLU C 1 17 ? 9.338   1.632   7.864   1.00 18.16 ? 16  GLU C O   1 
ATOM   927  C CB  . GLU C 1 17 ? 11.945  0.003   9.088   1.00 26.23 ? 16  GLU C CB  1 
ATOM   928  C CG  . GLU C 1 17 ? 13.458  0.092   9.318   1.00 26.24 ? 16  GLU C CG  1 
ATOM   929  C CD  . GLU C 1 17 ? 14.144  1.084   8.406   1.00 33.90 ? 16  GLU C CD  1 
ATOM   930  O OE1 . GLU C 1 17 ? 13.952  0.995   7.172   1.00 33.10 ? 16  GLU C OE1 1 
ATOM   931  O OE2 . GLU C 1 17 ? 14.882  1.951   8.920   1.00 33.16 ? 16  GLU C OE2 1 
ATOM   932  N N   . ASN C 1 18 ? 8.918   0.541   9.796   1.00 17.61 ? 17  ASN C N   1 
ATOM   933  C CA  . ASN C 1 18 ? 7.499   0.353   9.524   1.00 20.55 ? 17  ASN C CA  1 
ATOM   934  C C   . ASN C 1 18 ? 6.752   1.675   9.500   1.00 16.48 ? 17  ASN C C   1 
ATOM   935  O O   . ASN C 1 18 ? 5.842   1.868   8.691   1.00 17.13 ? 17  ASN C O   1 
ATOM   936  C CB  . ASN C 1 18 ? 6.854   -0.566  10.568  1.00 20.74 ? 17  ASN C CB  1 
ATOM   937  C CG  . ASN C 1 18 ? 7.171   -2.031  10.338  1.00 19.91 ? 17  ASN C CG  1 
ATOM   938  O OD1 . ASN C 1 18 ? 7.489   -2.438  9.221   1.00 22.89 ? 17  ASN C OD1 1 
ATOM   939  N ND2 . ASN C 1 18 ? 7.079   -2.834  11.396  1.00 22.16 ? 17  ASN C ND2 1 
ATOM   940  N N   . ALA C 1 19 ? 7.110   2.568   10.413  1.00 16.72 ? 18  ALA C N   1 
ATOM   941  C CA  . ALA C 1 19 ? 6.474   3.878   10.461  1.00 17.84 ? 18  ALA C CA  1 
ATOM   942  C C   . ALA C 1 19 ? 6.827   4.680   9.216   1.00 15.42 ? 18  ALA C C   1 
ATOM   943  O O   . ALA C 1 19 ? 5.981   5.375   8.646   1.00 16.57 ? 18  ALA C O   1 
ATOM   944  C CB  . ALA C 1 19 ? 6.890   4.618   11.700  1.00 16.96 ? 18  ALA C CB  1 
ATOM   945  N N   . LEU C 1 20 ? 8.081   4.604   8.797   1.00 15.35 ? 19  LEU C N   1 
ATOM   946  C CA  . LEU C 1 20 ? 8.502   5.302   7.586   1.00 15.80 ? 19  LEU C CA  1 
ATOM   947  C C   . LEU C 1 20 ? 7.795   4.721   6.348   1.00 20.10 ? 19  LEU C C   1 
ATOM   948  O O   . LEU C 1 20 ? 7.355   5.465   5.467   1.00 15.27 ? 19  LEU C O   1 
ATOM   949  C CB  . LEU C 1 20 ? 10.027  5.246   7.440   1.00 22.08 ? 19  LEU C CB  1 
ATOM   950  C CG  . LEU C 1 20 ? 10.790  6.149   8.407   1.00 16.15 ? 19  LEU C CG  1 
ATOM   951  C CD1 . LEU C 1 20 ? 12.218  5.684   8.514   1.00 16.64 ? 19  LEU C CD1 1 
ATOM   952  C CD2 . LEU C 1 20 ? 10.753  7.569   7.876   1.00 16.99 ? 19  LEU C CD2 1 
ATOM   953  N N   . ASP C 1 21 ? 7.655   3.401   6.285   1.00 19.01 ? 20  ASP C N   1 
ATOM   954  C CA  . ASP C 1 21 ? 6.937   2.797   5.159   1.00 19.72 ? 20  ASP C CA  1 
ATOM   955  C C   . ASP C 1 21 ? 5.490   3.278   5.125   1.00 19.57 ? 20  ASP C C   1 
ATOM   956  O O   . ASP C 1 21 ? 4.945   3.607   4.060   1.00 17.68 ? 20  ASP C O   1 
ATOM   957  C CB  . ASP C 1 21 ? 6.960   1.276   5.255   1.00 17.29 ? 20  ASP C CB  1 
ATOM   958  C CG  . ASP C 1 21 ? 8.336   0.696   5.015   1.00 18.48 ? 20  ASP C CG  1 
ATOM   959  O OD1 . ASP C 1 21 ? 9.215   1.403   4.466   1.00 22.96 ? 20  ASP C OD1 1 
ATOM   960  O OD2 . ASP C 1 21 ? 8.532   -0.492  5.376   1.00 25.93 ? 20  ASP C OD2 1 
ATOM   961  N N   . ARG C 1 22 ? 4.887   3.333   6.306   1.00 17.14 ? 21  ARG C N   1 
ATOM   962  C CA  . ARG C 1 22 ? 3.517   3.789   6.480   1.00 14.88 ? 21  ARG C CA  1 
ATOM   963  C C   . ARG C 1 22 ? 3.377   5.238   6.000   1.00 13.42 ? 21  ARG C C   1 
ATOM   964  O O   . ARG C 1 22 ? 2.417   5.582   5.294   1.00 16.81 ? 21  ARG C O   1 
ATOM   965  C CB  . ARG C 1 22 ? 3.112   3.660   7.956   1.00 19.88 ? 21  ARG C CB  1 
ATOM   966  C CG  . ARG C 1 22 ? 1.673   4.004   8.208   1.00 17.38 ? 21  ARG C CG  1 
ATOM   967  C CD  . ARG C 1 22 ? 1.320   3.935   9.662   1.00 21.48 ? 21  ARG C CD  1 
ATOM   968  N NE  . ARG C 1 22 ? 0.203   4.825   9.968   1.00 19.04 ? 21  ARG C NE  1 
ATOM   969  C CZ  . ARG C 1 22 ? -0.104  5.214   11.199  1.00 19.44 ? 21  ARG C CZ  1 
ATOM   970  N NH1 . ARG C 1 22 ? 0.606   4.766   12.219  1.00 27.51 ? 21  ARG C NH1 1 
ATOM   971  N NH2 . ARG C 1 22 ? -1.125  6.033   11.409  1.00 35.66 ? 21  ARG C NH2 1 
ATOM   972  N N   . ALA C 1 23 ? 4.335   6.083   6.375   1.00 12.18 ? 22  ALA C N   1 
ATOM   973  C CA  . ALA C 1 23 ? 4.324   7.482   5.940   1.00 13.55 ? 22  ALA C CA  1 
ATOM   974  C C   . ALA C 1 23 ? 4.468   7.585   4.434   1.00 18.72 ? 22  ALA C C   1 
ATOM   975  O O   . ALA C 1 23 ? 3.722   8.315   3.796   1.00 15.74 ? 22  ALA C O   1 
ATOM   976  C CB  . ALA C 1 23 ? 5.419   8.266   6.618   1.00 15.79 ? 22  ALA C CB  1 
ATOM   977  N N   . GLU C 1 24 ? 5.421   6.852   3.871   1.00 13.26 ? 23  GLU C N   1 
ATOM   978  C CA  . GLU C 1 24 ? 5.618   6.844   2.420   1.00 14.41 ? 23  GLU C CA  1 
ATOM   979  C C   . GLU C 1 24 ? 4.394   6.349   1.653   1.00 13.49 ? 23  GLU C C   1 
ATOM   980  O O   . GLU C 1 24 ? 4.064   6.889   0.588   1.00 19.01 ? 23  GLU C O   1 
ATOM   981  C CB  . GLU C 1 24 ? 6.876   6.036   2.060   1.00 15.90 ? 23  GLU C CB  1 
ATOM   982  C CG  . GLU C 1 24 ? 8.167   6.692   2.568   1.00 17.12 ? 23  GLU C CG  1 
ATOM   983  C CD  . GLU C 1 24 ? 9.414   5.837   2.371   1.00 28.73 ? 23  GLU C CD  1 
ATOM   984  O OE1 . GLU C 1 24 ? 9.305   4.726   1.798   1.00 23.55 ? 23  GLU C OE1 1 
ATOM   985  O OE2 . GLU C 1 24 ? 10.510  6.280   2.802   1.00 23.09 ? 23  GLU C OE2 1 
ATOM   986  N N   . GLN C 1 25 ? 3.711   5.341   2.186   1.00 13.09 ? 24  GLN C N   1 
ATOM   987  C CA  . GLN C 1 25 ? 2.516   4.826   1.525   1.00 11.72 ? 24  GLN C CA  1 
ATOM   988  C C   . GLN C 1 25 ? 1.415   5.869   1.524   1.00 19.04 ? 24  GLN C C   1 
ATOM   989  O O   . GLN C 1 25 ? 0.755   6.090   0.500   1.00 14.10 ? 24  GLN C O   1 
ATOM   990  C CB  . GLN C 1 25 ? 2.020   3.562   2.212   1.00 13.41 ? 24  GLN C CB  1 
ATOM   991  C CG  . GLN C 1 25 ? 0.807   2.965   1.529   1.00 17.86 ? 24  GLN C CG  1 
ATOM   992  C CD  . GLN C 1 25 ? 1.109   2.447   0.132   1.00 23.45 ? 24  GLN C CD  1 
ATOM   993  O OE1 . GLN C 1 25 ? 1.900   1.511   -0.041  1.00 26.32 ? 24  GLN C OE1 1 
ATOM   994  N NE2 . GLN C 1 25 ? 0.485   3.055   -0.877  1.00 20.69 ? 24  GLN C NE2 1 
ATOM   995  N N   . ALA C 1 26 ? 1.224   6.507   2.676   1.00 14.87 ? 25  ALA C N   1 
ATOM   996  C CA  . ALA C 1 26 ? 0.197   7.535   2.815   1.00 19.61 ? 25  ALA C CA  1 
ATOM   997  C C   . ALA C 1 26 ? 0.474   8.736   1.916   1.00 17.23 ? 25  ALA C C   1 
ATOM   998  O O   . ALA C 1 26 ? -0.453  9.322   1.368   1.00 16.63 ? 25  ALA C O   1 
ATOM   999  C CB  . ALA C 1 26 ? 0.074   7.987   4.254   1.00 18.57 ? 25  ALA C CB  1 
ATOM   1000 N N   . GLU C 1 27 ? 1.735   9.118   1.795   1.00 15.54 ? 26  GLU C N   1 
ATOM   1001 C CA  . GLU C 1 27 ? 2.103   10.250  0.948   1.00 14.46 ? 26  GLU C CA  1 
ATOM   1002 C C   . GLU C 1 27 ? 1.907   9.904   -0.525  1.00 16.06 ? 26  GLU C C   1 
ATOM   1003 O O   . GLU C 1 27 ? 1.501   10.760  -1.328  1.00 16.16 ? 26  GLU C O   1 
ATOM   1004 C CB  . GLU C 1 27 ? 3.536   10.698  1.265   1.00 15.20 ? 26  GLU C CB  1 
ATOM   1005 C CG  . GLU C 1 27 ? 3.662   11.275  2.672   1.00 17.92 ? 26  GLU C CG  1 
ATOM   1006 C CD  . GLU C 1 27 ? 5.093   11.561  3.115   1.00 25.07 ? 26  GLU C CD  1 
ATOM   1007 O OE1 . GLU C 1 27 ? 6.053   11.222  2.379   1.00 24.91 ? 26  GLU C OE1 1 
ATOM   1008 O OE2 . GLU C 1 27 ? 5.253   12.133  4.220   1.00 22.49 ? 26  GLU C OE2 1 
ATOM   1009 N N   . ALA C 1 28 ? 2.165   8.650   -0.882  1.00 16.79 ? 27  ALA C N   1 
ATOM   1010 C CA  . ALA C 1 28 ? 1.913   8.183   -2.248  1.00 13.59 ? 27  ALA C CA  1 
ATOM   1011 C C   . ALA C 1 28 ? 0.415   8.181   -2.568  1.00 17.97 ? 27  ALA C C   1 
ATOM   1012 O O   . ALA C 1 28 ? -0.008  8.666   -3.619  1.00 15.55 ? 27  ALA C O   1 
ATOM   1013 C CB  . ALA C 1 28 ? 2.512   6.807   -2.473  1.00 18.04 ? 27  ALA C CB  1 
ATOM   1014 N N   . ASP C 1 29 ? -0.394  7.649   -1.658  1.00 14.26 ? 28  ASP C N   1 
ATOM   1015 C CA  . ASP C 1 29 ? -1.845  7.691   -1.824  1.00 15.00 ? 28  ASP C CA  1 
ATOM   1016 C C   . ASP C 1 29 ? -2.333  9.127   -2.019  1.00 17.78 ? 28  ASP C C   1 
ATOM   1017 O O   . ASP C 1 29 ? -3.213  9.379   -2.844  1.00 17.97 ? 28  ASP C O   1 
ATOM   1018 C CB  . ASP C 1 29 ? -2.529  7.106   -0.581  1.00 14.91 ? 28  ASP C CB  1 
ATOM   1019 C CG  . ASP C 1 29 ? -2.243  5.633   -0.380  1.00 20.99 ? 28  ASP C CG  1 
ATOM   1020 O OD1 . ASP C 1 29 ? -1.832  4.928   -1.332  1.00 17.69 ? 28  ASP C OD1 1 
ATOM   1021 O OD2 . ASP C 1 29 ? -2.469  5.168   0.759   1.00 24.59 ? 28  ASP C OD2 1 
ATOM   1022 N N   . ASN C 1 30 ? -1.764  10.043  -1.231  1.00 15.21 ? 29  ASN C N   1 
ATOM   1023 C CA  . ASN C 1 30 ? -2.066  11.485  -1.268  1.00 15.22 ? 29  ASN C CA  1 
ATOM   1024 C C   . ASN C 1 30 ? -1.816  12.084  -2.649  1.00 12.80 ? 29  ASN C C   1 
ATOM   1025 O O   . ASN C 1 30 ? -2.620  12.877  -3.152  1.00 13.94 ? 29  ASN C O   1 
ATOM   1026 C CB  . ASN C 1 30 ? -1.211  12.220  -0.214  1.00 19.41 ? 29  ASN C CB  1 
ATOM   1027 C CG  . ASN C 1 30 ? -1.599  13.677  -0.028  1.00 18.44 ? 29  ASN C CG  1 
ATOM   1028 O OD1 . ASN C 1 30 ? -0.979  14.592  -0.605  1.00 20.97 ? 29  ASN C OD1 1 
ATOM   1029 N ND2 . ASN C 1 30 ? -2.601  13.912  0.814   1.00 15.11 ? 29  ASN C ND2 1 
ATOM   1030 N N   . TYR C 1 31 ? -0.688  11.716  -3.241  1.00 15.27 ? 30  TYR C N   1 
ATOM   1031 C CA  . TYR C 1 31 ? -0.347  12.173  -4.593  1.00 12.70 ? 30  TYR C CA  1 
ATOM   1032 C C   . TYR C 1 31 ? -1.479  11.820  -5.573  1.00 15.02 ? 30  TYR C C   1 
ATOM   1033 O O   . TYR C 1 31 ? -1.981  12.673  -6.316  1.00 16.83 ? 30  TYR C O   1 
ATOM   1034 C CB  . TYR C 1 31 ? 0.967   11.525  -5.018  1.00 17.13 ? 30  TYR C CB  1 
ATOM   1035 C CG  . TYR C 1 31 ? 1.548   11.981  -6.337  1.00 16.43 ? 30  TYR C CG  1 
ATOM   1036 C CD1 . TYR C 1 31 ? 2.601   12.882  -6.372  1.00 20.18 ? 30  TYR C CD1 1 
ATOM   1037 C CD2 . TYR C 1 31 ? 1.090   11.460  -7.537  1.00 18.50 ? 30  TYR C CD2 1 
ATOM   1038 C CE1 . TYR C 1 31 ? 3.158   13.284  -7.570  1.00 22.08 ? 30  TYR C CE1 1 
ATOM   1039 C CE2 . TYR C 1 31 ? 1.633   11.868  -8.750  1.00 19.92 ? 30  TYR C CE2 1 
ATOM   1040 C CZ  . TYR C 1 31 ? 2.668   12.772  -8.752  1.00 26.23 ? 30  TYR C CZ  1 
ATOM   1041 O OH  . TYR C 1 31 ? 3.220   13.170  -9.945  1.00 27.68 ? 30  TYR C OH  1 
ATOM   1042 N N   . HIS C 1 32 ? -1.880  10.553  -5.572  1.00 14.43 ? 31  HIS C N   1 
ATOM   1043 C CA  . HIS C 1 32 ? -2.960  10.086  -6.429  1.00 12.56 ? 31  HIS C CA  1 
ATOM   1044 C C   . HIS C 1 32 ? -4.302  10.763  -6.143  1.00 15.65 ? 31  HIS C C   1 
ATOM   1045 O O   . HIS C 1 32 ? -5.022  11.132  -7.067  1.00 17.31 ? 31  HIS C O   1 
ATOM   1046 C CB  . HIS C 1 32 ? -3.101  8.565   -6.302  1.00 17.00 ? 31  HIS C CB  1 
ATOM   1047 C CG  . HIS C 1 32 ? -2.002  7.799   -6.974  1.00 14.58 ? 31  HIS C CG  1 
ATOM   1048 N ND1 . HIS C 1 32 ? -1.618  8.025   -8.277  1.00 14.05 ? 31  HIS C ND1 1 
ATOM   1049 C CD2 . HIS C 1 32 ? -1.195  6.813   -6.510  1.00 20.51 ? 31  HIS C CD2 1 
ATOM   1050 C CE1 . HIS C 1 32 ? -0.623  7.212   -8.591  1.00 18.32 ? 31  HIS C CE1 1 
ATOM   1051 N NE2 . HIS C 1 32 ? -0.360  6.455   -7.540  1.00 22.15 ? 31  HIS C NE2 1 
ATOM   1052 N N   . LEU C 1 33 ? -4.631  10.925  -4.860  1.00 15.67 ? 32  LEU C N   1 
ATOM   1053 C CA  . LEU C 1 33 ? -5.889  11.550  -4.455  1.00 13.31 ? 32  LEU C CA  1 
ATOM   1054 C C   . LEU C 1 33 ? -5.948  13.010  -4.879  1.00 13.98 ? 32  LEU C C   1 
ATOM   1055 O O   . LEU C 1 33 ? -7.026  13.505  -5.223  1.00 14.06 ? 32  LEU C O   1 
ATOM   1056 C CB  . LEU C 1 33 ? -6.100  11.443  -2.941  1.00 16.99 ? 32  LEU C CB  1 
ATOM   1057 C CG  . LEU C 1 33 ? -6.399  10.048  -2.388  1.00 15.79 ? 32  LEU C CG  1 
ATOM   1058 C CD1 . LEU C 1 33 ? -6.309  10.032  -0.840  1.00 17.56 ? 32  LEU C CD1 1 
ATOM   1059 C CD2 . LEU C 1 33 ? -7.753  9.557   -2.878  1.00 18.44 ? 32  LEU C CD2 1 
ATOM   1060 N N   . GLU C 1 34 ? -4.810  13.701  -4.853  1.00 14.10 ? 33  GLU C N   1 
ATOM   1061 C CA  . GLU C 1 34 ? -4.778  15.088  -5.329  1.00 17.28 ? 33  GLU C CA  1 
ATOM   1062 C C   . GLU C 1 34 ? -5.158  15.133  -6.803  1.00 14.89 ? 33  GLU C C   1 
ATOM   1063 O O   . GLU C 1 34 ? -5.924  16.010  -7.231  1.00 15.56 ? 33  GLU C O   1 
ATOM   1064 C CB  . GLU C 1 34 ? -3.406  15.742  -5.095  1.00 13.99 ? 33  GLU C CB  1 
ATOM   1065 C CG  . GLU C 1 34 ? -3.125  16.115  -3.638  1.00 16.37 ? 33  GLU C CG  1 
ATOM   1066 C CD  . GLU C 1 34 ? -3.966  17.285  -3.121  1.00 24.23 ? 33  GLU C CD  1 
ATOM   1067 O OE1 . GLU C 1 34 ? -4.881  17.760  -3.835  1.00 27.25 ? 33  GLU C OE1 1 
ATOM   1068 O OE2 . GLU C 1 34 ? -3.710  17.746  -1.990  1.00 23.74 ? 33  GLU C OE2 1 
ATOM   1069 N N   . ASN C 1 35 ? -4.632  14.183  -7.573  1.00 15.03 ? 34  ASN C N   1 
ATOM   1070 C CA  . ASN C 1 35 ? -4.960  14.076  -8.989  1.00 13.14 ? 34  ASN C CA  1 
ATOM   1071 C C   . ASN C 1 35 ? -6.442  13.806  -9.215  1.00 13.59 ? 34  ASN C C   1 
ATOM   1072 O O   . ASN C 1 35 ? -7.077  14.394  -10.079 1.00 16.84 ? 34  ASN C O   1 
ATOM   1073 C CB  . ASN C 1 35 ? -4.124  12.975  -9.649  1.00 16.11 ? 34  ASN C CB  1 
ATOM   1074 C CG  . ASN C 1 35 ? -2.707  13.427  -9.935  1.00 17.43 ? 34  ASN C CG  1 
ATOM   1075 O OD1 . ASN C 1 35 ? -2.428  14.628  -9.923  1.00 22.42 ? 34  ASN C OD1 1 
ATOM   1076 N ND2 . ASN C 1 35 ? -1.810  12.478  -10.214 1.00 19.07 ? 34  ASN C ND2 1 
ATOM   1077 N N   . GLU C 1 36 ? -6.975  12.890  -8.427  1.00 13.70 ? 35  GLU C N   1 
ATOM   1078 C CA  . GLU C 1 36 ? -8.381  12.523  -8.535  1.00 14.33 ? 35  GLU C CA  1 
ATOM   1079 C C   . GLU C 1 36 ? -9.316  13.678  -8.169  1.00 14.91 ? 35  GLU C C   1 
ATOM   1080 O O   . GLU C 1 36 ? -10.291 13.945  -8.883  1.00 14.88 ? 35  GLU C O   1 
ATOM   1081 C CB  . GLU C 1 36 ? -8.675  11.282  -7.699  1.00 17.19 ? 35  GLU C CB  1 
ATOM   1082 C CG  . GLU C 1 36 ? -10.134 10.830  -7.721  1.00 15.87 ? 35  GLU C CG  1 
ATOM   1083 C CD  . GLU C 1 36 ? -10.535 10.093  -8.993  1.00 16.13 ? 35  GLU C CD  1 
ATOM   1084 O OE1 . GLU C 1 36 ? -9.891  10.275  -10.052 1.00 18.34 ? 35  GLU C OE1 1 
ATOM   1085 O OE2 . GLU C 1 36 ? -11.531 9.325   -8.941  1.00 20.89 ? 35  GLU C OE2 1 
ATOM   1086 N N   . VAL C 1 37 ? -9.003  14.394  -7.093  1.00 13.00 ? 36  VAL C N   1 
ATOM   1087 C CA  . VAL C 1 37 ? -9.779  15.580  -6.758  1.00 16.94 ? 36  VAL C CA  1 
ATOM   1088 C C   . VAL C 1 37 ? -9.710  16.618  -7.873  1.00 14.56 ? 36  VAL C C   1 
ATOM   1089 O O   . VAL C 1 37 ? -10.745 17.179  -8.260  1.00 14.25 ? 36  VAL C O   1 
ATOM   1090 C CB  . VAL C 1 37 ? -9.359  16.198  -5.422  1.00 12.54 ? 36  VAL C CB  1 
ATOM   1091 C CG1 . VAL C 1 37 ? -10.033 17.546  -5.221  1.00 16.27 ? 36  VAL C CG1 1 
ATOM   1092 C CG2 . VAL C 1 37 ? -9.702  15.263  -4.285  1.00 15.09 ? 36  VAL C CG2 1 
ATOM   1093 N N   . ALA C 1 38 ? -8.520  16.837  -8.431  1.00 13.68 ? 37  ALA C N   1 
ATOM   1094 C CA  . ALA C 1 38 ? -8.387  17.787  -9.551  1.00 12.85 ? 37  ALA C CA  1 
ATOM   1095 C C   . ALA C 1 38 ? -9.232  17.353  -10.744 1.00 14.05 ? 37  ALA C C   1 
ATOM   1096 O O   . ALA C 1 38 ? -9.892  18.178  -11.385 1.00 15.45 ? 37  ALA C O   1 
ATOM   1097 C CB  . ALA C 1 38 ? -6.924  17.939  -9.951  1.00 12.33 ? 37  ALA C CB  1 
ATOM   1098 N N   . ARG C 1 39 ? -9.214  16.066  -11.061 1.00 15.78 ? 38  ARG C N   1 
ATOM   1099 C CA  . ARG C 1 39 ? -9.994  15.562  -12.190 1.00 16.18 ? 38  ARG C CA  1 
ATOM   1100 C C   . ARG C 1 39 ? -11.479 15.849  -12.008 1.00 13.58 ? 38  ARG C C   1 
ATOM   1101 O O   . ARG C 1 39 ? -12.158 16.342  -12.926 1.00 15.17 ? 38  ARG C O   1 
ATOM   1102 C CB  . ARG C 1 39 ? -9.750  14.061  -12.395 1.00 15.86 ? 38  ARG C CB  1 
ATOM   1103 C CG  . ARG C 1 39 ? -10.445 13.489  -13.619 1.00 19.84 ? 38  ARG C CG  1 
ATOM   1104 C CD  . ARG C 1 39 ? -10.342 11.970  -13.655 1.00 19.36 ? 38  ARG C CD  1 
ATOM   1105 N NE  . ARG C 1 39 ? -11.039 11.322  -12.546 1.00 16.14 ? 38  ARG C NE  1 
ATOM   1106 C CZ  . ARG C 1 39 ? -12.346 11.054  -12.528 1.00 17.80 ? 38  ARG C CZ  1 
ATOM   1107 N NH1 . ARG C 1 39 ? -13.118 11.416  -13.555 1.00 22.66 ? 38  ARG C NH1 1 
ATOM   1108 N NH2 . ARG C 1 39 ? -12.884 10.457  -11.475 1.00 19.12 ? 38  ARG C NH2 1 
ATOM   1109 N N   . LEU C 1 40 ? -11.978 15.581  -10.814 1.00 13.12 ? 39  LEU C N   1 
ATOM   1110 C CA  . LEU C 1 40 ? -13.410 15.703  -10.547 1.00 13.87 ? 39  LEU C CA  1 
ATOM   1111 C C   . LEU C 1 40 ? -13.801 17.171  -10.454 1.00 15.83 ? 39  LEU C C   1 
ATOM   1112 O O   . LEU C 1 40 ? -14.896 17.550  -10.878 1.00 17.10 ? 39  LEU C O   1 
ATOM   1113 C CB  . LEU C 1 40 ? -13.783 14.945  -9.272  1.00 14.42 ? 39  LEU C CB  1 
ATOM   1114 C CG  . LEU C 1 40 ? -13.787 13.421  -9.402  1.00 11.16 ? 39  LEU C CG  1 
ATOM   1115 C CD1 . LEU C 1 40 ? -13.629 12.709  -8.061  1.00 12.57 ? 39  LEU C CD1 1 
ATOM   1116 C CD2 . LEU C 1 40 ? -15.088 13.009  -10.086 1.00 15.46 ? 39  LEU C CD2 1 
ATOM   1117 N N   . LYS C 1 41 ? -12.905 18.000  -9.919  1.00 13.95 ? 40  LYS C N   1 
ATOM   1118 C CA  . LYS C 1 41 ? -13.133 19.452  -9.936  1.00 15.38 ? 40  LYS C CA  1 
ATOM   1119 C C   . LYS C 1 41 ? -13.325 20.021  -11.325 1.00 17.11 ? 40  LYS C C   1 
ATOM   1120 O O   . LYS C 1 41 ? -14.158 20.908  -11.526 1.00 22.64 ? 40  LYS C O   1 
ATOM   1121 C CB  . LYS C 1 41 ? -11.999 20.200  -9.229  1.00 17.56 ? 40  LYS C CB  1 
ATOM   1122 C CG  . LYS C 1 41 ? -12.073 20.063  -7.731  1.00 20.37 ? 40  LYS C CG  1 
ATOM   1123 C CD  . LYS C 1 41 ? -11.034 20.902  -7.021  1.00 28.77 ? 40  LYS C CD  1 
ATOM   1124 C CE  . LYS C 1 41 ? -11.458 21.152  -5.587  1.00 40.04 ? 40  LYS C CE  1 
ATOM   1125 N NZ  . LYS C 1 41 ? -12.226 19.996  -5.028  1.00 39.50 ? 40  LYS C NZ  1 
ATOM   1126 N N   . LYS C 1 42 ? -12.560 19.517  -12.289 1.00 19.92 ? 41  LYS C N   1 
ATOM   1127 C CA  . LYS C 1 42 ? -12.663 19.977  -13.679 1.00 20.47 ? 41  LYS C CA  1 
ATOM   1128 C C   . LYS C 1 42 ? -14.021 19.575  -14.309 1.00 22.30 ? 41  LYS C C   1 
ATOM   1129 O O   . LYS C 1 42 ? -14.598 20.327  -15.112 1.00 23.28 ? 41  LYS C O   1 
ATOM   1130 C CB  . LYS C 1 42 ? -11.489 19.424  -14.500 1.00 27.25 ? 41  LYS C CB  1 
ATOM   1131 C CG  . LYS C 1 42 ? -10.902 20.387  -15.533 1.00 30.20 ? 41  LYS C CG  1 
ATOM   1132 C CD  . LYS C 1 42 ? -9.719  19.757  -16.273 1.00 25.46 ? 41  LYS C CD  1 
ATOM   1133 C CE  . LYS C 1 42 ? -9.384  20.526  -17.542 1.00 36.33 ? 41  LYS C CE  1 
ATOM   1134 N NZ  . LYS C 1 42 ? -8.238  19.897  -18.267 1.00 32.28 ? 41  LYS C NZ  1 
ATOM   1135 N N   . LEU C 1 43 ? -14.529 18.403  -13.929 1.00 19.80 ? 42  LEU C N   1 
ATOM   1136 C CA  . LEU C 1 43 ? -15.831 17.912  -14.402 1.00 18.15 ? 42  LEU C CA  1 
ATOM   1137 C C   . LEU C 1 43 ? -16.996 18.711  -13.828 1.00 28.12 ? 42  LEU C C   1 
ATOM   1138 O O   . LEU C 1 43 ? -17.989 18.971  -14.519 1.00 30.37 ? 42  LEU C O   1 
ATOM   1139 C CB  . LEU C 1 43 ? -16.033 16.432  -14.049 1.00 21.45 ? 42  LEU C CB  1 
ATOM   1140 C CG  . LEU C 1 43 ? -15.265 15.426  -14.896 1.00 23.12 ? 42  LEU C CG  1 
ATOM   1141 C CD1 . LEU C 1 43 ? -15.575 14.004  -14.437 1.00 21.69 ? 42  LEU C CD1 1 
ATOM   1142 C CD2 . LEU C 1 43 ? -15.590 15.609  -16.374 1.00 24.50 ? 42  LEU C CD2 1 
ATOM   1143 N N   . VAL C 1 44 ? -16.890 19.080  -12.559 1.00 23.00 ? 43  VAL C N   1 
ATOM   1144 C CA  . VAL C 1 44 ? -17.946 19.843  -11.899 1.00 23.64 ? 43  VAL C CA  1 
ATOM   1145 C C   . VAL C 1 44 ? -17.863 21.309  -12.325 1.00 26.25 ? 43  VAL C C   1 
ATOM   1146 O O   . VAL C 1 44 ? -18.886 21.972  -12.524 1.00 27.51 ? 43  VAL C O   1 
ATOM   1147 C CB  . VAL C 1 44 ? -17.875 19.703  -10.361 1.00 24.30 ? 43  VAL C CB  1 
ATOM   1148 C CG1 . VAL C 1 44 ? -18.766 20.723  -9.685  1.00 36.53 ? 43  VAL C CG1 1 
ATOM   1149 C CG2 . VAL C 1 44 ? -18.260 18.287  -9.945  1.00 23.84 ? 43  VAL C CG2 1 
ATOM   1150 N N   . GLY C 1 45 ? -16.643 21.807  -12.484 1.00 24.97 ? 44  GLY C N   1 
ATOM   1151 C CA  . GLY C 1 45 ? -16.445 23.187  -12.883 1.00 30.20 ? 44  GLY C CA  1 
ATOM   1152 C C   . GLY C 1 45 ? -15.919 24.091  -11.784 1.00 44.03 ? 44  GLY C C   1 
ATOM   1153 O O   . GLY C 1 45 ? -15.580 23.634  -10.681 1.00 39.36 ? 44  GLY C O   1 
ATOM   1154 N N   . GLU C 1 46 ? -15.874 25.386  -12.093 1.00 46.29 ? 45  GLU C N   1 
ATOM   1155 C CA  . GLU C 1 46 ? -15.204 26.376  -11.254 1.00 47.52 ? 45  GLU C CA  1 
ATOM   1156 C C   . GLU C 1 46 ? -15.871 26.611  -9.900  1.00 54.79 ? 45  GLU C C   1 
ATOM   1157 O O   . GLU C 1 46 ? -17.087 26.821  -9.822  1.00 51.46 ? 45  GLU C O   1 
ATOM   1158 C CB  . GLU C 1 46 ? -15.077 27.710  -11.999 1.00 55.30 ? 45  GLU C CB  1 
ATOM   1159 C CG  . GLU C 1 46 ? -14.036 28.671  -11.415 1.00 52.30 ? 45  GLU C CG  1 
ATOM   1160 C CD  . GLU C 1 46 ? -14.579 29.603  -10.327 1.00 62.68 ? 45  GLU C CD  1 
ATOM   1161 O OE1 . GLU C 1 46 ? -13.820 30.499  -9.894  1.00 63.68 ? 45  GLU C OE1 1 
ATOM   1162 O OE2 . GLU C 1 46 ? -15.747 29.455  -9.901  1.00 56.60 ? 45  GLU C OE2 1 
ATOM   1163 N N   . ARG C 1 47 ? -15.044 26.594  -8.856  1.00 56.41 ? 46  ARG C N   1 
ATOM   1164 C CA  . ARG C 1 47 ? -15.423 26.991  -7.501  1.00 59.34 ? 46  ARG C CA  1 
ATOM   1165 C C   . ARG C 1 47 ? -14.191 26.893  -6.596  1.00 57.56 ? 46  ARG C C   1 
ATOM   1166 O O   . ARG C 1 47 ? -14.259 27.123  -5.385  1.00 59.69 ? 46  ARG C O   1 
ATOM   1167 C CB  . ARG C 1 47 ? -16.553 26.115  -6.960  1.00 53.74 ? 46  ARG C CB  1 
ATOM   1168 C CG  . ARG C 1 47 ? -17.231 26.676  -5.727  1.00 52.43 ? 46  ARG C CG  1 
ATOM   1169 C CD  . ARG C 1 47 ? -18.158 25.659  -5.133  1.00 47.09 ? 46  ARG C CD  1 
ATOM   1170 N NE  . ARG C 1 47 ? -19.349 25.475  -5.947  1.00 50.63 ? 46  ARG C NE  1 
ATOM   1171 C CZ  . ARG C 1 47 ? -20.481 26.130  -5.732  1.00 46.43 ? 46  ARG C CZ  1 
ATOM   1172 N NH1 . ARG C 1 47 ? -20.550 26.996  -4.728  1.00 43.22 ? 46  ARG C NH1 1 
ATOM   1173 N NH2 . ARG C 1 47 ? -21.537 25.925  -6.512  1.00 46.06 ? 46  ARG C NH2 1 
ATOM   1174 N N   . GLY D 1 1  ? 4.755   -33.346 12.712  1.00 62.46 ? -1  GLY D N   1 
ATOM   1175 C CA  . GLY D 1 1  ? 4.070   -34.550 13.142  1.00 53.27 ? -1  GLY D CA  1 
ATOM   1176 C C   . GLY D 1 1  ? 3.032   -34.286 14.218  1.00 52.47 ? -1  GLY D C   1 
ATOM   1177 O O   . GLY D 1 1  ? 3.077   -34.904 15.289  1.00 49.12 ? -1  GLY D O   1 
ATOM   1178 N N   . MET D 1 2  ? 2.090   -33.382 13.932  1.00 47.19 ? 1   MET D N   1 
ATOM   1179 C CA  . MET D 1 2  ? 1.066   -33.012 14.914  1.00 36.98 ? 1   MET D CA  1 
ATOM   1180 C C   . MET D 1 2  ? -0.064  -32.136 14.374  1.00 41.31 ? 1   MET D C   1 
ATOM   1181 O O   . MET D 1 2  ? 0.030   -31.548 13.289  1.00 30.34 ? 1   MET D O   1 
ATOM   1182 C CB  . MET D 1 2  ? 1.714   -32.284 16.096  1.00 45.35 ? 1   MET D CB  1 
ATOM   1183 C CG  . MET D 1 2  ? 2.263   -30.916 15.728  1.00 38.93 ? 1   MET D CG  1 
ATOM   1184 S SD  . MET D 1 2  ? 3.304   -30.160 17.000  1.00 54.70 ? 1   MET D SD  1 
ATOM   1185 C CE  . MET D 1 2  ? 4.906   -30.176 16.190  1.00 34.24 ? 1   MET D CE  1 
ATOM   1186 N N   . ASP D 1 3  ? -1.124  -32.023 15.171  1.00 30.71 ? 2   ASP D N   1 
ATOM   1187 C CA  . ASP D 1 3  ? -2.258  -31.155 14.856  1.00 32.20 ? 2   ASP D CA  1 
ATOM   1188 C C   . ASP D 1 3  ? -1.898  -29.653 14.826  1.00 39.35 ? 2   ASP D C   1 
ATOM   1189 O O   . ASP D 1 3  ? -2.771  -28.817 14.620  1.00 31.80 ? 2   ASP D O   1 
ATOM   1190 C CB  . ASP D 1 3  ? -3.388  -31.415 15.860  1.00 30.96 ? 2   ASP D CB  1 
ATOM   1191 C CG  . ASP D 1 3  ? -4.790  -31.206 15.273  1.00 42.24 ? 2   ASP D CG  1 
ATOM   1192 O OD1 . ASP D 1 3  ? -4.965  -31.036 14.043  1.00 34.21 ? 2   ASP D OD1 1 
ATOM   1193 O OD2 . ASP D 1 3  ? -5.747  -31.239 16.071  1.00 55.22 ? 2   ASP D OD2 1 
ATOM   1194 N N   . ALA D 1 4  ? -0.623  -29.307 15.008  1.00 46.88 ? 3   ALA D N   1 
ATOM   1195 C CA  . ALA D 1 4  ? -0.192  -27.908 14.862  1.00 41.10 ? 3   ALA D CA  1 
ATOM   1196 C C   . ALA D 1 4  ? -0.243  -27.441 13.407  1.00 42.88 ? 3   ALA D C   1 
ATOM   1197 O O   . ALA D 1 4  ? 0.047   -26.281 13.104  1.00 40.52 ? 3   ALA D O   1 
ATOM   1198 C CB  . ALA D 1 4  ? 1.178   -27.698 15.426  1.00 39.74 ? 3   ALA D CB  1 
ATOM   1199 N N   . ILE D 1 5  ? -0.577  -28.373 12.518  1.00 33.70 ? 4   ILE D N   1 
ATOM   1200 C CA  . ILE D 1 5  ? -1.119  -28.084 11.196  1.00 34.03 ? 4   ILE D CA  1 
ATOM   1201 C C   . ILE D 1 5  ? -2.048  -26.871 11.277  1.00 27.51 ? 4   ILE D C   1 
ATOM   1202 O O   . ILE D 1 5  ? -2.101  -26.023 10.368  1.00 25.34 ? 4   ILE D O   1 
ATOM   1203 C CB  . ILE D 1 5  ? -1.940  -29.306 10.718  1.00 28.03 ? 4   ILE D CB  1 
ATOM   1204 C CG1 . ILE D 1 5  ? -1.019  -30.471 10.343  1.00 33.49 ? 4   ILE D CG1 1 
ATOM   1205 C CG2 . ILE D 1 5  ? -2.829  -28.952 9.548   1.00 37.40 ? 4   ILE D CG2 1 
ATOM   1206 C CD1 . ILE D 1 5  ? -0.262  -30.261 9.031   1.00 48.57 ? 4   ILE D CD1 1 
ATOM   1207 N N   . LYS D 1 6  ? -2.781  -26.786 12.379  1.00 30.02 ? 5   LYS D N   1 
ATOM   1208 C CA  . LYS D 1 6  ? -3.676  -25.665 12.613  1.00 26.35 ? 5   LYS D CA  1 
ATOM   1209 C C   . LYS D 1 6  ? -2.948  -24.324 12.651  1.00 33.31 ? 5   LYS D C   1 
ATOM   1210 O O   . LYS D 1 6  ? -3.495  -23.316 12.201  1.00 31.39 ? 5   LYS D O   1 
ATOM   1211 C CB  . LYS D 1 6  ? -4.486  -25.892 13.887  1.00 30.84 ? 5   LYS D CB  1 
ATOM   1212 C CG  . LYS D 1 6  ? -5.444  -27.071 13.768  1.00 25.92 ? 5   LYS D CG  1 
ATOM   1213 C CD  . LYS D 1 6  ? -6.228  -27.320 15.052  1.00 28.35 ? 5   LYS D CD  1 
ATOM   1214 C CE  . LYS D 1 6  ? -7.387  -28.282 14.782  1.00 33.55 ? 5   LYS D CE  1 
ATOM   1215 N NZ  . LYS D 1 6  ? -8.069  -28.782 16.017  1.00 35.32 ? 5   LYS D NZ  1 
ATOM   1216 N N   . LYS D 1 7  ? -1.722  -24.305 13.175  1.00 31.33 ? 6   LYS D N   1 
ATOM   1217 C CA  A LYS D 1 7  ? -1.029  -23.038 13.186  0.41 35.09 ? 6   LYS D CA  1 
ATOM   1218 C CA  B LYS D 1 7  ? -0.857  -23.108 13.227  0.59 35.19 ? 6   LYS D CA  1 
ATOM   1219 C C   . LYS D 1 7  ? -0.389  -22.722 11.837  1.00 32.11 ? 6   LYS D C   1 
ATOM   1220 O O   . LYS D 1 7  ? -0.157  -21.547 11.529  1.00 34.39 ? 6   LYS D O   1 
ATOM   1221 C CB  A LYS D 1 7  ? -0.095  -22.938 14.385  0.41 36.45 ? 6   LYS D CB  1 
ATOM   1222 C CB  B LYS D 1 7  ? 0.435   -23.371 14.021  0.59 36.64 ? 6   LYS D CB  1 
ATOM   1223 C CG  A LYS D 1 7  ? -0.911  -22.743 15.654  0.41 32.34 ? 6   LYS D CG  1 
ATOM   1224 C CG  B LYS D 1 7  ? 0.338   -23.727 15.494  0.59 32.89 ? 6   LYS D CG  1 
ATOM   1225 C CD  A LYS D 1 7  ? -0.231  -23.268 16.892  0.41 33.89 ? 6   LYS D CD  1 
ATOM   1226 C CD  B LYS D 1 7  ? 1.759   -24.017 16.007  0.59 31.11 ? 6   LYS D CD  1 
ATOM   1227 C CE  A LYS D 1 7  ? -0.899  -22.700 18.133  0.41 29.06 ? 6   LYS D CE  1 
ATOM   1228 C CE  B LYS D 1 7  ? 1.779   -24.426 17.464  0.59 32.76 ? 6   LYS D CE  1 
ATOM   1229 N NZ  A LYS D 1 7  ? -0.243  -23.188 19.376  0.41 26.92 ? 6   LYS D NZ  1 
ATOM   1230 N NZ  B LYS D 1 7  ? 3.092   -25.024 17.834  0.59 34.33 ? 6   LYS D NZ  1 
ATOM   1231 N N   . LYS D 1 8  ? -0.162  -23.741 11.014  1.00 28.12 ? 7   LYS D N   1 
ATOM   1232 C CA  . LYS D 1 8  ? 0.301   -23.491 9.655   1.00 24.46 ? 7   LYS D CA  1 
ATOM   1233 C C   . LYS D 1 8  ? -0.847  -22.852 8.882   1.00 27.16 ? 7   LYS D C   1 
ATOM   1234 O O   . LYS D 1 8  ? -0.635  -21.917 8.122   1.00 22.70 ? 7   LYS D O   1 
ATOM   1235 C CB  . LYS D 1 8  ? 0.787   -24.771 8.964   1.00 28.72 ? 7   LYS D CB  1 
ATOM   1236 C CG  . LYS D 1 8  ? 1.212   -24.566 7.508   1.00 32.03 ? 7   LYS D CG  1 
ATOM   1237 C CD  . LYS D 1 8  ? 1.743   -25.846 6.857   1.00 43.13 ? 7   LYS D CD  1 
ATOM   1238 C CE  . LYS D 1 8  ? 3.266   -25.927 6.929   1.00 40.54 ? 7   LYS D CE  1 
ATOM   1239 N NZ  . LYS D 1 8  ? 3.822   -26.873 5.913   1.00 41.48 ? 7   LYS D NZ  1 
ATOM   1240 N N   . MET D 1 9  ? -2.066  -23.339 9.105   1.00 23.82 ? 8   MET D N   1 
ATOM   1241 C CA  . MET D 1 9  ? -3.253  -22.771 8.470   1.00 23.55 ? 8   MET D CA  1 
ATOM   1242 C C   . MET D 1 9  ? -3.378  -21.271 8.748   1.00 25.61 ? 8   MET D C   1 
ATOM   1243 O O   . MET D 1 9  ? -3.718  -20.491 7.864   1.00 21.44 ? 8   MET D O   1 
ATOM   1244 C CB  . MET D 1 9  ? -4.509  -23.504 8.944   1.00 27.56 ? 8   MET D CB  1 
ATOM   1245 C CG  . MET D 1 9  ? -4.597  -24.948 8.466   1.00 30.84 ? 8   MET D CG  1 
ATOM   1246 S SD  . MET D 1 9  ? -4.904  -25.030 6.687   1.00 30.88 ? 8   MET D SD  1 
ATOM   1247 C CE  . MET D 1 9  ? -6.646  -24.602 6.620   1.00 28.98 ? 8   MET D CE  1 
ATOM   1248 N N   . GLN D 1 10 ? -3.081  -20.878 9.980   1.00 28.16 ? 9   GLN D N   1 
ATOM   1249 C CA  A GLN D 1 10 ? -3.066  -19.469 10.375  0.52 26.11 ? 9   GLN D CA  1 
ATOM   1250 C CA  B GLN D 1 10 ? -3.077  -19.466 10.340  0.48 26.11 ? 9   GLN D CA  1 
ATOM   1251 C C   . GLN D 1 10 ? -2.022  -18.678 9.588   1.00 25.91 ? 9   GLN D C   1 
ATOM   1252 O O   . GLN D 1 10 ? -2.303  -17.600 9.062   1.00 25.91 ? 9   GLN D O   1 
ATOM   1253 C CB  A GLN D 1 10 ? -2.775  -19.353 11.880  0.52 27.85 ? 9   GLN D CB  1 
ATOM   1254 C CB  B GLN D 1 10 ? -2.842  -19.303 11.830  0.48 27.87 ? 9   GLN D CB  1 
ATOM   1255 C CG  A GLN D 1 10 ? -2.173  -18.023 12.327  0.52 25.26 ? 9   GLN D CG  1 
ATOM   1256 C CG  B GLN D 1 10 ? -4.056  -18.814 12.555  0.48 27.06 ? 9   GLN D CG  1 
ATOM   1257 C CD  A GLN D 1 10 ? -1.467  -18.125 13.679  0.52 27.30 ? 9   GLN D CD  1 
ATOM   1258 C CD  B GLN D 1 10 ? -3.919  -18.976 14.041  0.48 26.77 ? 9   GLN D CD  1 
ATOM   1259 O OE1 A GLN D 1 10 ? -0.342  -17.649 13.851  0.52 22.88 ? 9   GLN D OE1 1 
ATOM   1260 O OE1 B GLN D 1 10 ? -2.818  -18.903 14.593  0.48 29.82 ? 9   GLN D OE1 1 
ATOM   1261 N NE2 A GLN D 1 10 ? -2.133  -18.742 14.646  0.52 27.59 ? 9   GLN D NE2 1 
ATOM   1262 N NE2 B GLN D 1 10 ? -5.035  -19.214 14.702  0.48 19.92 ? 9   GLN D NE2 1 
ATOM   1263 N N   . MET D 1 11 ? -0.809  -19.212 9.542   1.00 23.02 ? 10  MET D N   1 
ATOM   1264 C CA  . MET D 1 11 ? 0.283   -18.534 8.868   1.00 24.69 ? 10  MET D CA  1 
ATOM   1265 C C   . MET D 1 11 ? -0.039  -18.356 7.390   1.00 21.91 ? 10  MET D C   1 
ATOM   1266 O O   . MET D 1 11 ? 0.182   -17.283 6.825   1.00 23.61 ? 10  MET D O   1 
ATOM   1267 C CB  . MET D 1 11 ? 1.592   -19.294 9.059   1.00 28.55 ? 10  MET D CB  1 
ATOM   1268 C CG  . MET D 1 11 ? 1.965   -19.458 10.525  1.00 26.73 ? 10  MET D CG  1 
ATOM   1269 S SD  . MET D 1 11 ? 3.716   -19.782 10.776  1.00 51.72 ? 10  MET D SD  1 
ATOM   1270 C CE  . MET D 1 11 ? 3.937   -21.209 9.723   1.00 23.53 ? 10  MET D CE  1 
ATOM   1271 N N   . LEU D 1 12 ? -0.581  -19.402 6.772   1.00 21.57 ? 11  LEU D N   1 
ATOM   1272 C CA  . LEU D 1 12 ? -0.937  -19.337 5.346   1.00 19.42 ? 11  LEU D CA  1 
ATOM   1273 C C   . LEU D 1 12 ? -2.056  -18.347 5.054   1.00 21.25 ? 11  LEU D C   1 
ATOM   1274 O O   . LEU D 1 12 ? -2.010  -17.633 4.050   1.00 19.51 ? 11  LEU D O   1 
ATOM   1275 C CB  . LEU D 1 12 ? -1.347  -20.720 4.825   1.00 22.52 ? 11  LEU D CB  1 
ATOM   1276 C CG  . LEU D 1 12 ? -0.251  -21.789 4.799   1.00 23.56 ? 11  LEU D CG  1 
ATOM   1277 C CD1 . LEU D 1 12 ? -0.837  -23.181 4.536   1.00 23.70 ? 11  LEU D CD1 1 
ATOM   1278 C CD2 . LEU D 1 12 ? 0.799   -21.433 3.741   1.00 21.04 ? 11  LEU D CD2 1 
ATOM   1279 N N   . LYS D 1 13 ? -3.069  -18.299 5.910   1.00 19.28 ? 12  LYS D N   1 
ATOM   1280 C CA  . LYS D 1 13 ? -4.183  -17.372 5.713   1.00 21.49 ? 12  LYS D CA  1 
ATOM   1281 C C   . LYS D 1 13 ? -3.683  -15.927 5.704   1.00 19.70 ? 12  LYS D C   1 
ATOM   1282 O O   . LYS D 1 13 ? -4.077  -15.124 4.847   1.00 22.31 ? 12  LYS D O   1 
ATOM   1283 C CB  . LYS D 1 13 ? -5.225  -17.542 6.814   1.00 26.99 ? 12  LYS D CB  1 
ATOM   1284 C CG  . LYS D 1 13 ? -6.590  -16.979 6.470   1.00 34.88 ? 12  LYS D CG  1 
ATOM   1285 C CD  . LYS D 1 13 ? -7.569  -17.125 7.639   1.00 43.72 ? 12  LYS D CD  1 
ATOM   1286 C CE  . LYS D 1 13 ? -7.219  -16.185 8.792   1.00 42.92 ? 12  LYS D CE  1 
ATOM   1287 N NZ  . LYS D 1 13 ? -8.249  -16.196 9.878   1.00 44.36 ? 12  LYS D NZ  1 
ATOM   1288 N N   . LEU D 1 14 ? -2.810  -15.607 6.653   1.00 21.78 ? 13  LEU D N   1 
ATOM   1289 C CA  . LEU D 1 14 ? -2.252  -14.266 6.769   1.00 17.50 ? 13  LEU D CA  1 
ATOM   1290 C C   . LEU D 1 14 ? -1.415  -13.936 5.533   1.00 19.71 ? 13  LEU D C   1 
ATOM   1291 O O   . LEU D 1 14 ? -1.488  -12.826 5.014   1.00 21.07 ? 13  LEU D O   1 
ATOM   1292 C CB  . LEU D 1 14 ? -1.432  -14.135 8.065   1.00 26.22 ? 13  LEU D CB  1 
ATOM   1293 C CG  . LEU D 1 14 ? -2.268  -14.381 9.331   1.00 28.82 ? 13  LEU D CG  1 
ATOM   1294 C CD1 . LEU D 1 14 ? -1.438  -14.368 10.621  1.00 29.55 ? 13  LEU D CD1 1 
ATOM   1295 C CD2 . LEU D 1 14 ? -3.420  -13.389 9.427   1.00 36.29 ? 13  LEU D CD2 1 
ATOM   1296 N N   . ASP D 1 15 ? -0.646  -14.911 5.044   1.00 18.41 ? 14  ASP D N   1 
ATOM   1297 C CA  . ASP D 1 15 ? 0.143   -14.726 3.825   1.00 16.68 ? 14  ASP D CA  1 
ATOM   1298 C C   . ASP D 1 15 ? -0.764  -14.416 2.643   1.00 18.25 ? 14  ASP D C   1 
ATOM   1299 O O   . ASP D 1 15 ? -0.454  -13.562 1.817   1.00 19.25 ? 14  ASP D O   1 
ATOM   1300 C CB  . ASP D 1 15 ? 0.963   -15.975 3.501   1.00 23.86 ? 14  ASP D CB  1 
ATOM   1301 C CG  . ASP D 1 15 ? 2.115   -16.192 4.465   1.00 30.94 ? 14  ASP D CG  1 
ATOM   1302 O OD1 . ASP D 1 15 ? 2.501   -15.234 5.174   1.00 23.88 ? 14  ASP D OD1 1 
ATOM   1303 O OD2 . ASP D 1 15 ? 2.639   -17.329 4.502   1.00 38.08 ? 14  ASP D OD2 1 
ATOM   1304 N N   . LYS D 1 16 ? -1.885  -15.127 2.559   1.00 18.98 ? 15  LYS D N   1 
ATOM   1305 C CA  . LYS D 1 16 ? -2.843  -14.938 1.482   1.00 19.09 ? 15  LYS D CA  1 
ATOM   1306 C C   . LYS D 1 16 ? -3.425  -13.536 1.528   1.00 18.67 ? 15  LYS D C   1 
ATOM   1307 O O   . LYS D 1 16 ? -3.425  -12.812 0.525   1.00 19.71 ? 15  LYS D O   1 
ATOM   1308 C CB  . LYS D 1 16 ? -3.962  -15.973 1.599   1.00 19.19 ? 15  LYS D CB  1 
ATOM   1309 C CG  . LYS D 1 16 ? -4.996  -15.888 0.506   1.00 21.08 ? 15  LYS D CG  1 
ATOM   1310 C CD  . LYS D 1 16 ? -6.228  -16.702 0.869   1.00 28.19 ? 15  LYS D CD  1 
ATOM   1311 C CE  . LYS D 1 16 ? -7.347  -16.484 -0.118  1.00 27.33 ? 15  LYS D CE  1 
ATOM   1312 N NZ  . LYS D 1 16 ? -8.569  -17.238 0.295   1.00 37.06 ? 15  LYS D NZ  1 
ATOM   1313 N N   . GLU D 1 17 ? -3.902  -13.153 2.708   1.00 21.57 ? 16  GLU D N   1 
ATOM   1314 C CA  . GLU D 1 17 ? -4.511  -11.846 2.916   1.00 20.29 ? 16  GLU D CA  1 
ATOM   1315 C C   . GLU D 1 17 ? -3.556  -10.706 2.591   1.00 20.07 ? 16  GLU D C   1 
ATOM   1316 O O   . GLU D 1 17 ? -3.970  -9.696  2.022   1.00 19.52 ? 16  GLU D O   1 
ATOM   1317 C CB  . GLU D 1 17 ? -5.010  -11.714 4.359   1.00 20.22 ? 16  GLU D CB  1 
ATOM   1318 C CG  . GLU D 1 17 ? -6.174  -12.642 4.684   1.00 27.45 ? 16  GLU D CG  1 
ATOM   1319 C CD  . GLU D 1 17 ? -7.400  -12.342 3.845   1.00 32.00 ? 16  GLU D CD  1 
ATOM   1320 O OE1 . GLU D 1 17 ? -7.944  -11.223 3.973   1.00 29.08 ? 16  GLU D OE1 1 
ATOM   1321 O OE2 . GLU D 1 17 ? -7.813  -13.220 3.053   1.00 32.51 ? 16  GLU D OE2 1 
ATOM   1322 N N   . ASN D 1 18 ? -2.288  -10.868 2.954   1.00 20.32 ? 17  ASN D N   1 
ATOM   1323 C CA  . ASN D 1 18 ? -1.282  -9.855  2.666   1.00 19.18 ? 17  ASN D CA  1 
ATOM   1324 C C   . ASN D 1 18 ? -1.101  -9.674  1.163   1.00 19.97 ? 17  ASN D C   1 
ATOM   1325 O O   . ASN D 1 18 ? -0.950  -8.547  0.677   1.00 22.90 ? 17  ASN D O   1 
ATOM   1326 C CB  . ASN D 1 18 ? 0.053   -10.208 3.326   1.00 20.62 ? 17  ASN D CB  1 
ATOM   1327 C CG  . ASN D 1 18 ? 1.112   -9.144  3.103   1.00 27.44 ? 17  ASN D CG  1 
ATOM   1328 O OD1 . ASN D 1 18 ? 2.134   -9.392  2.461   1.00 36.51 ? 17  ASN D OD1 1 
ATOM   1329 N ND2 . ASN D 1 18 ? 0.867   -7.942  3.627   1.00 35.76 ? 17  ASN D ND2 1 
ATOM   1330 N N   . ALA D 1 19 ? -1.135  -10.782 0.427   1.00 20.60 ? 18  ALA D N   1 
ATOM   1331 C CA  . ALA D 1 19 ? -0.967  -10.733 -1.022  1.00 18.14 ? 18  ALA D CA  1 
ATOM   1332 C C   . ALA D 1 19 ? -2.186  -10.079 -1.665  1.00 19.33 ? 18  ALA D C   1 
ATOM   1333 O O   . ALA D 1 19 ? -2.066  -9.276  -2.604  1.00 15.93 ? 18  ALA D O   1 
ATOM   1334 C CB  . ALA D 1 19 ? -0.733  -12.132 -1.596  1.00 21.85 ? 18  ALA D CB  1 
ATOM   1335 N N   . LEU D 1 20 ? -3.371  -10.419 -1.166  1.00 16.01 ? 19  LEU D N   1 
ATOM   1336 C CA  . LEU D 1 20 ? -4.583  -9.764  -1.641  1.00 15.65 ? 19  LEU D CA  1 
ATOM   1337 C C   . LEU D 1 20 ? -4.561  -8.258  -1.355  1.00 17.00 ? 19  LEU D C   1 
ATOM   1338 O O   . LEU D 1 20 ? -4.989  -7.457  -2.190  1.00 21.43 ? 19  LEU D O   1 
ATOM   1339 C CB  . LEU D 1 20 ? -5.826  -10.421 -1.035  1.00 17.24 ? 19  LEU D CB  1 
ATOM   1340 C CG  . LEU D 1 20 ? -6.096  -11.831 -1.565  1.00 19.24 ? 19  LEU D CG  1 
ATOM   1341 C CD1 . LEU D 1 20 ? -7.116  -12.534 -0.671  1.00 20.53 ? 19  LEU D CD1 1 
ATOM   1342 C CD2 . LEU D 1 20 ? -6.578  -11.798 -2.994  1.00 19.47 ? 19  LEU D CD2 1 
ATOM   1343 N N   . ASP D 1 21 ? -4.031  -7.866  -0.199  1.00 16.59 ? 20  ASP D N   1 
ATOM   1344 C CA  . ASP D 1 21 ? -3.914  -6.451  0.140   1.00 21.46 ? 20  ASP D CA  1 
ATOM   1345 C C   . ASP D 1 21 ? -2.981  -5.742  -0.831  1.00 21.02 ? 20  ASP D C   1 
ATOM   1346 O O   . ASP D 1 21 ? -3.275  -4.630  -1.278  1.00 18.26 ? 20  ASP D O   1 
ATOM   1347 C CB  . ASP D 1 21 ? -3.413  -6.263  1.570   1.00 19.95 ? 20  ASP D CB  1 
ATOM   1348 C CG  . ASP D 1 21 ? -4.458  -6.622  2.624   1.00 23.13 ? 20  ASP D CG  1 
ATOM   1349 O OD1 . ASP D 1 21 ? -5.647  -6.829  2.290   1.00 23.90 ? 20  ASP D OD1 1 
ATOM   1350 O OD2 . ASP D 1 21 ? -4.080  -6.669  3.808   1.00 30.34 ? 20  ASP D OD2 1 
ATOM   1351 N N   . ARG D 1 22 ? -1.860  -6.386  -1.152  1.00 19.48 ? 21  ARG D N   1 
ATOM   1352 C CA  . ARG D 1 22 ? -0.911  -5.864  -2.140  1.00 15.70 ? 21  ARG D CA  1 
ATOM   1353 C C   . ARG D 1 22 ? -1.572  -5.678  -3.495  1.00 19.96 ? 21  ARG D C   1 
ATOM   1354 O O   . ARG D 1 22 ? -1.404  -4.649  -4.149  1.00 18.68 ? 21  ARG D O   1 
ATOM   1355 C CB  . ARG D 1 22 ? 0.271   -6.823  -2.326  1.00 18.70 ? 21  ARG D CB  1 
ATOM   1356 C CG  . ARG D 1 22 ? 1.448   -6.639  -1.391  1.00 26.92 ? 21  ARG D CG  1 
ATOM   1357 C CD  . ARG D 1 22 ? 2.441   -7.788  -1.588  1.00 23.08 ? 21  ARG D CD  1 
ATOM   1358 N NE  . ARG D 1 22 ? 2.845   -7.928  -2.985  1.00 23.52 ? 21  ARG D NE  1 
ATOM   1359 C CZ  . ARG D 1 22 ? 3.430   -8.998  -3.513  1.00 25.74 ? 21  ARG D CZ  1 
ATOM   1360 N NH1 . ARG D 1 22 ? 3.682   -10.073 -2.767  1.00 23.82 ? 21  ARG D NH1 1 
ATOM   1361 N NH2 . ARG D 1 22 ? 3.746   -9.004  -4.802  1.00 26.56 ? 21  ARG D NH2 1 
ATOM   1362 N N   . ALA D 1 23 ? -2.312  -6.686  -3.941  1.00 21.05 ? 22  ALA D N   1 
ATOM   1363 C CA  . ALA D 1 23 ? -2.998  -6.594  -5.227  1.00 14.15 ? 22  ALA D CA  1 
ATOM   1364 C C   . ALA D 1 23 ? -3.986  -5.433  -5.255  1.00 22.63 ? 22  ALA D C   1 
ATOM   1365 O O   . ALA D 1 23 ? -4.001  -4.636  -6.197  1.00 21.74 ? 22  ALA D O   1 
ATOM   1366 C CB  . ALA D 1 23 ? -3.704  -7.897  -5.546  1.00 21.83 ? 22  ALA D CB  1 
ATOM   1367 N N   . GLU D 1 24 ? -4.799  -5.313  -4.211  1.00 20.62 ? 23  GLU D N   1 
ATOM   1368 C CA  . GLU D 1 24 ? -5.788  -4.241  -4.166  1.00 19.63 ? 23  GLU D CA  1 
ATOM   1369 C C   . GLU D 1 24 ? -5.141  -2.858  -4.164  1.00 22.15 ? 23  GLU D C   1 
ATOM   1370 O O   . GLU D 1 24 ? -5.678  -1.918  -4.760  1.00 20.69 ? 23  GLU D O   1 
ATOM   1371 C CB  . GLU D 1 24 ? -6.745  -4.433  -2.979  1.00 17.43 ? 23  GLU D CB  1 
ATOM   1372 C CG  . GLU D 1 24 ? -7.748  -5.534  -3.221  1.00 20.06 ? 23  GLU D CG  1 
ATOM   1373 C CD  . GLU D 1 24 ? -8.755  -5.665  -2.098  1.00 33.39 ? 23  GLU D CD  1 
ATOM   1374 O OE1 . GLU D 1 24 ? -8.540  -5.040  -1.040  1.00 32.04 ? 23  GLU D OE1 1 
ATOM   1375 O OE2 . GLU D 1 24 ? -9.758  -6.390  -2.281  1.00 35.52 ? 23  GLU D OE2 1 
ATOM   1376 N N   . GLN D 1 25 ? -3.984  -2.742  -3.517  1.00 17.10 ? 24  GLN D N   1 
ATOM   1377 C CA  . GLN D 1 25 ? -3.284  -1.456  -3.428  1.00 16.18 ? 24  GLN D CA  1 
ATOM   1378 C C   . GLN D 1 25 ? -2.801  -1.052  -4.805  1.00 22.52 ? 24  GLN D C   1 
ATOM   1379 O O   . GLN D 1 25 ? -2.998  0.081   -5.246  1.00 20.18 ? 24  GLN D O   1 
ATOM   1380 C CB  . GLN D 1 25 ? -2.074  -1.551  -2.506  1.00 16.37 ? 24  GLN D CB  1 
ATOM   1381 C CG  . GLN D 1 25 ? -1.182  -0.304  -2.524  1.00 21.36 ? 24  GLN D CG  1 
ATOM   1382 C CD  . GLN D 1 25 ? -1.826  0.885   -1.841  1.00 22.63 ? 24  GLN D CD  1 
ATOM   1383 O OE1 . GLN D 1 25 ? -2.063  0.862   -0.634  1.00 20.06 ? 24  GLN D OE1 1 
ATOM   1384 N NE2 . GLN D 1 25 ? -2.113  1.936   -2.611  1.00 20.71 ? 24  GLN D NE2 1 
ATOM   1385 N N   . ALA D 1 26 ? -2.158  -1.999  -5.479  1.00 22.14 ? 25  ALA D N   1 
ATOM   1386 C CA  . ALA D 1 26 ? -1.629  -1.763  -6.816  1.00 18.18 ? 25  ALA D CA  1 
ATOM   1387 C C   . ALA D 1 26 ? -2.757  -1.497  -7.816  1.00 19.91 ? 25  ALA D C   1 
ATOM   1388 O O   . ALA D 1 26 ? -2.618  -0.661  -8.704  1.00 18.69 ? 25  ALA D O   1 
ATOM   1389 C CB  . ALA D 1 26 ? -0.766  -2.942  -7.268  1.00 18.56 ? 25  ALA D CB  1 
ATOM   1390 N N   . GLU D 1 27 ? -3.885  -2.184  -7.681  1.00 16.70 ? 26  GLU D N   1 
ATOM   1391 C CA  . GLU D 1 27 ? -4.976  -1.959  -8.626  1.00 20.15 ? 26  GLU D CA  1 
ATOM   1392 C C   . GLU D 1 27 ? -5.586  -0.572  -8.421  1.00 18.86 ? 26  GLU D C   1 
ATOM   1393 O O   . GLU D 1 27 ? -6.055  0.056   -9.381  1.00 17.60 ? 26  GLU D O   1 
ATOM   1394 C CB  . GLU D 1 27 ? -6.024  -3.065  -8.517  1.00 17.92 ? 26  GLU D CB  1 
ATOM   1395 C CG  . GLU D 1 27 ? -5.526  -4.404  -9.035  1.00 19.52 ? 26  GLU D CG  1 
ATOM   1396 C CD  . GLU D 1 27 ? -6.236  -5.573  -8.396  1.00 27.08 ? 26  GLU D CD  1 
ATOM   1397 O OE1 . GLU D 1 27 ? -7.173  -5.329  -7.607  1.00 27.74 ? 26  GLU D OE1 1 
ATOM   1398 O OE2 . GLU D 1 27 ? -5.844  -6.728  -8.673  1.00 22.42 ? 26  GLU D OE2 1 
ATOM   1399 N N   . ALA D 1 28 ? -5.573  -0.108  -7.171  1.00 18.91 ? 27  ALA D N   1 
ATOM   1400 C CA  . ALA D 1 28 ? -6.074  1.226   -6.842  1.00 21.19 ? 27  ALA D CA  1 
ATOM   1401 C C   . ALA D 1 28 ? -5.165  2.287   -7.445  1.00 19.78 ? 27  ALA D C   1 
ATOM   1402 O O   . ALA D 1 28 ? -5.635  3.262   -8.044  1.00 16.98 ? 27  ALA D O   1 
ATOM   1403 C CB  . ALA D 1 28 ? -6.178  1.403   -5.334  1.00 19.89 ? 27  ALA D CB  1 
ATOM   1404 N N   . ASP D 1 29 ? -3.862  2.091   -7.282  1.00 17.58 ? 28  ASP D N   1 
ATOM   1405 C CA  . ASP D 1 29 ? -2.871  2.956   -7.893  1.00 18.70 ? 28  ASP D CA  1 
ATOM   1406 C C   . ASP D 1 29 ? -3.053  2.978   -9.403  1.00 17.72 ? 28  ASP D C   1 
ATOM   1407 O O   . ASP D 1 29 ? -2.946  4.032   -10.031 1.00 17.05 ? 28  ASP D O   1 
ATOM   1408 C CB  . ASP D 1 29 ? -1.464  2.467   -7.566  1.00 16.89 ? 28  ASP D CB  1 
ATOM   1409 C CG  . ASP D 1 29 ? -1.141  2.544   -6.099  1.00 22.86 ? 28  ASP D CG  1 
ATOM   1410 O OD1 . ASP D 1 29 ? -1.854  3.255   -5.358  1.00 24.58 ? 28  ASP D OD1 1 
ATOM   1411 O OD2 . ASP D 1 29 ? -0.165  1.872   -5.692  1.00 22.79 ? 28  ASP D OD2 1 
ATOM   1412 N N   . ASN D 1 30 ? -3.338  1.819   -9.984  1.00 16.15 ? 29  ASN D N   1 
ATOM   1413 C CA  . ASN D 1 30 ? -3.446  1.714   -11.431 1.00 16.32 ? 29  ASN D CA  1 
ATOM   1414 C C   . ASN D 1 30 ? -4.607  2.537   -12.007 1.00 19.04 ? 29  ASN D C   1 
ATOM   1415 O O   . ASN D 1 30 ? -4.494  3.104   -13.098 1.00 18.14 ? 29  ASN D O   1 
ATOM   1416 C CB  . ASN D 1 30 ? -3.546  0.242   -11.855 1.00 17.62 ? 29  ASN D CB  1 
ATOM   1417 C CG  . ASN D 1 30 ? -2.248  -0.524  -11.646 1.00 16.75 ? 29  ASN D CG  1 
ATOM   1418 O OD1 . ASN D 1 30 ? -1.196  0.065   -11.388 1.00 15.62 ? 29  ASN D OD1 1 
ATOM   1419 N ND2 . ASN D 1 30 ? -2.320  -1.850  -11.746 1.00 20.59 ? 29  ASN D ND2 1 
ATOM   1420 N N   . TYR D 1 31 ? -5.713  2.606   -11.268 1.00 17.27 ? 30  TYR D N   1 
ATOM   1421 C CA  . TYR D 1 31 ? -6.867  3.404   -11.682 1.00 16.89 ? 30  TYR D CA  1 
ATOM   1422 C C   . TYR D 1 31 ? -6.432  4.849   -11.808 1.00 14.40 ? 30  TYR D C   1 
ATOM   1423 O O   . TYR D 1 31 ? -6.746  5.523   -12.785 1.00 17.41 ? 30  TYR D O   1 
ATOM   1424 C CB  . TYR D 1 31 ? -8.015  3.269   -10.666 1.00 18.86 ? 30  TYR D CB  1 
ATOM   1425 C CG  . TYR D 1 31 ? -9.041  4.394   -10.666 1.00 17.71 ? 30  TYR D CG  1 
ATOM   1426 C CD1 . TYR D 1 31 ? -10.082 4.417   -11.587 1.00 25.22 ? 30  TYR D CD1 1 
ATOM   1427 C CD2 . TYR D 1 31 ? -8.968  5.427   -9.730  1.00 20.49 ? 30  TYR D CD2 1 
ATOM   1428 C CE1 . TYR D 1 31 ? -11.024 5.439   -11.583 1.00 18.86 ? 30  TYR D CE1 1 
ATOM   1429 C CE2 . TYR D 1 31 ? -9.893  6.461   -9.723  1.00 18.38 ? 30  TYR D CE2 1 
ATOM   1430 C CZ  . TYR D 1 31 ? -10.923 6.452   -10.646 1.00 18.11 ? 30  TYR D CZ  1 
ATOM   1431 O OH  . TYR D 1 31 ? -11.847 7.468   -10.633 1.00 24.73 ? 30  TYR D OH  1 
ATOM   1432 N N   . HIS D 1 32 ? -5.670  5.312   -10.829 1.00 15.38 ? 31  HIS D N   1 
ATOM   1433 C CA  . HIS D 1 32 ? -5.246  6.704   -10.817 1.00 16.39 ? 31  HIS D CA  1 
ATOM   1434 C C   . HIS D 1 32 ? -4.217  6.981   -11.905 1.00 16.48 ? 31  HIS D C   1 
ATOM   1435 O O   . HIS D 1 32 ? -4.212  8.062   -12.511 1.00 17.10 ? 31  HIS D O   1 
ATOM   1436 C CB  . HIS D 1 32 ? -4.694  7.089   -9.445  1.00 18.02 ? 31  HIS D CB  1 
ATOM   1437 C CG  . HIS D 1 32 ? -5.712  7.042   -8.349  1.00 17.22 ? 31  HIS D CG  1 
ATOM   1438 N ND1 . HIS D 1 32 ? -6.842  7.839   -8.338  1.00 18.76 ? 31  HIS D ND1 1 
ATOM   1439 C CD2 . HIS D 1 32 ? -5.771  6.300   -7.218  1.00 19.48 ? 31  HIS D CD2 1 
ATOM   1440 C CE1 . HIS D 1 32 ? -7.545  7.587   -7.250  1.00 17.90 ? 31  HIS D CE1 1 
ATOM   1441 N NE2 . HIS D 1 32 ? -6.915  6.655   -6.550  1.00 18.87 ? 31  HIS D NE2 1 
ATOM   1442 N N   . LEU D 1 33 ? -3.339  6.019   -12.158 1.00 14.47 ? 32  LEU D N   1 
ATOM   1443 C CA  . LEU D 1 33 ? -2.365  6.175   -13.235 1.00 18.39 ? 32  LEU D CA  1 
ATOM   1444 C C   . LEU D 1 33 ? -3.059  6.197   -14.590 1.00 15.79 ? 32  LEU D C   1 
ATOM   1445 O O   . LEU D 1 33 ? -2.683  6.972   -15.467 1.00 17.68 ? 32  LEU D O   1 
ATOM   1446 C CB  . LEU D 1 33 ? -1.318  5.055   -13.192 1.00 16.31 ? 32  LEU D CB  1 
ATOM   1447 C CG  . LEU D 1 33 ? -0.326  5.164   -12.038 1.00 18.98 ? 32  LEU D CG  1 
ATOM   1448 C CD1 . LEU D 1 33 ? 0.563   3.928   -11.977 1.00 22.22 ? 32  LEU D CD1 1 
ATOM   1449 C CD2 . LEU D 1 33 ? 0.510   6.431   -12.180 1.00 18.47 ? 32  LEU D CD2 1 
ATOM   1450 N N   . GLU D 1 34 ? -4.095  5.381   -14.752 1.00 15.63 ? 33  GLU D N   1 
ATOM   1451 C CA  . GLU D 1 34 ? -4.834  5.322   -16.016 1.00 15.55 ? 33  GLU D CA  1 
ATOM   1452 C C   . GLU D 1 34 ? -5.534  6.645   -16.341 1.00 18.82 ? 33  GLU D C   1 
ATOM   1453 O O   . GLU D 1 34 ? -5.539  7.083   -17.496 1.00 17.04 ? 33  GLU D O   1 
ATOM   1454 C CB  . GLU D 1 34 ? -5.796  4.126   -16.027 1.00 18.73 ? 33  GLU D CB  1 
ATOM   1455 C CG  . GLU D 1 34 ? -5.085  2.827   -16.388 1.00 23.49 ? 33  GLU D CG  1 
ATOM   1456 C CD  . GLU D 1 34 ? -5.952  1.598   -16.232 1.00 39.02 ? 33  GLU D CD  1 
ATOM   1457 O OE1 . GLU D 1 34 ? -5.756  0.634   -17.006 1.00 42.60 ? 33  GLU D OE1 1 
ATOM   1458 O OE2 . GLU D 1 34 ? -6.813  1.587   -15.325 1.00 35.67 ? 33  GLU D OE2 1 
ATOM   1459 N N   . ASN D 1 35 ? -6.072  7.312   -15.326 1.00 16.75 ? 34  ASN D N   1 
ATOM   1460 C CA  . ASN D 1 35 ? -6.644  8.646   -15.529 1.00 15.47 ? 34  ASN D CA  1 
ATOM   1461 C C   . ASN D 1 35 ? -5.590  9.650   -15.953 1.00 15.75 ? 34  ASN D C   1 
ATOM   1462 O O   . ASN D 1 35 ? -5.863  10.533  -16.792 1.00 16.97 ? 34  ASN D O   1 
ATOM   1463 C CB  . ASN D 1 35 ? -7.350  9.146   -14.270 1.00 20.49 ? 34  ASN D CB  1 
ATOM   1464 C CG  . ASN D 1 35 ? -8.700  8.505   -14.063 1.00 21.95 ? 34  ASN D CG  1 
ATOM   1465 O OD1 . ASN D 1 35 ? -9.396  8.157   -15.021 1.00 24.85 ? 34  ASN D OD1 1 
ATOM   1466 N ND2 . ASN D 1 35 ? -9.084  8.347   -12.799 1.00 22.97 ? 34  ASN D ND2 1 
ATOM   1467 N N   . GLU D 1 36 ? -4.400  9.532   -15.376 1.00 16.64 ? 35  GLU D N   1 
ATOM   1468 C CA  . GLU D 1 36 ? -3.287  10.393  -15.761 1.00 18.64 ? 35  GLU D CA  1 
ATOM   1469 C C   . GLU D 1 36 ? -2.866  10.121  -17.187 1.00 14.86 ? 35  GLU D C   1 
ATOM   1470 O O   . GLU D 1 36 ? -2.639  11.061  -17.953 1.00 16.86 ? 35  GLU D O   1 
ATOM   1471 C CB  . GLU D 1 36 ? -2.098  10.237  -14.814 1.00 14.93 ? 35  GLU D CB  1 
ATOM   1472 C CG  . GLU D 1 36 ? -2.161  11.147  -13.605 1.00 20.57 ? 35  GLU D CG  1 
ATOM   1473 C CD  . GLU D 1 36 ? -2.169  12.636  -13.963 1.00 19.71 ? 35  GLU D CD  1 
ATOM   1474 O OE1 . GLU D 1 36 ? -1.087  13.260  -13.946 1.00 22.51 ? 35  GLU D OE1 1 
ATOM   1475 O OE2 . GLU D 1 36 ? -3.252  13.196  -14.231 1.00 21.64 ? 35  GLU D OE2 1 
ATOM   1476 N N   . VAL D 1 37 ? -2.780  8.851   -17.563 1.00 14.90 ? 36  VAL D N   1 
ATOM   1477 C CA  . VAL D 1 37 ? -2.504  8.527   -18.958 1.00 15.66 ? 36  VAL D CA  1 
ATOM   1478 C C   . VAL D 1 37 ? -3.526  9.174   -19.902 1.00 16.94 ? 36  VAL D C   1 
ATOM   1479 O O   . VAL D 1 37 ? -3.155  9.744   -20.929 1.00 19.05 ? 36  VAL D O   1 
ATOM   1480 C CB  . VAL D 1 37 ? -2.440  7.007   -19.200 1.00 20.89 ? 36  VAL D CB  1 
ATOM   1481 C CG1 . VAL D 1 37 ? -2.282  6.720   -20.682 1.00 21.71 ? 36  VAL D CG1 1 
ATOM   1482 C CG2 . VAL D 1 37 ? -1.272  6.424   -18.458 1.00 17.63 ? 36  VAL D CG2 1 
ATOM   1483 N N   . ALA D 1 38 ? -4.809  9.105   -19.561 1.00 17.29 ? 37  ALA D N   1 
ATOM   1484 C CA  . ALA D 1 38 ? -5.825  9.684   -20.434 1.00 21.02 ? 37  ALA D CA  1 
ATOM   1485 C C   . ALA D 1 38 ? -5.653  11.196  -20.531 1.00 20.88 ? 37  ALA D C   1 
ATOM   1486 O O   . ALA D 1 38 ? -5.772  11.767  -21.622 1.00 19.04 ? 37  ALA D O   1 
ATOM   1487 C CB  . ALA D 1 38 ? -7.220  9.326   -19.962 1.00 19.54 ? 37  ALA D CB  1 
ATOM   1488 N N   . ARG D 1 39 ? -5.336  11.840  -19.407 1.00 15.85 ? 38  ARG D N   1 
ATOM   1489 C CA  . ARG D 1 39 ? -5.204  13.297  -19.386 1.00 15.27 ? 38  ARG D CA  1 
ATOM   1490 C C   . ARG D 1 39 ? -4.026  13.709  -20.245 1.00 15.47 ? 38  ARG D C   1 
ATOM   1491 O O   . ARG D 1 39 ? -4.137  14.637  -21.066 1.00 17.88 ? 38  ARG D O   1 
ATOM   1492 C CB  . ARG D 1 39 ? -5.029  13.816  -17.955 1.00 15.77 ? 38  ARG D CB  1 
ATOM   1493 C CG  . ARG D 1 39 ? -4.861  15.341  -17.858 1.00 18.99 ? 38  ARG D CG  1 
ATOM   1494 C CD  . ARG D 1 39 ? -4.506  15.790  -16.429 1.00 17.56 ? 38  ARG D CD  1 
ATOM   1495 N NE  . ARG D 1 39 ? -3.187  15.326  -15.994 1.00 18.34 ? 38  ARG D NE  1 
ATOM   1496 C CZ  . ARG D 1 39 ? -2.040  15.914  -16.320 1.00 17.34 ? 38  ARG D CZ  1 
ATOM   1497 N NH1 . ARG D 1 39 ? -2.042  16.991  -17.111 1.00 16.41 ? 38  ARG D NH1 1 
ATOM   1498 N NH2 . ARG D 1 39 ? -0.887  15.421  -15.892 1.00 16.50 ? 38  ARG D NH2 1 
ATOM   1499 N N   . LEU D 1 40 ? -2.909  13.013  -20.089 1.00 16.52 ? 39  LEU D N   1 
ATOM   1500 C CA  . LEU D 1 40 ? -1.687  13.328  -20.820 1.00 18.47 ? 39  LEU D CA  1 
ATOM   1501 C C   . LEU D 1 40 ? -1.816  13.059  -22.323 1.00 21.57 ? 39  LEU D C   1 
ATOM   1502 O O   . LEU D 1 40 ? -1.305  13.845  -23.142 1.00 21.63 ? 39  LEU D O   1 
ATOM   1503 C CB  . LEU D 1 40 ? -0.491  12.580  -20.221 1.00 18.33 ? 39  LEU D CB  1 
ATOM   1504 C CG  . LEU D 1 40 ? -0.108  13.103  -18.834 1.00 14.21 ? 39  LEU D CG  1 
ATOM   1505 C CD1 . LEU D 1 40 ? 0.764   12.114  -18.073 1.00 17.33 ? 39  LEU D CD1 1 
ATOM   1506 C CD2 . LEU D 1 40 ? 0.600   14.464  -18.960 1.00 16.44 ? 39  LEU D CD2 1 
ATOM   1507 N N   . LYS D 1 41 ? -2.506  11.979  -22.683 1.00 17.33 ? 40  LYS D N   1 
ATOM   1508 C CA  . LYS D 1 41 ? -2.712  11.636  -24.086 1.00 19.04 ? 40  LYS D CA  1 
ATOM   1509 C C   . LYS D 1 41 ? -3.431  12.771  -24.813 1.00 25.07 ? 40  LYS D C   1 
ATOM   1510 O O   . LYS D 1 41 ? -3.061  13.118  -25.935 1.00 22.66 ? 40  LYS D O   1 
ATOM   1511 C CB  . LYS D 1 41 ? -3.470  10.313  -24.232 1.00 23.38 ? 40  LYS D CB  1 
ATOM   1512 C CG  . LYS D 1 41 ? -2.581  9.077   -24.135 1.00 22.50 ? 40  LYS D CG  1 
ATOM   1513 C CD  . LYS D 1 41 ? -3.360  7.830   -24.512 1.00 24.04 ? 40  LYS D CD  1 
ATOM   1514 C CE  . LYS D 1 41 ? -2.457  6.591   -24.509 1.00 26.65 ? 40  LYS D CE  1 
ATOM   1515 N NZ  . LYS D 1 41 ? -1.915  6.244   -25.866 1.00 33.33 ? 40  LYS D NZ  1 
ATOM   1516 N N   . LYS D 1 42 ? -4.435  13.362  -24.165 1.00 19.69 ? 41  LYS D N   1 
ATOM   1517 C CA  . LYS D 1 42 ? -5.148  14.504  -24.742 1.00 24.66 ? 41  LYS D CA  1 
ATOM   1518 C C   . LYS D 1 42 ? -4.243  15.710  -24.936 1.00 28.19 ? 41  LYS D C   1 
ATOM   1519 O O   . LYS D 1 42 ? -4.443  16.495  -25.860 1.00 24.42 ? 41  LYS D O   1 
ATOM   1520 C CB  . LYS D 1 42 ? -6.343  14.907  -23.876 1.00 25.20 ? 41  LYS D CB  1 
ATOM   1521 C CG  . LYS D 1 42 ? -7.397  13.830  -23.759 1.00 30.99 ? 41  LYS D CG  1 
ATOM   1522 C CD  . LYS D 1 42 ? -8.639  14.354  -23.072 1.00 29.12 ? 41  LYS D CD  1 
ATOM   1523 C CE  . LYS D 1 42 ? -9.709  13.280  -22.994 1.00 23.41 ? 41  LYS D CE  1 
ATOM   1524 N NZ  . LYS D 1 42 ? -9.240  12.140  -22.147 1.00 33.03 ? 41  LYS D NZ  1 
ATOM   1525 N N   . LEU D 1 43 ? -3.263  15.867  -24.053 1.00 21.93 ? 42  LEU D N   1 
ATOM   1526 C CA  . LEU D 1 43 ? -2.312  16.971  -24.162 1.00 23.09 ? 42  LEU D CA  1 
ATOM   1527 C C   . LEU D 1 43 ? -1.328  16.767  -25.315 1.00 26.68 ? 42  LEU D C   1 
ATOM   1528 O O   . LEU D 1 43 ? -0.966  17.724  -26.009 1.00 28.86 ? 42  LEU D O   1 
ATOM   1529 C CB  . LEU D 1 43 ? -1.555  17.171  -22.851 1.00 26.94 ? 42  LEU D CB  1 
ATOM   1530 C CG  . LEU D 1 43 ? -2.370  17.741  -21.693 1.00 23.94 ? 42  LEU D CG  1 
ATOM   1531 C CD1 . LEU D 1 43 ? -1.439  18.267  -20.598 1.00 25.19 ? 42  LEU D CD1 1 
ATOM   1532 C CD2 . LEU D 1 43 ? -3.345  18.819  -22.167 1.00 32.32 ? 42  LEU D CD2 1 
ATOM   1533 N N   . VAL D 1 44 ? -0.901  15.525  -25.518 1.00 28.90 ? 43  VAL D N   1 
ATOM   1534 C CA  . VAL D 1 44 ? 0.012   15.186  -26.606 1.00 27.32 ? 43  VAL D CA  1 
ATOM   1535 C C   . VAL D 1 44 ? -0.717  15.173  -27.950 1.00 32.09 ? 43  VAL D C   1 
ATOM   1536 O O   . VAL D 1 44 ? -0.121  15.487  -28.980 1.00 27.84 ? 43  VAL D O   1 
ATOM   1537 C CB  . VAL D 1 44 ? 0.683   13.815  -26.369 1.00 29.57 ? 43  VAL D CB  1 
ATOM   1538 C CG1 . VAL D 1 44 ? 1.575   13.430  -27.540 1.00 30.72 ? 43  VAL D CG1 1 
ATOM   1539 C CG2 . VAL D 1 44 ? 1.504   13.853  -25.101 1.00 23.55 ? 43  VAL D CG2 1 
ATOM   1540 N N   . GLY D 1 45 ? -2.007  14.834  -27.923 1.00 27.05 ? 44  GLY D N   1 
ATOM   1541 C CA  . GLY D 1 45 ? -2.781  14.605  -29.132 1.00 31.08 ? 44  GLY D CA  1 
ATOM   1542 C C   . GLY D 1 45 ? -2.671  13.156  -29.571 1.00 30.97 ? 44  GLY D C   1 
ATOM   1543 O O   . GLY D 1 45 ? -2.724  12.844  -30.759 1.00 34.49 ? 44  GLY D O   1 
ATOM   1544 N N   . GLU D 1 46 ? -2.525  12.260  -28.602 1.00 28.54 ? 45  GLU D N   1 
ATOM   1545 C CA  . GLU D 1 46 ? -2.277  10.854  -28.885 1.00 27.22 ? 45  GLU D CA  1 
ATOM   1546 C C   . GLU D 1 46 ? -3.566  10.026  -28.848 1.00 30.45 ? 45  GLU D C   1 
ATOM   1547 O O   . GLU D 1 46 ? -4.349  10.124  -27.894 1.00 29.10 ? 45  GLU D O   1 
ATOM   1548 C CB  . GLU D 1 46 ? -1.270  10.312  -27.855 1.00 29.29 ? 45  GLU D CB  1 
ATOM   1549 C CG  . GLU D 1 46 ? -0.335  9.228   -28.357 1.00 34.67 ? 45  GLU D CG  1 
ATOM   1550 C CD  . GLU D 1 46 ? 0.696   8.820   -27.310 1.00 24.93 ? 45  GLU D CD  1 
ATOM   1551 O OE1 . GLU D 1 46 ? 0.327   8.071   -26.375 1.00 25.36 ? 45  GLU D OE1 1 
ATOM   1552 O OE2 . GLU D 1 46 ? 1.871   9.246   -27.425 1.00 22.24 ? 45  GLU D OE2 1 
ATOM   1553 N N   A ARG D 1 47 ? -3.783  9.235   -29.900 0.42 32.94 ? 46  ARG D N   1 
ATOM   1554 N N   B ARG D 1 47 ? -3.788  9.229   -29.891 0.58 32.94 ? 46  ARG D N   1 
ATOM   1555 C CA  A ARG D 1 47 ? -4.821  8.203   -29.920 0.42 35.80 ? 46  ARG D CA  1 
ATOM   1556 C CA  B ARG D 1 47 ? -4.870  8.249   -29.902 0.58 35.85 ? 46  ARG D CA  1 
ATOM   1557 C C   A ARG D 1 47 ? -4.155  6.838   -29.737 0.42 34.16 ? 46  ARG D C   1 
ATOM   1558 C C   B ARG D 1 47 ? -4.291  6.859   -29.646 0.58 34.19 ? 46  ARG D C   1 
ATOM   1559 O O   A ARG D 1 47 ? -4.804  5.790   -29.726 0.42 31.90 ? 46  ARG D O   1 
ATOM   1560 O O   B ARG D 1 47 ? -3.096  6.614   -29.854 0.58 32.58 ? 46  ARG D O   1 
ATOM   1561 C CB  A ARG D 1 47 ? -5.616  8.238   -31.232 0.42 35.74 ? 46  ARG D CB  1 
ATOM   1562 C CB  B ARG D 1 47 ? -5.635  8.273   -31.233 0.58 35.79 ? 46  ARG D CB  1 
ATOM   1563 C CG  A ARG D 1 47 ? -6.563  9.438   -31.380 0.42 30.56 ? 46  ARG D CG  1 
ATOM   1564 C CG  B ARG D 1 47 ? -6.567  9.478   -31.410 0.58 30.50 ? 46  ARG D CG  1 
ATOM   1565 C CD  A ARG D 1 47 ? -7.229  9.493   -32.751 0.42 32.37 ? 46  ARG D CD  1 
ATOM   1566 C CD  B ARG D 1 47 ? -7.225  9.506   -32.782 0.58 32.42 ? 46  ARG D CD  1 
ATOM   1567 N NE  A ARG D 1 47 ? -8.283  8.494   -32.917 0.42 28.69 ? 46  ARG D NE  1 
ATOM   1568 N NE  B ARG D 1 47 ? -8.273  8.498   -32.937 0.58 28.67 ? 46  ARG D NE  1 
ATOM   1569 C CZ  A ARG D 1 47 ? -9.248  8.570   -33.830 0.42 27.45 ? 46  ARG D CZ  1 
ATOM   1570 C CZ  B ARG D 1 47 ? -9.243  8.564   -33.843 0.58 27.46 ? 46  ARG D CZ  1 
ATOM   1571 N NH1 A ARG D 1 47 ? -9.295  9.606   -34.653 0.42 26.29 ? 46  ARG D NH1 1 
ATOM   1572 N NH1 B ARG D 1 47 ? -10.160 7.604   -33.918 0.58 28.02 ? 46  ARG D NH1 1 
ATOM   1573 N NH2 A ARG D 1 47 ? -10.168 7.617   -33.916 0.42 27.99 ? 46  ARG D NH2 1 
ATOM   1574 N NH2 B ARG D 1 47 ? -9.304  9.596   -34.670 0.58 26.29 ? 46  ARG D NH2 1 
HETATM 1575 C C1  . PEG E 2 .  ? 9.418   10.342  -14.517 1.00 32.92 ? 101 PEG B C1  1 
HETATM 1576 O O1  . PEG E 2 .  ? 10.177  10.727  -15.698 1.00 41.72 ? 101 PEG B O1  1 
HETATM 1577 C C2  . PEG E 2 .  ? 8.082   11.050  -14.539 1.00 35.29 ? 101 PEG B C2  1 
HETATM 1578 O O2  . PEG E 2 .  ? 7.161   10.302  -13.696 1.00 40.30 ? 101 PEG B O2  1 
HETATM 1579 C C3  . PEG E 2 .  ? 5.764   10.591  -13.928 1.00 31.65 ? 101 PEG B C3  1 
HETATM 1580 C C4  . PEG E 2 .  ? 5.155   10.932  -12.602 1.00 30.41 ? 101 PEG B C4  1 
HETATM 1581 O O4  . PEG E 2 .  ? 3.788   10.734  -12.712 1.00 38.73 ? 101 PEG B O4  1 
HETATM 1582 C C1  . PEG F 2 .  ? 15.896  -2.536  10.533  1.00 35.71 ? 101 PEG C C1  1 
HETATM 1583 O O1  . PEG F 2 .  ? 14.689  -3.191  11.023  1.00 28.97 ? 101 PEG C O1  1 
HETATM 1584 C C2  . PEG F 2 .  ? 16.970  -3.598  10.463  1.00 41.12 ? 101 PEG C C2  1 
HETATM 1585 O O2  . PEG F 2 .  ? 18.288  -3.068  10.136  1.00 46.66 ? 101 PEG C O2  1 
HETATM 1586 C C3  . PEG F 2 .  ? 19.048  -2.630  11.291  1.00 36.65 ? 101 PEG C C3  1 
HETATM 1587 C C4  . PEG F 2 .  ? 20.017  -3.672  11.754  1.00 43.19 ? 101 PEG C C4  1 
HETATM 1588 O O4  . PEG F 2 .  ? 20.719  -3.125  12.825  1.00 42.92 ? 101 PEG C O4  1 
HETATM 1589 C C1  . PEG G 2 .  ? 16.004  -4.438  13.637  1.00 30.53 ? 102 PEG C C1  1 
HETATM 1590 O O1  . PEG G 2 .  ? 15.003  -5.090  12.815  1.00 43.11 ? 102 PEG C O1  1 
HETATM 1591 C C2  . PEG G 2 .  ? 17.337  -5.150  13.577  1.00 37.03 ? 102 PEG C C2  1 
HETATM 1592 O O2  . PEG G 2 .  ? 18.292  -4.259  14.224  1.00 41.15 ? 102 PEG C O2  1 
HETATM 1593 C C3  . PEG G 2 .  ? 19.037  -4.769  15.356  1.00 36.91 ? 102 PEG C C3  1 
HETATM 1594 C C4  . PEG G 2 .  ? 19.492  -3.597  16.168  1.00 35.87 ? 102 PEG C C4  1 
HETATM 1595 O O4  . PEG G 2 .  ? 20.616  -3.953  16.896  1.00 37.68 ? 102 PEG C O4  1 
HETATM 1596 C C1  . PEG H 2 .  ? 0.528   8.267   -31.825 1.00 40.81 ? 101 PEG D C1  1 
HETATM 1597 O O1  . PEG H 2 .  ? -0.422  9.367   -31.912 1.00 43.87 ? 101 PEG D O1  1 
HETATM 1598 C C2  . PEG H 2 .  ? 1.893   8.769   -31.420 1.00 28.97 ? 101 PEG D C2  1 
HETATM 1599 O O2  . PEG H 2 .  ? 2.949   8.033   -32.106 1.00 42.93 ? 101 PEG D O2  1 
HETATM 1600 C C3  . PEG H 2 .  ? 4.210   8.754   -32.171 1.00 35.74 ? 101 PEG D C3  1 
HETATM 1601 C C4  . PEG H 2 .  ? 4.798   8.629   -33.548 1.00 41.06 ? 101 PEG D C4  1 
HETATM 1602 O O4  . PEG H 2 .  ? 5.452   9.818   -33.867 1.00 42.22 ? 101 PEG D O4  1 
HETATM 1603 O O   . HOH I 3 .  ? 15.456  10.910  11.750  1.00 35.39 ? 101 HOH A O   1 
HETATM 1604 O O   . HOH I 3 .  ? 8.437   13.075  19.534  1.00 32.51 ? 102 HOH A O   1 
HETATM 1605 O O   . HOH I 3 .  ? -0.089  6.428   14.522  1.00 36.09 ? 103 HOH A O   1 
HETATM 1606 O O   . HOH I 3 .  ? -9.242  7.989   3.933   1.00 35.96 ? 104 HOH A O   1 
HETATM 1607 O O   . HOH I 3 .  ? -23.849 11.399  -14.160 1.00 28.95 ? 105 HOH A O   1 
HETATM 1608 O O   . HOH I 3 .  ? 24.915  5.748   21.230  1.00 31.50 ? 106 HOH A O   1 
HETATM 1609 O O   . HOH I 3 .  ? 28.826  7.092   24.248  1.00 39.58 ? 107 HOH A O   1 
HETATM 1610 O O   . HOH I 3 .  ? -22.125 15.779  -3.511  1.00 22.17 ? 108 HOH A O   1 
HETATM 1611 O O   . HOH I 3 .  ? -6.812  8.306   5.845   1.00 30.21 ? 109 HOH A O   1 
HETATM 1612 O O   . HOH I 3 .  ? -14.511 21.898  -1.385  1.00 22.61 ? 110 HOH A O   1 
HETATM 1613 O O   . HOH I 3 .  ? 20.785  9.944   22.195  1.00 27.20 ? 111 HOH A O   1 
HETATM 1614 O O   . HOH I 3 .  ? -21.836 8.270   -6.793  1.00 27.84 ? 112 HOH A O   1 
HETATM 1615 O O   . HOH I 3 .  ? -18.582 5.477   -4.800  1.00 26.54 ? 113 HOH A O   1 
HETATM 1616 O O   . HOH I 3 .  ? -15.662 9.065   9.278   1.00 23.45 ? 114 HOH A O   1 
HETATM 1617 O O   . HOH I 3 .  ? -13.842 8.588   -1.711  1.00 30.34 ? 115 HOH A O   1 
HETATM 1618 O O   . HOH I 3 .  ? -18.061 13.891  1.580   1.00 19.94 ? 116 HOH A O   1 
HETATM 1619 O O   . HOH I 3 .  ? -17.852 10.520  -15.235 1.00 28.47 ? 117 HOH A O   1 
HETATM 1620 O O   . HOH I 3 .  ? 5.315   3.373   18.240  1.00 32.01 ? 118 HOH A O   1 
HETATM 1621 O O   . HOH I 3 .  ? -19.777 9.174   -3.265  1.00 22.95 ? 119 HOH A O   1 
HETATM 1622 O O   . HOH I 3 .  ? -6.633  19.526  4.060   1.00 27.51 ? 120 HOH A O   1 
HETATM 1623 O O   . HOH I 3 .  ? -0.341  4.594   5.257   1.00 21.59 ? 121 HOH A O   1 
HETATM 1624 O O   . HOH I 3 .  ? -16.486 1.980   -6.769  1.00 37.04 ? 122 HOH A O   1 
HETATM 1625 O O   . HOH I 3 .  ? -8.714  14.528  8.684   1.00 21.59 ? 123 HOH A O   1 
HETATM 1626 O O   . HOH I 3 .  ? 4.500   10.879  17.096  1.00 26.67 ? 124 HOH A O   1 
HETATM 1627 O O   . HOH I 3 .  ? 12.595  16.253  15.622  1.00 22.67 ? 125 HOH A O   1 
HETATM 1628 O O   . HOH I 3 .  ? 11.847  10.084  10.666  1.00 25.58 ? 126 HOH A O   1 
HETATM 1629 O O   . HOH I 3 .  ? -10.363 22.364  3.352   1.00 25.42 ? 127 HOH A O   1 
HETATM 1630 O O   . HOH I 3 .  ? 23.138  7.835   20.188  1.00 32.64 ? 128 HOH A O   1 
HETATM 1631 O O   . HOH I 3 .  ? -25.680 11.871  -9.914  1.00 30.91 ? 129 HOH A O   1 
HETATM 1632 O O   . HOH I 3 .  ? -5.769  7.603   1.334   1.00 43.11 ? 130 HOH A O   1 
HETATM 1633 O O   . HOH I 3 .  ? 17.870  11.058  11.651  1.00 27.56 ? 131 HOH A O   1 
HETATM 1634 O O   . HOH I 3 .  ? 18.043  6.924   27.854  1.00 39.98 ? 132 HOH A O   1 
HETATM 1635 O O   . HOH I 3 .  ? -7.780  19.703  -0.114  1.00 33.71 ? 133 HOH A O   1 
HETATM 1636 O O   . HOH I 3 .  ? -15.171 23.501  -3.469  1.00 27.32 ? 134 HOH A O   1 
HETATM 1637 O O   . HOH I 3 .  ? 19.587  8.573   26.360  1.00 38.58 ? 135 HOH A O   1 
HETATM 1638 O O   . HOH I 3 .  ? -13.731 7.375   9.756   1.00 28.78 ? 136 HOH A O   1 
HETATM 1639 O O   . HOH I 3 .  ? -22.362 14.838  -0.423  1.00 29.83 ? 137 HOH A O   1 
HETATM 1640 O O   . HOH I 3 .  ? -12.110 22.597  -0.399  1.00 25.39 ? 138 HOH A O   1 
HETATM 1641 O O   . HOH J 3 .  ? 1.962   -30.124 6.059   1.00 41.95 ? 201 HOH B O   1 
HETATM 1642 O O   . HOH J 3 .  ? -4.193  -37.779 9.205   1.00 41.00 ? 202 HOH B O   1 
HETATM 1643 O O   . HOH J 3 .  ? 2.810   9.065   -11.390 1.00 32.98 ? 203 HOH B O   1 
HETATM 1644 O O   . HOH J 3 .  ? -3.855  -6.915  -15.767 1.00 36.79 ? 204 HOH B O   1 
HETATM 1645 O O   . HOH J 3 .  ? -5.475  -35.812 3.434   1.00 30.78 ? 205 HOH B O   1 
HETATM 1646 O O   . HOH J 3 .  ? 5.312   3.469   -24.516 1.00 19.39 ? 206 HOH B O   1 
HETATM 1647 O O   . HOH J 3 .  ? 1.159   -19.940 -9.703  1.00 33.05 ? 207 HOH B O   1 
HETATM 1648 O O   . HOH J 3 .  ? 6.423   -6.235  -8.251  1.00 26.10 ? 208 HOH B O   1 
HETATM 1649 O O   . HOH J 3 .  ? -7.250  -29.715 -3.515  1.00 29.91 ? 209 HOH B O   1 
HETATM 1650 O O   . HOH J 3 .  ? 8.704   12.069  -17.336 1.00 25.91 ? 210 HOH B O   1 
HETATM 1651 O O   . HOH J 3 .  ? 9.418   14.624  -17.179 1.00 25.04 ? 211 HOH B O   1 
HETATM 1652 O O   . HOH J 3 .  ? 0.841   20.372  -18.764 1.00 28.92 ? 212 HOH B O   1 
HETATM 1653 O O   . HOH J 3 .  ? 5.544   -7.722  -10.416 1.00 22.70 ? 213 HOH B O   1 
HETATM 1654 O O   . HOH J 3 .  ? -0.872  0.301   -22.738 1.00 30.04 ? 214 HOH B O   1 
HETATM 1655 O O   . HOH J 3 .  ? 4.531   1.516   -20.627 1.00 22.96 ? 215 HOH B O   1 
HETATM 1656 O O   . HOH J 3 .  ? -6.574  -16.209 -4.405  1.00 27.25 ? 216 HOH B O   1 
HETATM 1657 O O   . HOH J 3 .  ? 6.146   7.546   -13.762 1.00 23.16 ? 217 HOH B O   1 
HETATM 1658 O O   . HOH J 3 .  ? 7.674   3.473   -23.364 1.00 19.38 ? 218 HOH B O   1 
HETATM 1659 O O   . HOH J 3 .  ? 9.486   20.304  -16.774 1.00 31.68 ? 219 HOH B O   1 
HETATM 1660 O O   . HOH J 3 .  ? 10.635  3.007   -17.339 1.00 31.33 ? 220 HOH B O   1 
HETATM 1661 O O   . HOH J 3 .  ? 1.581   -13.044 -12.085 1.00 27.39 ? 221 HOH B O   1 
HETATM 1662 O O   . HOH J 3 .  ? 10.642  17.030  -21.139 1.00 25.93 ? 222 HOH B O   1 
HETATM 1663 O O   . HOH J 3 .  ? -9.660  -22.799 -4.333  1.00 30.14 ? 223 HOH B O   1 
HETATM 1664 O O   . HOH J 3 .  ? -2.384  -17.740 -10.867 1.00 32.93 ? 224 HOH B O   1 
HETATM 1665 O O   . HOH J 3 .  ? 12.902  16.055  -22.503 1.00 31.65 ? 225 HOH B O   1 
HETATM 1666 O O   . HOH J 3 .  ? -9.261  -23.749 2.818   1.00 34.38 ? 226 HOH B O   1 
HETATM 1667 O O   . HOH J 3 .  ? 3.635   -1.484  -8.105  1.00 29.92 ? 227 HOH B O   1 
HETATM 1668 O O   . HOH J 3 .  ? 8.936   10.669  -23.994 1.00 24.72 ? 228 HOH B O   1 
HETATM 1669 O O   . HOH J 3 .  ? 9.114   6.156   -19.184 1.00 26.00 ? 229 HOH B O   1 
HETATM 1670 O O   . HOH J 3 .  ? 3.229   7.976   -8.822  1.00 37.68 ? 230 HOH B O   1 
HETATM 1671 O O   . HOH J 3 .  ? -8.342  -12.686 -6.586  1.00 20.95 ? 231 HOH B O   1 
HETATM 1672 O O   . HOH J 3 .  ? 10.966  13.548  -15.155 1.00 31.42 ? 232 HOH B O   1 
HETATM 1673 O O   . HOH J 3 .  ? -7.882  -18.669 -5.887  1.00 30.68 ? 233 HOH B O   1 
HETATM 1674 O O   . HOH J 3 .  ? 13.499  14.075  -18.650 1.00 21.74 ? 234 HOH B O   1 
HETATM 1675 O O   . HOH J 3 .  ? 1.518   4.115   -8.426  1.00 26.23 ? 235 HOH B O   1 
HETATM 1676 O O   . HOH J 3 .  ? -2.682  -32.954 0.655   1.00 37.75 ? 236 HOH B O   1 
HETATM 1677 O O   . HOH J 3 .  ? 0.545   9.948   -11.876 1.00 22.67 ? 237 HOH B O   1 
HETATM 1678 O O   . HOH J 3 .  ? 10.209  8.407   -19.995 1.00 24.69 ? 238 HOH B O   1 
HETATM 1679 O O   . HOH J 3 .  ? -1.387  3.189   -22.408 1.00 35.90 ? 239 HOH B O   1 
HETATM 1680 O O   . HOH J 3 .  ? -12.000 -29.719 8.974   1.00 43.81 ? 240 HOH B O   1 
HETATM 1681 O O   . HOH J 3 .  ? 10.745  12.589  -25.053 1.00 29.31 ? 241 HOH B O   1 
HETATM 1682 O O   . HOH K 3 .  ? 15.799  0.412   5.573   1.00 33.95 ? 201 HOH C O   1 
HETATM 1683 O O   . HOH K 3 .  ? 1.749   2.675   13.015  1.00 29.30 ? 202 HOH C O   1 
HETATM 1684 O O   . HOH K 3 .  ? 5.637   2.281   2.033   1.00 28.19 ? 203 HOH C O   1 
HETATM 1685 O O   . HOH K 3 .  ? -4.365  18.434  0.354   1.00 30.40 ? 204 HOH C O   1 
HETATM 1686 O O   . HOH K 3 .  ? -2.936  2.684   1.116   1.00 28.23 ? 205 HOH C O   1 
HETATM 1687 O O   . HOH K 3 .  ? -7.529  9.462   -10.610 1.00 18.90 ? 206 HOH C O   1 
HETATM 1688 O O   . HOH K 3 .  ? 11.135  3.063   0.970   1.00 34.37 ? 207 HOH C O   1 
HETATM 1689 O O   . HOH K 3 .  ? 5.825   1.371   13.550  1.00 24.61 ? 208 HOH C O   1 
HETATM 1690 O O   . HOH K 3 .  ? 5.837   8.257   -0.847  1.00 22.08 ? 209 HOH C O   1 
HETATM 1691 O O   . HOH K 3 .  ? -6.230  18.405  -6.072  1.00 22.13 ? 210 HOH C O   1 
HETATM 1692 O O   . HOH K 3 .  ? 3.426   13.581  5.541   1.00 23.43 ? 211 HOH C O   1 
HETATM 1693 O O   . HOH K 3 .  ? -5.975  15.294  -12.374 1.00 24.38 ? 212 HOH C O   1 
HETATM 1694 O O   . HOH K 3 .  ? -1.107  17.300  -0.877  1.00 26.08 ? 213 HOH C O   1 
HETATM 1695 O O   . HOH K 3 .  ? -6.005  19.273  -16.808 1.00 25.64 ? 214 HOH C O   1 
HETATM 1696 O O   . HOH K 3 .  ? -2.146  9.601   -10.455 1.00 22.23 ? 215 HOH C O   1 
HETATM 1697 O O   . HOH K 3 .  ? 13.919  -7.336  24.837  1.00 19.93 ? 216 HOH C O   1 
HETATM 1698 O O   . HOH K 3 .  ? 9.067   -1.514  20.362  1.00 30.42 ? 217 HOH C O   1 
HETATM 1699 O O   . HOH K 3 .  ? 5.181   -0.188  15.959  1.00 34.48 ? 218 HOH C O   1 
HETATM 1700 O O   . HOH K 3 .  ? -2.523  5.600   3.499   1.00 33.16 ? 219 HOH C O   1 
HETATM 1701 O O   . HOH K 3 .  ? 2.610   -0.333  -1.993  1.00 37.05 ? 220 HOH C O   1 
HETATM 1702 O O   . HOH K 3 .  ? 6.462   -2.006  6.449   1.00 29.32 ? 221 HOH C O   1 
HETATM 1703 O O   . HOH K 3 .  ? 15.588  3.147   6.437   1.00 34.74 ? 222 HOH C O   1 
HETATM 1704 O O   . HOH K 3 .  ? 10.610  8.761   4.105   1.00 25.20 ? 223 HOH C O   1 
HETATM 1705 O O   . HOH K 3 .  ? -6.652  19.626  -2.706  1.00 28.33 ? 224 HOH C O   1 
HETATM 1706 O O   . HOH K 3 .  ? 4.454   -0.232  7.443   1.00 28.95 ? 225 HOH C O   1 
HETATM 1707 O O   . HOH K 3 .  ? -12.603 12.972  -15.841 1.00 31.80 ? 226 HOH C O   1 
HETATM 1708 O O   . HOH K 3 .  ? 11.517  -1.747  21.605  1.00 23.21 ? 227 HOH C O   1 
HETATM 1709 O O   . HOH K 3 .  ? 0.820   14.756  -2.817  1.00 20.60 ? 228 HOH C O   1 
HETATM 1710 O O   . HOH K 3 .  ? 12.826  6.555   1.128   1.00 34.90 ? 229 HOH C O   1 
HETATM 1711 O O   . HOH K 3 .  ? -4.643  6.963   -3.523  1.00 23.54 ? 230 HOH C O   1 
HETATM 1712 O O   . HOH K 3 .  ? 19.115  -9.996  21.890  1.00 28.32 ? 231 HOH C O   1 
HETATM 1713 O O   . HOH K 3 .  ? -11.403 7.455   -6.721  1.00 27.99 ? 232 HOH C O   1 
HETATM 1714 O O   . HOH K 3 .  ? 2.775   13.340  -1.797  1.00 26.09 ? 233 HOH C O   1 
HETATM 1715 O O   . HOH K 3 .  ? -8.925  20.921  -11.190 1.00 20.76 ? 234 HOH C O   1 
HETATM 1716 O O   . HOH K 3 .  ? -1.905  15.782  -12.577 1.00 28.47 ? 235 HOH C O   1 
HETATM 1717 O O   . HOH K 3 .  ? -11.401 15.894  -15.745 1.00 20.39 ? 236 HOH C O   1 
HETATM 1718 O O   . HOH K 3 .  ? 1.828   8.018   -5.868  1.00 22.59 ? 237 HOH C O   1 
HETATM 1719 O O   . HOH K 3 .  ? 18.693  -9.614  28.973  1.00 22.25 ? 238 HOH C O   1 
HETATM 1720 O O   . HOH K 3 .  ? 7.458   13.867  2.680   1.00 30.46 ? 239 HOH C O   1 
HETATM 1721 O O   . HOH K 3 .  ? 5.701   -3.433  17.984  1.00 34.01 ? 240 HOH C O   1 
HETATM 1722 O O   . HOH K 3 .  ? 3.989   2.016   11.575  1.00 28.87 ? 241 HOH C O   1 
HETATM 1723 O O   . HOH K 3 .  ? -7.256  16.993  -13.925 1.00 31.44 ? 242 HOH C O   1 
HETATM 1724 O O   . HOH K 3 .  ? 16.864  -10.956 27.921  1.00 27.09 ? 243 HOH C O   1 
HETATM 1725 O O   . HOH K 3 .  ? -10.346 22.618  -12.504 1.00 33.64 ? 244 HOH C O   1 
HETATM 1726 O O   . HOH K 3 .  ? 19.290  -12.105 22.483  1.00 37.21 ? 245 HOH C O   1 
HETATM 1727 O O   . HOH K 3 .  ? 15.218  -3.972  28.846  1.00 32.13 ? 246 HOH C O   1 
HETATM 1728 O O   . HOH K 3 .  ? -8.392  15.779  -18.967 1.00 32.11 ? 247 HOH C O   1 
HETATM 1729 O O   . HOH K 3 .  ? -8.626  15.893  -15.803 1.00 24.04 ? 248 HOH C O   1 
HETATM 1730 O O   . HOH K 3 .  ? -12.253 17.095  -17.795 1.00 28.39 ? 249 HOH C O   1 
HETATM 1731 O O   . HOH L 3 .  ? 1.214   1.884   -3.774  1.00 30.02 ? 201 HOH D O   1 
HETATM 1732 O O   . HOH L 3 .  ? -3.965  -22.071 14.218  1.00 35.85 ? 202 HOH D O   1 
HETATM 1733 O O   . HOH L 3 .  ? 2.873   10.386  -29.371 1.00 31.56 ? 203 HOH D O   1 
HETATM 1734 O O   . HOH L 3 .  ? 4.069   -34.123 17.476  1.00 27.39 ? 204 HOH D O   1 
HETATM 1735 O O   . HOH L 3 .  ? -8.191  -1.920  -5.343  1.00 27.16 ? 205 HOH D O   1 
HETATM 1736 O O   . HOH L 3 .  ? 1.691   -29.564 12.147  1.00 47.89 ? 206 HOH D O   1 
HETATM 1737 O O   . HOH L 3 .  ? -8.266  0.468   -13.473 1.00 29.55 ? 207 HOH D O   1 
HETATM 1738 O O   . HOH L 3 .  ? -5.652  12.516  -13.453 1.00 23.43 ? 208 HOH D O   1 
HETATM 1739 O O   . HOH L 3 .  ? -11.958 8.724   -15.419 1.00 30.12 ? 209 HOH D O   1 
HETATM 1740 O O   . HOH L 3 .  ? 5.273   -17.007 4.176   1.00 32.13 ? 210 HOH D O   1 
HETATM 1741 O O   . HOH L 3 .  ? 2.071   -12.882 1.247   1.00 24.69 ? 211 HOH D O   1 
HETATM 1742 O O   . HOH L 3 .  ? -8.317  11.572  -17.077 1.00 24.98 ? 212 HOH D O   1 
HETATM 1743 O O   . HOH L 3 .  ? -5.964  5.314   -19.503 1.00 29.47 ? 213 HOH D O   1 
HETATM 1744 O O   . HOH L 3 .  ? -2.411  -10.877 6.655   1.00 30.42 ? 214 HOH D O   1 
HETATM 1745 O O   . HOH L 3 .  ? -0.511  4.985   -3.740  1.00 20.70 ? 215 HOH D O   1 
HETATM 1746 O O   . HOH L 3 .  ? -7.690  -0.878  -11.349 1.00 31.27 ? 216 HOH D O   1 
HETATM 1747 O O   . HOH L 3 .  ? -5.622  16.884  -20.642 1.00 26.73 ? 217 HOH D O   1 
HETATM 1748 O O   . HOH L 3 .  ? 2.655   -10.618 0.069   1.00 29.21 ? 218 HOH D O   1 
HETATM 1749 O O   . HOH L 3 .  ? -8.078  5.437   -4.383  1.00 29.85 ? 219 HOH D O   1 
HETATM 1750 O O   . HOH L 3 .  ? -0.962  5.339   -28.647 1.00 22.98 ? 220 HOH D O   1 
HETATM 1751 O O   . HOH L 3 .  ? 1.138   -3.559  -4.239  1.00 21.72 ? 221 HOH D O   1 
HETATM 1752 O O   . HOH L 3 .  ? -4.255  4.513   -4.756  1.00 26.27 ? 222 HOH D O   1 
HETATM 1753 O O   . HOH L 3 .  ? -5.206  10.539  -11.721 1.00 21.23 ? 223 HOH D O   1 
HETATM 1754 O O   . HOH L 3 .  ? 0.804   12.594  -12.010 1.00 23.29 ? 224 HOH D O   1 
HETATM 1755 O O   . HOH L 3 .  ? -8.733  13.169  -19.604 1.00 25.40 ? 225 HOH D O   1 
HETATM 1756 O O   . HOH L 3 .  ? -4.943  -2.891  0.134   1.00 27.51 ? 226 HOH D O   1 
HETATM 1757 O O   . HOH L 3 .  ? 2.401   -15.955 7.960   1.00 26.90 ? 227 HOH D O   1 
HETATM 1758 O O   . HOH L 3 .  ? -7.366  10.585  -23.690 1.00 27.42 ? 228 HOH D O   1 
HETATM 1759 O O   . HOH L 3 .  ? -5.048  -2.499  -12.541 1.00 29.69 ? 229 HOH D O   1 
HETATM 1760 O O   . HOH L 3 .  ? -10.227 -11.984 1.833   1.00 27.78 ? 230 HOH D O   1 
HETATM 1761 O O   . HOH L 3 .  ? -4.234  18.487  -18.663 1.00 22.42 ? 231 HOH D O   1 
HETATM 1762 O O   . HOH L 3 .  ? -3.841  2.905   -30.249 1.00 32.61 ? 232 HOH D O   1 
HETATM 1763 O O   . HOH L 3 .  ? -6.708  11.611  -26.384 1.00 29.35 ? 233 HOH D O   1 
HETATM 1764 O O   . HOH L 3 .  ? -0.087  -3.720  0.418   1.00 32.87 ? 234 HOH D O   1 
HETATM 1765 O O   . HOH L 3 .  ? -10.939 10.691  -17.086 1.00 30.69 ? 235 HOH D O   1 
HETATM 1766 O O   . HOH L 3 .  ? -4.436  16.897  -12.879 1.00 29.85 ? 236 HOH D O   1 
HETATM 1767 O O   . HOH L 3 .  ? -5.796  6.464   -22.003 1.00 30.12 ? 237 HOH D O   1 
HETATM 1768 O O   . HOH L 3 .  ? -7.698  13.539  -15.343 1.00 26.58 ? 238 HOH D O   1 
HETATM 1769 O O   . HOH L 3 .  ? -10.476 7.549   -4.554  1.00 31.76 ? 239 HOH D O   1 
HETATM 1770 O O   . HOH L 3 .  ? 4.236   -14.923 1.306   1.00 31.41 ? 240 HOH D O   1 
HETATM 1771 O O   . HOH L 3 .  ? 1.775   -2.952  -1.754  1.00 28.70 ? 241 HOH D O   1 
# 
